data_6Y90
#
_entry.id   6Y90
#
_cell.length_a   1.00
_cell.length_b   1.00
_cell.length_c   1.00
_cell.angle_alpha   90.00
_cell.angle_beta   90.00
_cell.angle_gamma   90.00
#
_symmetry.space_group_name_H-M   'P 1'
#
loop_
_entity.id
_entity.type
_entity.pdbx_description
1 polymer 'B-lymphocyte antigen CD20'
2 polymer 'Rituximab Fab Heavy Chain'
3 polymer 'Rituximab Fab Light Chain'
4 non-polymer 'CHOLESTEROL HEMISUCCINATE'
5 non-polymer 1,2-DIACYL-SN-GLYCERO-3-PHOSPHOCHOLINE
6 non-polymer PENTADECANE
#
loop_
_entity_poly.entity_id
_entity_poly.type
_entity_poly.pdbx_seq_one_letter_code
_entity_poly.pdbx_strand_id
1 'polypeptide(L)'
;FMRESKTLGAVQIMNGLFHIALGGLLMIPAGIYAPICVTVWYPLWGGIMYIISGSLLAATEKNSRKCLVKGKMIMNSLSL
FAAISGMILSIMDILNIKISHFLKMESLNFIRAHTPYINIYNCEPANPSEKNSPSTQYCYSIQSLFLGILSVMLIFAFFQ
ELVIAGIVENEW
;
A,B
2 'polypeptide(L)'
;QVQLQQPGAELVKPGASVKMSCKASGYTFTSYNMHWVKQTPGRGLEWIGAIYPGNGDTSYNQKFKGKATLTADKSSSTAY
MQLSSLTSEDSAVYYCARSTYYGGDWYFNVWGAGTTVTVSAASTKGPSVFPLAPSSKSTSGGTAALGCLVKDYFPEPVTV
SWNSGALTSGVHTFPAVLQSSGLYSLSSVVTVPSSSLGTQTYICNVNHKPSNTKVDKKVEPKSC
;
C,H
3 'polypeptide(L)'
;QIVLSQSPAILSASPGEKVTMTCRASSSVSYIHWFQQKPGSSPKPWIYATSNLASGVPVRFSGSGSGTSYSLTISRVEAE
DAATYYCQQWTSNPPTFGGGTKLEIKRTVAAPSVFIFPPSDEQLKSGTASVVCLLNNFYPREAKVQWKVDNALQSGNSQE
SVTEQDSKDSTYSLSSTLTLSKADYEKHKVYACEVTHQGLSSPVTKSFNRGEC
;
D,L
#
loop_
_chem_comp.id
_chem_comp.type
_chem_comp.name
_chem_comp.formula
MYS non-polymer PENTADECANE 'C15 H32'
PC1 non-polymer 1,2-DIACYL-SN-GLYCERO-3-PHOSPHOCHOLINE 'C44 H88 N O8 P'
Y01 non-polymer 'CHOLESTEROL HEMISUCCINATE' 'C31 H50 O4'
#
# COMPACT_ATOMS: atom_id res chain seq x y z
N PHE A 1 -59.04 -17.72 -6.11
CA PHE A 1 -59.70 -16.57 -6.72
C PHE A 1 -59.97 -16.86 -8.20
N MET A 2 -61.24 -17.10 -8.53
CA MET A 2 -61.62 -17.55 -9.86
C MET A 2 -62.18 -16.46 -10.75
N ARG A 3 -62.31 -15.23 -10.25
CA ARG A 3 -62.94 -14.17 -11.04
C ARG A 3 -62.07 -13.75 -12.22
N GLU A 4 -60.76 -13.66 -12.02
CA GLU A 4 -59.86 -13.05 -13.00
C GLU A 4 -58.62 -13.92 -13.21
N SER A 5 -58.84 -15.21 -13.47
CA SER A 5 -57.71 -16.12 -13.67
C SER A 5 -56.81 -15.70 -14.82
N LYS A 6 -57.33 -14.90 -15.76
CA LYS A 6 -56.49 -14.41 -16.85
C LYS A 6 -55.42 -13.45 -16.34
N THR A 7 -55.79 -12.56 -15.42
CA THR A 7 -54.83 -11.59 -14.89
C THR A 7 -53.84 -12.26 -13.92
N LEU A 8 -54.28 -13.32 -13.23
CA LEU A 8 -53.37 -14.03 -12.35
C LEU A 8 -52.21 -14.64 -13.13
N GLY A 9 -52.49 -15.18 -14.32
CA GLY A 9 -51.42 -15.69 -15.15
C GLY A 9 -50.44 -14.60 -15.57
N ALA A 10 -50.95 -13.41 -15.87
CA ALA A 10 -50.07 -12.29 -16.18
C ALA A 10 -49.19 -11.93 -14.99
N VAL A 11 -49.77 -11.93 -13.78
CA VAL A 11 -48.97 -11.65 -12.59
C VAL A 11 -47.90 -12.72 -12.40
N GLN A 12 -48.26 -13.99 -12.62
CA GLN A 12 -47.29 -15.07 -12.46
C GLN A 12 -46.14 -14.94 -13.46
N ILE A 13 -46.45 -14.65 -14.72
CA ILE A 13 -45.39 -14.55 -15.71
C ILE A 13 -44.55 -13.30 -15.49
N MET A 14 -45.15 -12.22 -14.98
CA MET A 14 -44.35 -11.06 -14.61
C MET A 14 -43.40 -11.39 -13.47
N ASN A 15 -43.87 -12.12 -12.46
CA ASN A 15 -42.98 -12.55 -11.38
C ASN A 15 -41.86 -13.43 -11.93
N GLY A 16 -42.19 -14.32 -12.87
CA GLY A 16 -41.17 -15.16 -13.48
C GLY A 16 -40.11 -14.35 -14.21
N LEU A 17 -40.54 -13.35 -14.99
CA LEU A 17 -39.57 -12.52 -15.69
C LEU A 17 -38.75 -11.67 -14.73
N PHE A 18 -39.36 -11.23 -13.63
CA PHE A 18 -38.59 -10.48 -12.65
C PHE A 18 -37.53 -11.38 -12.01
N HIS A 19 -37.89 -12.63 -11.74
CA HIS A 19 -36.91 -13.61 -11.25
C HIS A 19 -35.79 -13.82 -12.26
N ILE A 20 -36.14 -13.93 -13.54
CA ILE A 20 -35.12 -14.12 -14.58
C ILE A 20 -34.19 -12.91 -14.64
N ALA A 21 -34.77 -11.71 -14.58
CA ALA A 21 -33.96 -10.49 -14.62
C ALA A 21 -33.03 -10.41 -13.42
N LEU A 22 -33.52 -10.75 -12.23
CA LEU A 22 -32.67 -10.74 -11.05
C LEU A 22 -31.57 -11.79 -11.14
N GLY A 23 -31.89 -12.96 -11.68
CA GLY A 23 -30.88 -14.00 -11.85
C GLY A 23 -29.78 -13.60 -12.82
N GLY A 24 -30.16 -13.02 -13.95
CA GLY A 24 -29.17 -12.49 -14.87
C GLY A 24 -28.39 -11.33 -14.28
N LEU A 25 -29.03 -10.56 -13.39
CA LEU A 25 -28.36 -9.46 -12.71
C LEU A 25 -27.33 -9.96 -11.71
N LEU A 26 -27.58 -11.11 -11.08
CA LEU A 26 -26.66 -11.66 -10.11
C LEU A 26 -25.48 -12.37 -10.75
N MET A 27 -25.44 -12.49 -12.07
CA MET A 27 -24.34 -13.13 -12.78
C MET A 27 -23.19 -12.18 -13.06
N ILE A 28 -23.27 -10.94 -12.58
CA ILE A 28 -22.13 -10.02 -12.72
C ILE A 28 -20.93 -10.59 -11.97
N PRO A 29 -19.74 -10.61 -12.56
CA PRO A 29 -18.58 -11.22 -11.89
C PRO A 29 -18.17 -10.47 -10.64
N ALA A 30 -18.37 -11.09 -9.48
CA ALA A 30 -18.00 -10.49 -8.20
C ALA A 30 -17.71 -11.63 -7.23
N GLY A 31 -16.43 -11.93 -7.05
CA GLY A 31 -16.02 -12.99 -6.16
C GLY A 31 -16.16 -14.38 -6.76
N ILE A 32 -15.22 -15.27 -6.43
CA ILE A 32 -15.29 -16.64 -6.94
C ILE A 32 -16.43 -17.42 -6.29
N TYR A 33 -16.94 -16.96 -5.15
CA TYR A 33 -18.03 -17.63 -4.44
C TYR A 33 -19.35 -16.99 -4.86
N ALA A 34 -19.98 -17.57 -5.87
CA ALA A 34 -21.25 -17.07 -6.35
C ALA A 34 -22.35 -17.37 -5.34
N PRO A 35 -23.44 -16.58 -5.34
CA PRO A 35 -24.56 -16.87 -4.45
C PRO A 35 -25.16 -18.24 -4.73
N ILE A 36 -25.69 -18.85 -3.67
CA ILE A 36 -26.22 -20.21 -3.77
C ILE A 36 -27.41 -20.28 -4.72
N CYS A 37 -28.08 -19.15 -4.99
CA CYS A 37 -29.21 -19.13 -5.89
C CYS A 37 -28.81 -19.08 -7.35
N VAL A 38 -27.54 -18.81 -7.65
CA VAL A 38 -27.07 -18.68 -9.03
C VAL A 38 -26.36 -19.94 -9.49
N THR A 39 -25.53 -20.54 -8.63
CA THR A 39 -24.79 -21.73 -9.01
C THR A 39 -25.70 -22.91 -9.36
N VAL A 40 -26.92 -22.94 -8.82
CA VAL A 40 -27.90 -23.95 -9.18
C VAL A 40 -28.77 -23.53 -10.36
N TRP A 41 -28.59 -22.31 -10.87
CA TRP A 41 -29.35 -21.78 -12.00
C TRP A 41 -30.86 -21.81 -11.74
N TYR A 42 -31.25 -21.60 -10.48
CA TYR A 42 -32.67 -21.59 -10.14
C TYR A 42 -33.47 -20.54 -10.91
N PRO A 43 -33.03 -19.28 -11.04
CA PRO A 43 -33.87 -18.29 -11.74
C PRO A 43 -34.19 -18.66 -13.18
N LEU A 44 -33.29 -19.32 -13.89
CA LEU A 44 -33.51 -19.63 -15.30
C LEU A 44 -34.72 -20.54 -15.51
N TRP A 45 -34.61 -21.79 -15.04
CA TRP A 45 -35.69 -22.74 -15.25
C TRP A 45 -36.92 -22.37 -14.43
N GLY A 46 -36.71 -21.82 -13.24
CA GLY A 46 -37.84 -21.38 -12.44
C GLY A 46 -38.67 -20.33 -13.16
N GLY A 47 -38.00 -19.30 -13.68
CA GLY A 47 -38.70 -18.25 -14.39
C GLY A 47 -39.34 -18.74 -15.67
N ILE A 48 -38.65 -19.61 -16.41
CA ILE A 48 -39.23 -20.17 -17.64
C ILE A 48 -40.50 -20.94 -17.32
N MET A 49 -40.47 -21.74 -16.25
CA MET A 49 -41.64 -22.53 -15.89
C MET A 49 -42.75 -21.66 -15.33
N TYR A 50 -42.41 -20.56 -14.65
CA TYR A 50 -43.44 -19.61 -14.26
C TYR A 50 -44.11 -18.99 -15.49
N ILE A 51 -43.32 -18.67 -16.50
CA ILE A 51 -43.86 -18.21 -17.77
C ILE A 51 -44.85 -19.23 -18.32
N ILE A 52 -44.44 -20.50 -18.34
CA ILE A 52 -45.27 -21.55 -18.92
C ILE A 52 -46.58 -21.69 -18.13
N SER A 53 -46.49 -21.70 -16.80
CA SER A 53 -47.68 -21.87 -15.98
C SER A 53 -48.64 -20.69 -16.12
N GLY A 54 -48.11 -19.47 -16.07
CA GLY A 54 -48.97 -18.31 -16.21
C GLY A 54 -49.61 -18.21 -17.58
N SER A 55 -48.85 -18.58 -18.63
CA SER A 55 -49.42 -18.59 -19.97
C SER A 55 -50.52 -19.64 -20.08
N LEU A 56 -50.30 -20.82 -19.49
CA LEU A 56 -51.32 -21.86 -19.52
C LEU A 56 -52.58 -21.42 -18.80
N LEU A 57 -52.42 -20.74 -17.66
CA LEU A 57 -53.59 -20.25 -16.93
C LEU A 57 -54.29 -19.09 -17.63
N ALA A 58 -53.65 -18.46 -18.62
CA ALA A 58 -54.21 -17.29 -19.28
C ALA A 58 -54.08 -17.39 -20.79
N ALA A 59 -54.34 -18.57 -21.35
CA ALA A 59 -54.34 -18.76 -22.80
C ALA A 59 -55.72 -19.11 -23.33
N THR A 60 -56.33 -20.17 -22.81
CA THR A 60 -57.62 -20.65 -23.31
C THR A 60 -58.77 -20.23 -22.39
N GLU A 61 -58.69 -20.59 -21.11
CA GLU A 61 -59.74 -20.32 -20.13
C GLU A 61 -61.08 -20.93 -20.54
N LYS A 62 -61.03 -22.02 -21.29
CA LYS A 62 -62.22 -22.74 -21.73
C LYS A 62 -62.14 -24.19 -21.25
N ASN A 63 -63.14 -24.98 -21.63
CA ASN A 63 -63.22 -26.37 -21.21
C ASN A 63 -62.48 -27.26 -22.22
N SER A 64 -61.16 -27.09 -22.24
CA SER A 64 -60.32 -27.93 -23.08
C SER A 64 -60.31 -29.37 -22.56
N ARG A 65 -60.06 -30.30 -23.47
CA ARG A 65 -60.18 -31.72 -23.13
C ARG A 65 -59.01 -32.19 -22.28
N LYS A 66 -57.80 -32.14 -22.85
CA LYS A 66 -56.64 -32.70 -22.17
C LYS A 66 -55.48 -31.70 -22.09
N CYS A 67 -55.36 -30.83 -23.09
CA CYS A 67 -54.20 -29.95 -23.17
C CYS A 67 -54.14 -28.98 -21.99
N LEU A 68 -55.29 -28.44 -21.58
CA LEU A 68 -55.32 -27.40 -20.55
C LEU A 68 -55.68 -27.95 -19.17
N VAL A 69 -56.82 -28.64 -19.05
CA VAL A 69 -57.31 -29.05 -17.74
C VAL A 69 -56.36 -30.05 -17.09
N LYS A 70 -55.92 -31.05 -17.84
CA LYS A 70 -55.08 -32.10 -17.26
C LYS A 70 -53.73 -31.54 -16.82
N GLY A 71 -53.12 -30.69 -17.64
CA GLY A 71 -51.80 -30.17 -17.33
C GLY A 71 -51.79 -29.03 -16.33
N LYS A 72 -52.94 -28.39 -16.11
CA LYS A 72 -52.98 -27.25 -15.20
C LYS A 72 -52.64 -27.65 -13.78
N MET A 73 -53.18 -28.77 -13.31
CA MET A 73 -52.93 -29.20 -11.94
C MET A 73 -51.46 -29.55 -11.71
N ILE A 74 -50.86 -30.29 -12.65
CA ILE A 74 -49.46 -30.66 -12.49
C ILE A 74 -48.56 -29.44 -12.61
N MET A 75 -48.90 -28.51 -13.50
CA MET A 75 -48.12 -27.28 -13.60
C MET A 75 -48.20 -26.47 -12.32
N ASN A 76 -49.38 -26.39 -11.71
CA ASN A 76 -49.53 -25.67 -10.45
C ASN A 76 -48.76 -26.36 -9.33
N SER A 77 -48.80 -27.69 -9.27
CA SER A 77 -48.05 -28.40 -8.23
C SER A 77 -46.55 -28.17 -8.38
N LEU A 78 -46.05 -28.23 -9.62
CA LEU A 78 -44.64 -27.92 -9.87
C LEU A 78 -44.33 -26.48 -9.51
N SER A 79 -45.29 -25.57 -9.75
CA SER A 79 -45.08 -24.18 -9.38
C SER A 79 -44.93 -24.01 -7.87
N LEU A 80 -45.78 -24.69 -7.09
CA LEU A 80 -45.65 -24.66 -5.64
C LEU A 80 -44.31 -25.24 -5.19
N PHE A 81 -43.90 -26.35 -5.81
CA PHE A 81 -42.62 -26.94 -5.44
C PHE A 81 -41.47 -25.97 -5.71
N ALA A 82 -41.45 -25.35 -6.89
CA ALA A 82 -40.38 -24.43 -7.23
C ALA A 82 -40.42 -23.18 -6.37
N ALA A 83 -41.62 -22.71 -6.01
CA ALA A 83 -41.73 -21.50 -5.19
C ALA A 83 -41.24 -21.75 -3.78
N ILE A 84 -41.63 -22.88 -3.17
CA ILE A 84 -41.11 -23.17 -1.84
C ILE A 84 -39.60 -23.42 -1.90
N SER A 85 -39.11 -24.03 -2.98
CA SER A 85 -37.68 -24.20 -3.13
C SER A 85 -36.97 -22.86 -3.22
N GLY A 86 -37.51 -21.92 -4.00
CA GLY A 86 -36.90 -20.61 -4.10
C GLY A 86 -36.91 -19.87 -2.78
N MET A 87 -38.00 -20.00 -2.02
CA MET A 87 -38.04 -19.43 -0.68
C MET A 87 -36.96 -20.02 0.21
N ILE A 88 -36.75 -21.33 0.13
CA ILE A 88 -35.73 -21.98 0.96
C ILE A 88 -34.34 -21.52 0.57
N LEU A 89 -34.05 -21.48 -0.73
CA LEU A 89 -32.74 -20.98 -1.16
C LEU A 89 -32.52 -19.53 -0.78
N SER A 90 -33.55 -18.69 -0.89
CA SER A 90 -33.39 -17.28 -0.54
C SER A 90 -33.12 -17.13 0.96
N ILE A 91 -33.90 -17.82 1.80
CA ILE A 91 -33.69 -17.72 3.24
C ILE A 91 -32.34 -18.28 3.64
N MET A 92 -31.86 -19.32 2.94
CA MET A 92 -30.53 -19.85 3.23
C MET A 92 -29.44 -18.88 2.81
N ASP A 93 -29.57 -18.27 1.63
CA ASP A 93 -28.49 -17.47 1.08
C ASP A 93 -28.40 -16.12 1.79
N ILE A 94 -29.51 -15.60 2.30
CA ILE A 94 -29.45 -14.36 3.06
C ILE A 94 -28.56 -14.53 4.29
N LEU A 95 -28.75 -15.63 5.02
CA LEU A 95 -27.90 -15.91 6.17
C LEU A 95 -26.49 -16.33 5.72
N ASN A 96 -26.38 -16.94 4.55
CA ASN A 96 -25.07 -17.30 4.00
C ASN A 96 -24.22 -16.06 3.78
N ILE A 97 -24.81 -14.99 3.24
CA ILE A 97 -24.05 -13.79 2.91
C ILE A 97 -23.97 -12.79 4.07
N LYS A 98 -24.94 -12.80 4.98
CA LYS A 98 -24.99 -11.79 6.03
C LYS A 98 -24.44 -12.26 7.37
N ILE A 99 -24.39 -13.56 7.62
CA ILE A 99 -23.95 -14.07 8.92
C ILE A 99 -22.64 -14.82 8.78
N SER A 100 -22.66 -15.92 8.03
CA SER A 100 -21.47 -16.74 7.83
C SER A 100 -21.73 -17.68 6.65
N HIS A 101 -20.65 -18.19 6.06
CA HIS A 101 -20.75 -19.09 4.93
C HIS A 101 -20.64 -20.53 5.41
N PHE A 102 -21.68 -21.32 5.12
CA PHE A 102 -21.72 -22.72 5.50
C PHE A 102 -21.81 -23.70 4.33
N LEU A 103 -22.31 -23.27 3.18
CA LEU A 103 -22.20 -24.02 1.92
C LEU A 103 -21.41 -23.16 0.93
N LYS A 104 -20.17 -23.57 0.67
CA LYS A 104 -19.29 -22.82 -0.23
C LYS A 104 -19.35 -23.47 -1.61
N MET A 105 -19.99 -22.80 -2.56
CA MET A 105 -20.07 -23.26 -3.94
C MET A 105 -19.42 -22.24 -4.86
N GLU A 106 -18.50 -22.71 -5.70
CA GLU A 106 -17.74 -21.83 -6.57
C GLU A 106 -18.61 -21.35 -7.74
N SER A 107 -18.18 -20.24 -8.33
CA SER A 107 -18.89 -19.67 -9.47
C SER A 107 -18.54 -20.42 -10.75
N LEU A 108 -19.22 -20.04 -11.84
CA LEU A 108 -18.98 -20.66 -13.12
C LEU A 108 -17.60 -20.28 -13.65
N ASN A 109 -17.01 -21.18 -14.44
CA ASN A 109 -15.65 -20.97 -14.95
C ASN A 109 -15.58 -19.77 -15.89
N PHE A 110 -16.59 -19.62 -16.76
CA PHE A 110 -16.53 -18.56 -17.76
C PHE A 110 -16.77 -17.17 -17.18
N ILE A 111 -17.37 -17.08 -15.99
CA ILE A 111 -17.69 -15.79 -15.41
C ILE A 111 -16.66 -15.42 -14.35
N ARG A 112 -16.02 -16.43 -13.75
CA ARG A 112 -15.01 -16.19 -12.72
C ARG A 112 -13.66 -15.80 -13.28
N ALA A 113 -13.44 -16.01 -14.59
CA ALA A 113 -12.16 -15.65 -15.18
C ALA A 113 -11.94 -14.14 -15.21
N HIS A 114 -13.01 -13.37 -15.40
CA HIS A 114 -12.89 -11.91 -15.46
C HIS A 114 -12.39 -11.34 -14.14
N THR A 115 -12.91 -11.84 -13.03
CA THR A 115 -12.56 -11.35 -11.69
C THR A 115 -12.17 -12.53 -10.82
N PRO A 116 -10.95 -13.06 -10.99
CA PRO A 116 -10.51 -14.21 -10.19
C PRO A 116 -9.73 -13.85 -8.93
N TYR A 117 -9.37 -12.58 -8.74
CA TYR A 117 -8.57 -12.14 -7.60
C TYR A 117 -9.41 -11.45 -6.53
N ILE A 118 -10.72 -11.66 -6.54
CA ILE A 118 -11.63 -10.91 -5.68
C ILE A 118 -12.52 -11.89 -4.91
N ASN A 119 -12.90 -11.49 -3.70
CA ASN A 119 -13.84 -12.25 -2.88
C ASN A 119 -14.72 -11.27 -2.12
N ILE A 120 -15.97 -11.67 -1.91
CA ILE A 120 -16.96 -10.80 -1.26
C ILE A 120 -17.58 -11.40 -0.03
N TYR A 121 -17.46 -12.72 0.22
CA TYR A 121 -18.15 -13.32 1.36
C TYR A 121 -17.51 -12.89 2.69
N ASN A 122 -16.17 -12.91 2.75
CA ASN A 122 -15.43 -12.51 3.95
C ASN A 122 -14.32 -11.50 3.60
N CYS A 123 -14.71 -10.23 3.53
CA CYS A 123 -13.78 -9.15 3.20
C CYS A 123 -13.59 -8.29 4.45
N GLU A 124 -12.67 -8.73 5.30
CA GLU A 124 -12.17 -7.93 6.42
C GLU A 124 -10.66 -7.85 6.26
N PRO A 125 -10.09 -6.66 6.03
CA PRO A 125 -8.67 -6.59 5.65
C PRO A 125 -7.77 -7.18 6.73
N ALA A 126 -6.75 -7.92 6.28
CA ALA A 126 -5.77 -8.47 7.21
C ALA A 126 -4.97 -7.36 7.89
N ASN A 127 -4.67 -6.28 7.16
CA ASN A 127 -4.03 -5.11 7.74
C ASN A 127 -5.11 -4.20 8.30
N PRO A 128 -5.17 -3.99 9.62
CA PRO A 128 -6.22 -3.13 10.18
C PRO A 128 -6.12 -1.67 9.72
N SER A 129 -4.98 -1.25 9.19
CA SER A 129 -4.82 0.12 8.71
C SER A 129 -5.69 0.42 7.50
N GLU A 130 -6.24 -0.60 6.84
CA GLU A 130 -7.09 -0.41 5.67
C GLU A 130 -8.58 -0.46 6.01
N LYS A 131 -8.94 -0.43 7.30
CA LYS A 131 -10.35 -0.46 7.68
C LYS A 131 -11.09 0.76 7.15
N ASN A 132 -10.49 1.93 7.26
CA ASN A 132 -11.07 3.17 6.72
C ASN A 132 -10.47 3.48 5.35
N SER A 133 -10.71 2.57 4.42
CA SER A 133 -10.20 2.68 3.06
C SER A 133 -11.27 2.27 2.07
N PRO A 134 -11.22 2.77 0.84
CA PRO A 134 -12.22 2.39 -0.16
C PRO A 134 -12.23 0.89 -0.47
N SER A 135 -11.14 0.18 -0.22
CA SER A 135 -11.09 -1.24 -0.53
C SER A 135 -12.14 -2.03 0.25
N THR A 136 -12.43 -1.61 1.48
CA THR A 136 -13.48 -2.25 2.27
C THR A 136 -14.86 -1.67 1.99
N GLN A 137 -14.94 -0.37 1.67
CA GLN A 137 -16.23 0.23 1.37
C GLN A 137 -16.82 -0.36 0.09
N TYR A 138 -15.97 -0.67 -0.89
CA TYR A 138 -16.45 -1.30 -2.12
C TYR A 138 -17.09 -2.64 -1.84
N CYS A 139 -16.44 -3.47 -1.01
CA CYS A 139 -17.00 -4.76 -0.68
C CYS A 139 -18.25 -4.63 0.17
N TYR A 140 -18.29 -3.64 1.05
CA TYR A 140 -19.50 -3.39 1.84
C TYR A 140 -20.68 -3.03 0.94
N SER A 141 -20.43 -2.18 -0.06
CA SER A 141 -21.48 -1.83 -1.02
C SER A 141 -21.91 -3.05 -1.83
N ILE A 142 -20.96 -3.88 -2.25
CA ILE A 142 -21.29 -5.09 -2.97
C ILE A 142 -22.19 -5.98 -2.14
N GLN A 143 -21.82 -6.20 -0.88
CA GLN A 143 -22.60 -7.07 0.01
C GLN A 143 -23.99 -6.49 0.25
N SER A 144 -24.08 -5.17 0.46
CA SER A 144 -25.37 -4.55 0.70
C SER A 144 -26.29 -4.67 -0.51
N LEU A 145 -25.75 -4.43 -1.71
CA LEU A 145 -26.60 -4.50 -2.90
C LEU A 145 -26.99 -5.95 -3.19
N PHE A 146 -26.09 -6.89 -2.95
CA PHE A 146 -26.44 -8.31 -3.11
C PHE A 146 -27.53 -8.71 -2.12
N LEU A 147 -27.44 -8.23 -0.88
CA LEU A 147 -28.48 -8.52 0.10
C LEU A 147 -29.81 -7.91 -0.32
N GLY A 148 -29.77 -6.71 -0.89
CA GLY A 148 -31.00 -6.11 -1.41
C GLY A 148 -31.62 -6.93 -2.53
N ILE A 149 -30.78 -7.40 -3.46
CA ILE A 149 -31.28 -8.25 -4.54
C ILE A 149 -31.88 -9.54 -3.97
N LEU A 150 -31.21 -10.13 -2.98
CA LEU A 150 -31.74 -11.34 -2.37
C LEU A 150 -33.08 -11.08 -1.69
N SER A 151 -33.20 -9.95 -1.00
CA SER A 151 -34.46 -9.63 -0.32
C SER A 151 -35.60 -9.42 -1.32
N VAL A 152 -35.34 -8.69 -2.40
CA VAL A 152 -36.41 -8.44 -3.36
C VAL A 152 -36.79 -9.72 -4.09
N MET A 153 -35.80 -10.56 -4.41
CA MET A 153 -36.11 -11.86 -5.01
C MET A 153 -36.91 -12.73 -4.06
N LEU A 154 -36.56 -12.71 -2.77
CA LEU A 154 -37.29 -13.48 -1.77
C LEU A 154 -38.73 -13.02 -1.67
N ILE A 155 -38.96 -11.70 -1.65
CA ILE A 155 -40.33 -11.22 -1.50
C ILE A 155 -41.15 -11.51 -2.75
N PHE A 156 -40.54 -11.40 -3.93
CA PHE A 156 -41.26 -11.79 -5.14
C PHE A 156 -41.59 -13.28 -5.15
N ALA A 157 -40.64 -14.12 -4.73
CA ALA A 157 -40.91 -15.55 -4.68
C ALA A 157 -42.01 -15.88 -3.68
N PHE A 158 -42.02 -15.20 -2.53
CA PHE A 158 -43.05 -15.44 -1.53
C PHE A 158 -44.43 -15.01 -2.04
N PHE A 159 -44.51 -13.85 -2.70
CA PHE A 159 -45.79 -13.41 -3.25
C PHE A 159 -46.28 -14.37 -4.34
N GLN A 160 -45.38 -14.82 -5.21
CA GLN A 160 -45.77 -15.77 -6.23
C GLN A 160 -46.23 -17.09 -5.61
N GLU A 161 -45.55 -17.53 -4.55
CA GLU A 161 -45.96 -18.74 -3.85
C GLU A 161 -47.35 -18.58 -3.26
N LEU A 162 -47.65 -17.42 -2.68
CA LEU A 162 -48.99 -17.18 -2.15
C LEU A 162 -50.03 -17.21 -3.26
N VAL A 163 -49.74 -16.58 -4.40
CA VAL A 163 -50.70 -16.54 -5.50
C VAL A 163 -50.98 -17.94 -6.02
N ILE A 164 -49.94 -18.73 -6.24
CA ILE A 164 -50.12 -20.07 -6.79
C ILE A 164 -50.75 -21.00 -5.75
N ALA A 165 -50.48 -20.79 -4.46
CA ALA A 165 -51.16 -21.55 -3.42
C ALA A 165 -52.65 -21.25 -3.42
N GLY A 166 -53.01 -19.98 -3.59
CA GLY A 166 -54.42 -19.65 -3.73
C GLY A 166 -55.04 -20.27 -4.96
N ILE A 167 -54.29 -20.31 -6.07
CA ILE A 167 -54.78 -20.96 -7.29
C ILE A 167 -55.05 -22.44 -7.04
N VAL A 168 -54.12 -23.12 -6.37
CA VAL A 168 -54.33 -24.54 -6.06
C VAL A 168 -55.50 -24.72 -5.10
N GLU A 169 -55.68 -23.78 -4.18
CA GLU A 169 -56.84 -23.82 -3.29
C GLU A 169 -58.13 -23.73 -4.10
N ASN A 170 -58.14 -22.90 -5.15
CA ASN A 170 -59.31 -22.81 -6.01
C ASN A 170 -59.55 -24.13 -6.75
N GLU A 171 -58.50 -24.75 -7.26
CA GLU A 171 -58.60 -25.99 -8.05
C GLU A 171 -58.12 -27.15 -7.19
N TRP A 172 -59.06 -27.80 -6.51
CA TRP A 172 -58.76 -28.93 -5.64
C TRP A 172 -58.14 -30.09 -6.42
N PHE B 1 -55.84 -2.16 -28.12
CA PHE B 1 -56.18 -3.42 -27.46
C PHE B 1 -57.22 -3.18 -26.36
N MET B 2 -58.49 -3.26 -26.74
CA MET B 2 -59.61 -3.02 -25.82
C MET B 2 -60.21 -4.31 -25.27
N ARG B 3 -59.63 -5.46 -25.58
CA ARG B 3 -60.25 -6.73 -25.20
C ARG B 3 -60.08 -7.01 -23.70
N GLU B 4 -58.85 -7.08 -23.24
CA GLU B 4 -58.54 -7.37 -21.83
C GLU B 4 -57.65 -6.29 -21.24
N SER B 5 -58.06 -5.03 -21.39
CA SER B 5 -57.35 -3.92 -20.76
C SER B 5 -57.15 -4.12 -19.26
N LYS B 6 -57.94 -5.00 -18.63
CA LYS B 6 -57.73 -5.34 -17.22
C LYS B 6 -56.37 -5.98 -17.01
N THR B 7 -55.97 -6.88 -17.92
CA THR B 7 -54.65 -7.50 -17.80
C THR B 7 -53.55 -6.45 -17.93
N LEU B 8 -53.74 -5.48 -18.83
CA LEU B 8 -52.78 -4.38 -18.93
C LEU B 8 -52.72 -3.56 -17.65
N GLY B 9 -53.84 -3.49 -16.92
CA GLY B 9 -53.80 -2.87 -15.61
C GLY B 9 -52.84 -3.58 -14.67
N ALA B 10 -52.92 -4.91 -14.63
CA ALA B 10 -51.98 -5.68 -13.82
C ALA B 10 -50.55 -5.55 -14.34
N VAL B 11 -50.40 -5.40 -15.65
CA VAL B 11 -49.07 -5.13 -16.22
C VAL B 11 -48.50 -3.84 -15.65
N GLN B 12 -49.30 -2.79 -15.65
CA GLN B 12 -48.86 -1.51 -15.09
C GLN B 12 -48.57 -1.63 -13.61
N ILE B 13 -49.41 -2.37 -12.88
CA ILE B 13 -49.17 -2.57 -11.44
C ILE B 13 -47.82 -3.24 -11.22
N MET B 14 -47.57 -4.35 -11.92
CA MET B 14 -46.32 -5.07 -11.74
C MET B 14 -45.12 -4.23 -12.14
N ASN B 15 -45.26 -3.43 -13.21
CA ASN B 15 -44.19 -2.55 -13.61
C ASN B 15 -43.90 -1.50 -12.55
N GLY B 16 -44.94 -0.99 -11.88
CA GLY B 16 -44.72 -0.07 -10.78
C GLY B 16 -44.05 -0.72 -9.58
N LEU B 17 -44.48 -1.94 -9.24
CA LEU B 17 -43.82 -2.71 -8.19
C LEU B 17 -42.33 -2.87 -8.47
N PHE B 18 -41.97 -3.28 -9.68
CA PHE B 18 -40.55 -3.42 -9.99
C PHE B 18 -39.83 -2.07 -10.11
N HIS B 19 -40.53 -1.02 -10.56
CA HIS B 19 -39.88 0.29 -10.64
C HIS B 19 -39.51 0.81 -9.26
N ILE B 20 -40.43 0.68 -8.29
CA ILE B 20 -40.10 1.13 -6.94
C ILE B 20 -39.06 0.20 -6.31
N ALA B 21 -39.09 -1.10 -6.65
CA ALA B 21 -38.05 -2.00 -6.17
C ALA B 21 -36.68 -1.58 -6.67
N LEU B 22 -36.58 -1.27 -7.97
CA LEU B 22 -35.29 -0.85 -8.52
C LEU B 22 -34.86 0.51 -7.98
N GLY B 23 -35.82 1.40 -7.73
CA GLY B 23 -35.48 2.68 -7.12
C GLY B 23 -34.92 2.52 -5.73
N GLY B 24 -35.52 1.64 -4.92
CA GLY B 24 -34.95 1.34 -3.62
C GLY B 24 -33.59 0.67 -3.71
N LEU B 25 -33.40 -0.17 -4.74
CA LEU B 25 -32.14 -0.88 -4.90
C LEU B 25 -31.02 0.04 -5.38
N LEU B 26 -31.37 1.14 -6.06
CA LEU B 26 -30.35 2.01 -6.61
C LEU B 26 -29.64 2.83 -5.53
N MET B 27 -30.30 3.09 -4.40
CA MET B 27 -29.75 3.96 -3.38
C MET B 27 -28.89 3.21 -2.35
N ILE B 28 -28.35 2.06 -2.72
CA ILE B 28 -27.33 1.42 -1.89
C ILE B 28 -26.12 2.34 -1.83
N PRO B 29 -25.53 2.59 -0.65
CA PRO B 29 -24.43 3.55 -0.57
C PRO B 29 -23.21 3.13 -1.38
N ALA B 30 -22.93 3.87 -2.46
CA ALA B 30 -21.78 3.58 -3.31
C ALA B 30 -21.41 4.87 -4.02
N GLY B 31 -20.39 5.56 -3.52
CA GLY B 31 -19.93 6.79 -4.13
C GLY B 31 -20.80 7.98 -3.81
N ILE B 32 -20.17 9.16 -3.67
CA ILE B 32 -20.92 10.38 -3.41
C ILE B 32 -21.66 10.88 -4.63
N TYR B 33 -21.38 10.33 -5.81
CA TYR B 33 -22.04 10.73 -7.06
C TYR B 33 -23.12 9.71 -7.36
N ALA B 34 -24.36 10.04 -6.98
CA ALA B 34 -25.49 9.16 -7.23
C ALA B 34 -25.84 9.16 -8.72
N PRO B 35 -26.49 8.09 -9.18
CA PRO B 35 -26.98 8.08 -10.57
C PRO B 35 -27.98 9.20 -10.80
N ILE B 36 -28.02 9.68 -12.05
CA ILE B 36 -28.88 10.82 -12.38
C ILE B 36 -30.35 10.47 -12.17
N CYS B 37 -30.69 9.18 -12.21
CA CYS B 37 -32.06 8.76 -11.95
C CYS B 37 -32.39 8.69 -10.47
N VAL B 38 -31.38 8.74 -9.61
CA VAL B 38 -31.60 8.66 -8.16
C VAL B 38 -31.83 10.03 -7.55
N THR B 39 -30.95 10.99 -7.87
CA THR B 39 -31.07 12.33 -7.31
C THR B 39 -32.34 13.03 -7.77
N VAL B 40 -32.88 12.66 -8.94
CA VAL B 40 -34.14 13.23 -9.41
C VAL B 40 -35.34 12.55 -8.76
N TRP B 41 -35.13 11.44 -8.06
CA TRP B 41 -36.18 10.68 -7.37
C TRP B 41 -37.24 10.16 -8.34
N TYR B 42 -36.86 9.97 -9.61
CA TYR B 42 -37.83 9.52 -10.61
C TYR B 42 -38.48 8.19 -10.29
N PRO B 43 -37.75 7.12 -9.93
CA PRO B 43 -38.40 5.81 -9.78
C PRO B 43 -39.51 5.79 -8.74
N LEU B 44 -39.38 6.52 -7.64
CA LEU B 44 -40.37 6.47 -6.58
C LEU B 44 -41.74 6.94 -7.08
N TRP B 45 -41.84 8.21 -7.47
CA TRP B 45 -43.12 8.72 -7.95
C TRP B 45 -43.53 8.07 -9.25
N GLY B 46 -42.57 7.63 -10.07
CA GLY B 46 -42.91 6.92 -11.28
C GLY B 46 -43.66 5.64 -11.01
N GLY B 47 -43.15 4.83 -10.08
CA GLY B 47 -43.84 3.60 -9.71
C GLY B 47 -45.14 3.86 -9.00
N ILE B 48 -45.18 4.89 -8.14
CA ILE B 48 -46.42 5.23 -7.46
C ILE B 48 -47.51 5.59 -8.45
N MET B 49 -47.17 6.42 -9.44
CA MET B 49 -48.17 6.83 -10.43
C MET B 49 -48.50 5.71 -11.40
N TYR B 50 -47.55 4.82 -11.67
CA TYR B 50 -47.88 3.63 -12.46
C TYR B 50 -48.89 2.75 -11.73
N ILE B 51 -48.71 2.59 -10.42
CA ILE B 51 -49.67 1.84 -9.62
C ILE B 51 -51.03 2.53 -9.64
N ILE B 52 -51.02 3.86 -9.53
CA ILE B 52 -52.28 4.61 -9.56
C ILE B 52 -53.00 4.40 -10.89
N SER B 53 -52.26 4.50 -12.00
CA SER B 53 -52.87 4.33 -13.32
C SER B 53 -53.39 2.92 -13.52
N GLY B 54 -52.62 1.91 -13.07
CA GLY B 54 -53.08 0.54 -13.19
C GLY B 54 -54.31 0.28 -12.35
N SER B 55 -54.36 0.85 -11.15
CA SER B 55 -55.56 0.72 -10.31
C SER B 55 -56.76 1.38 -10.97
N LEU B 56 -56.56 2.55 -11.58
CA LEU B 56 -57.65 3.23 -12.26
C LEU B 56 -58.16 2.40 -13.44
N LEU B 57 -57.24 1.80 -14.21
CA LEU B 57 -57.62 1.05 -15.39
C LEU B 57 -58.17 -0.34 -15.07
N ALA B 58 -57.86 -0.89 -13.90
CA ALA B 58 -58.23 -2.27 -13.57
C ALA B 58 -58.99 -2.31 -12.25
N ALA B 59 -59.99 -1.45 -12.10
CA ALA B 59 -60.82 -1.43 -10.90
C ALA B 59 -62.25 -1.84 -11.19
N THR B 60 -62.93 -1.17 -12.12
CA THR B 60 -64.32 -1.44 -12.43
C THR B 60 -64.55 -1.79 -13.89
N GLU B 61 -63.87 -1.13 -14.81
CA GLU B 61 -64.05 -1.30 -16.26
C GLU B 61 -65.49 -1.04 -16.70
N LYS B 62 -66.18 -0.15 -16.00
CA LYS B 62 -67.54 0.25 -16.35
C LYS B 62 -67.55 1.70 -16.80
N ASN B 63 -68.75 2.21 -17.09
CA ASN B 63 -68.93 3.56 -17.61
C ASN B 63 -69.21 4.53 -16.45
N SER B 64 -68.16 4.81 -15.67
CA SER B 64 -68.26 5.81 -14.62
C SER B 64 -68.48 7.19 -15.24
N ARG B 65 -69.07 8.09 -14.45
CA ARG B 65 -69.52 9.36 -15.01
C ARG B 65 -68.36 10.34 -15.12
N LYS B 66 -67.74 10.71 -13.99
CA LYS B 66 -66.70 11.74 -14.01
C LYS B 66 -65.42 11.25 -13.34
N CYS B 67 -65.55 10.43 -12.30
CA CYS B 67 -64.40 10.03 -11.51
C CYS B 67 -63.39 9.20 -12.29
N LEU B 68 -63.81 8.52 -13.35
CA LEU B 68 -62.93 7.64 -14.10
C LEU B 68 -62.71 8.09 -15.54
N VAL B 69 -63.79 8.34 -16.29
CA VAL B 69 -63.67 8.66 -17.70
C VAL B 69 -62.90 9.96 -17.90
N LYS B 70 -63.25 10.98 -17.12
CA LYS B 70 -62.57 12.27 -17.24
C LYS B 70 -61.11 12.17 -16.85
N GLY B 71 -60.81 11.44 -15.78
CA GLY B 71 -59.43 11.34 -15.30
C GLY B 71 -58.57 10.33 -16.02
N LYS B 72 -59.18 9.39 -16.74
CA LYS B 72 -58.40 8.35 -17.42
C LYS B 72 -57.47 8.95 -18.46
N MET B 73 -57.98 9.91 -19.25
CA MET B 73 -57.17 10.50 -20.31
C MET B 73 -55.98 11.27 -19.73
N ILE B 74 -56.21 12.05 -18.68
CA ILE B 74 -55.12 12.84 -18.10
C ILE B 74 -54.10 11.94 -17.41
N MET B 75 -54.57 10.89 -16.74
CA MET B 75 -53.64 9.94 -16.13
C MET B 75 -52.80 9.24 -17.21
N ASN B 76 -53.43 8.87 -18.34
CA ASN B 76 -52.69 8.24 -19.42
C ASN B 76 -51.66 9.19 -20.03
N SER B 77 -52.03 10.45 -20.23
CA SER B 77 -51.08 11.43 -20.77
C SER B 77 -49.91 11.64 -19.83
N LEU B 78 -50.18 11.76 -18.53
CA LEU B 78 -49.10 11.85 -17.55
C LEU B 78 -48.24 10.60 -17.57
N SER B 79 -48.85 9.43 -17.76
CA SER B 79 -48.09 8.18 -17.81
C SER B 79 -47.15 8.17 -19.01
N LEU B 80 -47.62 8.61 -20.17
CA LEU B 80 -46.74 8.72 -21.34
C LEU B 80 -45.59 9.69 -21.09
N PHE B 81 -45.90 10.84 -20.48
CA PHE B 81 -44.83 11.80 -20.18
C PHE B 81 -43.79 11.17 -19.24
N ALA B 82 -44.25 10.51 -18.18
CA ALA B 82 -43.34 9.91 -17.23
C ALA B 82 -42.53 8.78 -17.87
N ALA B 83 -43.16 7.98 -18.74
CA ALA B 83 -42.46 6.87 -19.36
C ALA B 83 -41.39 7.35 -20.34
N ILE B 84 -41.71 8.35 -21.16
CA ILE B 84 -40.69 8.86 -22.08
C ILE B 84 -39.57 9.55 -21.31
N SER B 85 -39.91 10.22 -20.20
CA SER B 85 -38.87 10.80 -19.35
C SER B 85 -37.99 9.71 -18.76
N GLY B 86 -38.58 8.61 -18.28
CA GLY B 86 -37.80 7.54 -17.73
C GLY B 86 -36.87 6.92 -18.75
N MET B 87 -37.37 6.70 -19.97
CA MET B 87 -36.52 6.19 -21.04
C MET B 87 -35.37 7.13 -21.33
N ILE B 88 -35.65 8.43 -21.41
CA ILE B 88 -34.62 9.41 -21.76
C ILE B 88 -33.55 9.44 -20.68
N LEU B 89 -33.95 9.56 -19.41
CA LEU B 89 -32.97 9.60 -18.32
C LEU B 89 -32.22 8.29 -18.17
N SER B 90 -32.86 7.14 -18.41
CA SER B 90 -32.16 5.87 -18.31
C SER B 90 -31.08 5.76 -19.38
N ILE B 91 -31.41 6.07 -20.63
CA ILE B 91 -30.41 5.93 -21.69
C ILE B 91 -29.39 7.06 -21.61
N MET B 92 -29.70 8.16 -20.94
CA MET B 92 -28.70 9.18 -20.67
C MET B 92 -27.74 8.73 -19.57
N ASP B 93 -28.26 8.10 -18.52
CA ASP B 93 -27.40 7.69 -17.41
C ASP B 93 -26.53 6.51 -17.81
N ILE B 94 -26.99 5.69 -18.77
CA ILE B 94 -26.14 4.61 -19.27
C ILE B 94 -24.86 5.20 -19.87
N LEU B 95 -25.00 6.24 -20.70
CA LEU B 95 -23.83 6.91 -21.24
C LEU B 95 -23.07 7.68 -20.17
N ASN B 96 -23.79 8.20 -19.17
CA ASN B 96 -23.14 8.91 -18.07
C ASN B 96 -22.19 8.01 -17.31
N ILE B 97 -22.60 6.76 -17.07
CA ILE B 97 -21.77 5.84 -16.32
C ILE B 97 -20.73 5.15 -17.20
N LYS B 98 -21.02 4.98 -18.49
CA LYS B 98 -20.07 4.32 -19.37
C LYS B 98 -19.10 5.28 -20.04
N ILE B 99 -19.55 6.50 -20.37
CA ILE B 99 -18.69 7.52 -20.95
C ILE B 99 -18.41 8.55 -19.85
N SER B 100 -17.49 9.48 -20.15
CA SER B 100 -17.12 10.51 -19.18
C SER B 100 -18.35 11.29 -18.74
N HIS B 101 -18.48 11.49 -17.43
CA HIS B 101 -19.66 12.14 -16.87
C HIS B 101 -19.73 13.59 -17.30
N PHE B 102 -20.95 14.03 -17.66
CA PHE B 102 -21.18 15.41 -18.08
C PHE B 102 -22.19 16.15 -17.21
N LEU B 103 -22.85 15.49 -16.27
CA LEU B 103 -23.50 16.13 -15.13
C LEU B 103 -23.01 15.46 -13.86
N LYS B 104 -22.56 16.28 -12.90
CA LYS B 104 -22.09 15.78 -11.61
C LYS B 104 -23.10 16.16 -10.53
N MET B 105 -24.08 15.28 -10.35
CA MET B 105 -25.14 15.51 -9.36
C MET B 105 -24.80 14.76 -8.08
N GLU B 106 -24.76 15.48 -6.97
CA GLU B 106 -24.37 14.90 -5.69
C GLU B 106 -25.48 14.00 -5.16
N SER B 107 -25.08 13.04 -4.33
CA SER B 107 -26.02 12.12 -3.71
C SER B 107 -26.69 12.79 -2.51
N LEU B 108 -27.60 12.05 -1.88
CA LEU B 108 -28.29 12.55 -0.69
C LEU B 108 -27.34 12.58 0.50
N ASN B 109 -27.62 13.50 1.43
CA ASN B 109 -26.74 13.66 2.59
C ASN B 109 -26.77 12.44 3.49
N PHE B 110 -27.95 11.85 3.71
CA PHE B 110 -28.08 10.74 4.64
C PHE B 110 -27.52 9.43 4.10
N ILE B 111 -27.31 9.32 2.79
CA ILE B 111 -26.84 8.07 2.20
C ILE B 111 -25.34 8.18 1.92
N ARG B 112 -24.84 9.40 1.73
CA ARG B 112 -23.42 9.60 1.46
C ARG B 112 -22.57 9.56 2.72
N ALA B 113 -23.18 9.67 3.91
CA ALA B 113 -22.40 9.65 5.14
C ALA B 113 -21.72 8.30 5.36
N HIS B 114 -22.42 7.21 5.03
CA HIS B 114 -21.86 5.88 5.26
C HIS B 114 -20.62 5.64 4.41
N THR B 115 -20.63 6.08 3.15
CA THR B 115 -19.53 5.87 2.22
C THR B 115 -19.14 7.20 1.60
N PRO B 116 -18.42 8.04 2.34
CA PRO B 116 -17.99 9.34 1.79
C PRO B 116 -16.60 9.37 1.18
N TYR B 117 -15.83 8.30 1.32
CA TYR B 117 -14.46 8.25 0.82
C TYR B 117 -14.33 7.44 -0.46
N ILE B 118 -15.42 7.24 -1.20
CA ILE B 118 -15.45 6.33 -2.33
C ILE B 118 -16.12 7.02 -3.52
N ASN B 119 -15.70 6.63 -4.72
CA ASN B 119 -16.31 7.08 -5.96
C ASN B 119 -16.44 5.90 -6.91
N ILE B 120 -17.46 5.96 -7.76
CA ILE B 120 -17.76 4.85 -8.66
C ILE B 120 -17.78 5.24 -10.13
N TYR B 121 -18.01 6.52 -10.47
CA TYR B 121 -18.11 6.90 -11.87
C TYR B 121 -16.79 6.72 -12.60
N ASN B 122 -15.69 7.14 -11.99
CA ASN B 122 -14.35 6.95 -12.53
C ASN B 122 -13.46 6.25 -11.52
N CYS B 123 -12.73 5.23 -11.99
CA CYS B 123 -11.76 4.55 -11.13
C CYS B 123 -10.64 4.02 -12.02
N GLU B 124 -9.59 4.82 -12.15
CA GLU B 124 -8.33 4.40 -12.76
C GLU B 124 -7.23 4.83 -11.81
N PRO B 125 -6.64 3.91 -11.05
CA PRO B 125 -5.75 4.32 -9.96
C PRO B 125 -4.58 5.16 -10.46
N ALA B 126 -4.25 6.20 -9.69
CA ALA B 126 -3.08 7.01 -10.01
C ALA B 126 -1.81 6.20 -9.96
N ASN B 127 -1.81 5.11 -9.18
CA ASN B 127 -0.69 4.19 -9.14
C ASN B 127 -0.99 3.03 -10.08
N PRO B 128 -0.30 2.92 -11.22
CA PRO B 128 -0.59 1.82 -12.16
C PRO B 128 -0.25 0.45 -11.59
N SER B 129 0.51 0.37 -10.49
CA SER B 129 0.82 -0.92 -9.88
C SER B 129 -0.42 -1.58 -9.28
N GLU B 130 -1.53 -0.85 -9.12
CA GLU B 130 -2.76 -1.41 -8.59
C GLU B 130 -3.76 -1.77 -9.68
N LYS B 131 -3.34 -1.81 -10.94
CA LYS B 131 -4.24 -2.18 -12.02
C LYS B 131 -4.76 -3.61 -11.84
N ASN B 132 -3.87 -4.54 -11.50
CA ASN B 132 -4.26 -5.91 -11.21
C ASN B 132 -4.40 -6.12 -9.70
N SER B 133 -5.35 -5.38 -9.11
CA SER B 133 -5.59 -5.41 -7.69
C SER B 133 -7.10 -5.43 -7.45
N PRO B 134 -7.54 -5.96 -6.30
CA PRO B 134 -8.99 -5.98 -6.01
C PRO B 134 -9.61 -4.60 -5.92
N SER B 135 -8.82 -3.56 -5.67
CA SER B 135 -9.38 -2.21 -5.54
C SER B 135 -10.06 -1.76 -6.83
N THR B 136 -9.50 -2.09 -7.99
CA THR B 136 -10.12 -1.75 -9.26
C THR B 136 -11.16 -2.77 -9.69
N GLN B 137 -10.97 -4.05 -9.34
CA GLN B 137 -11.96 -5.06 -9.69
C GLN B 137 -13.28 -4.80 -8.98
N TYR B 138 -13.23 -4.35 -7.73
CA TYR B 138 -14.46 -4.02 -7.00
C TYR B 138 -15.22 -2.89 -7.71
N CYS B 139 -14.51 -1.85 -8.14
CA CYS B 139 -15.17 -0.75 -8.83
C CYS B 139 -15.71 -1.19 -10.19
N TYR B 140 -14.99 -2.07 -10.89
CA TYR B 140 -15.49 -2.60 -12.15
C TYR B 140 -16.77 -3.39 -11.93
N SER B 141 -16.81 -4.20 -10.87
CA SER B 141 -18.03 -4.93 -10.54
C SER B 141 -19.17 -3.98 -10.20
N ILE B 142 -18.88 -2.91 -9.45
CA ILE B 142 -19.90 -1.90 -9.14
C ILE B 142 -20.45 -1.30 -10.42
N GLN B 143 -19.57 -0.92 -11.34
CA GLN B 143 -20.01 -0.29 -12.59
C GLN B 143 -20.85 -1.25 -13.43
N SER B 144 -20.41 -2.51 -13.53
CA SER B 144 -21.18 -3.49 -14.30
C SER B 144 -22.54 -3.73 -13.68
N LEU B 145 -22.60 -3.85 -12.36
CA LEU B 145 -23.88 -4.08 -11.68
C LEU B 145 -24.82 -2.89 -11.85
N PHE B 146 -24.29 -1.68 -11.74
CA PHE B 146 -25.11 -0.49 -11.93
C PHE B 146 -25.60 -0.40 -13.37
N LEU B 147 -24.75 -0.76 -14.34
CA LEU B 147 -25.19 -0.74 -15.72
C LEU B 147 -26.27 -1.79 -15.97
N GLY B 148 -26.17 -2.94 -15.31
CA GLY B 148 -27.24 -3.92 -15.40
C GLY B 148 -28.55 -3.41 -14.84
N ILE B 149 -28.49 -2.74 -13.69
CA ILE B 149 -29.69 -2.11 -13.13
C ILE B 149 -30.28 -1.12 -14.12
N LEU B 150 -29.41 -0.28 -14.71
CA LEU B 150 -29.89 0.72 -15.66
C LEU B 150 -30.53 0.07 -16.87
N SER B 151 -29.93 -1.01 -17.39
CA SER B 151 -30.47 -1.67 -18.56
C SER B 151 -31.84 -2.30 -18.27
N VAL B 152 -31.98 -2.98 -17.14
CA VAL B 152 -33.25 -3.62 -16.83
C VAL B 152 -34.33 -2.56 -16.58
N MET B 153 -33.98 -1.48 -15.87
CA MET B 153 -34.93 -0.40 -15.67
C MET B 153 -35.34 0.24 -17.00
N LEU B 154 -34.37 0.43 -17.90
CA LEU B 154 -34.65 1.04 -19.19
C LEU B 154 -35.59 0.18 -20.02
N ILE B 155 -35.33 -1.14 -20.07
CA ILE B 155 -36.18 -1.99 -20.90
C ILE B 155 -37.58 -2.10 -20.30
N PHE B 156 -37.69 -2.16 -18.98
CA PHE B 156 -39.02 -2.21 -18.37
C PHE B 156 -39.78 -0.90 -18.59
N ALA B 157 -39.08 0.23 -18.50
CA ALA B 157 -39.72 1.52 -18.76
C ALA B 157 -40.17 1.62 -20.21
N PHE B 158 -39.35 1.11 -21.15
CA PHE B 158 -39.73 1.13 -22.55
C PHE B 158 -40.96 0.26 -22.81
N PHE B 159 -41.01 -0.91 -22.18
CA PHE B 159 -42.20 -1.76 -22.32
C PHE B 159 -43.44 -1.08 -21.75
N GLN B 160 -43.28 -0.43 -20.59
CA GLN B 160 -44.41 0.30 -20.01
C GLN B 160 -44.87 1.41 -20.95
N GLU B 161 -43.91 2.12 -21.55
CA GLU B 161 -44.24 3.18 -22.50
C GLU B 161 -45.01 2.62 -23.70
N LEU B 162 -44.58 1.47 -24.22
CA LEU B 162 -45.29 0.87 -25.34
C LEU B 162 -46.71 0.47 -24.94
N VAL B 163 -46.87 -0.12 -23.75
CA VAL B 163 -48.19 -0.57 -23.30
C VAL B 163 -49.13 0.63 -23.13
N ILE B 164 -48.65 1.69 -22.48
CA ILE B 164 -49.50 2.85 -22.25
C ILE B 164 -49.76 3.61 -23.55
N ALA B 165 -48.82 3.57 -24.51
CA ALA B 165 -49.09 4.13 -25.83
C ALA B 165 -50.20 3.35 -26.53
N GLY B 166 -50.20 2.03 -26.39
CA GLY B 166 -51.32 1.25 -26.90
C GLY B 166 -52.63 1.60 -26.23
N ILE B 167 -52.59 1.82 -24.91
CA ILE B 167 -53.79 2.21 -24.19
C ILE B 167 -54.32 3.54 -24.72
N VAL B 168 -53.43 4.50 -24.97
CA VAL B 168 -53.85 5.80 -25.45
C VAL B 168 -54.36 5.72 -26.89
N GLU B 169 -53.68 4.96 -27.75
CA GLU B 169 -54.19 4.81 -29.12
C GLU B 169 -55.55 4.15 -29.13
N ASN B 170 -55.82 3.30 -28.13
CA ASN B 170 -57.17 2.75 -27.99
C ASN B 170 -58.19 3.83 -27.65
N GLU B 171 -57.83 4.75 -26.75
CA GLU B 171 -58.75 5.80 -26.28
C GLU B 171 -58.28 7.14 -26.83
N TRP B 172 -58.85 7.52 -27.97
CA TRP B 172 -58.50 8.78 -28.63
C TRP B 172 -58.79 9.98 -27.73
N GLN C 1 19.41 8.06 1.74
CA GLN C 1 20.30 7.96 0.58
C GLN C 1 19.49 7.96 -0.72
N VAL C 2 18.19 7.71 -0.59
CA VAL C 2 17.32 7.67 -1.76
C VAL C 2 17.22 9.08 -2.37
N GLN C 3 17.38 9.16 -3.69
CA GLN C 3 17.29 10.43 -4.39
C GLN C 3 17.00 10.17 -5.85
N LEU C 4 16.40 11.17 -6.51
CA LEU C 4 16.09 11.11 -7.92
C LEU C 4 16.83 12.24 -8.64
N GLN C 5 17.49 11.90 -9.75
CA GLN C 5 18.30 12.83 -10.50
C GLN C 5 17.56 13.26 -11.75
N GLN C 6 17.50 14.57 -11.99
CA GLN C 6 16.85 15.15 -13.15
C GLN C 6 17.76 16.18 -13.80
N PRO C 7 17.63 16.37 -15.11
CA PRO C 7 18.42 17.41 -15.78
C PRO C 7 17.98 18.80 -15.34
N GLY C 8 18.91 19.75 -15.43
CA GLY C 8 18.63 21.11 -15.02
C GLY C 8 17.51 21.77 -15.81
N ALA C 9 17.75 22.04 -17.09
CA ALA C 9 16.76 22.67 -17.94
C ALA C 9 17.20 22.54 -19.40
N GLU C 10 16.24 22.75 -20.30
CA GLU C 10 16.53 22.77 -21.73
C GLU C 10 15.50 23.65 -22.42
N LEU C 11 15.85 24.13 -23.61
CA LEU C 11 14.98 24.99 -24.39
C LEU C 11 14.34 24.19 -25.53
N VAL C 12 13.04 24.37 -25.70
CA VAL C 12 12.27 23.66 -26.72
C VAL C 12 11.51 24.68 -27.56
N LYS C 13 11.67 24.58 -28.88
CA LYS C 13 10.91 25.44 -29.77
C LYS C 13 9.44 25.03 -29.77
N PRO C 14 8.53 25.97 -29.99
CA PRO C 14 7.10 25.61 -30.02
C PRO C 14 6.81 24.64 -31.15
N GLY C 15 5.91 23.69 -30.86
CA GLY C 15 5.55 22.67 -31.81
C GLY C 15 6.51 21.51 -31.93
N ALA C 16 7.59 21.50 -31.15
CA ALA C 16 8.57 20.42 -31.20
C ALA C 16 8.22 19.36 -30.17
N SER C 17 9.14 18.42 -29.95
CA SER C 17 8.96 17.36 -28.97
C SER C 17 10.19 17.27 -28.08
N VAL C 18 9.96 17.06 -26.79
CA VAL C 18 11.03 16.97 -25.79
C VAL C 18 10.81 15.72 -24.95
N LYS C 19 11.91 15.13 -24.50
CA LYS C 19 11.88 13.93 -23.68
C LYS C 19 12.51 14.23 -22.32
N MET C 20 11.82 13.86 -21.25
CA MET C 20 12.32 14.05 -19.90
C MET C 20 13.06 12.80 -19.44
N SER C 21 13.88 12.98 -18.39
CA SER C 21 14.62 11.89 -17.79
C SER C 21 14.60 12.02 -16.28
N CYS C 22 14.47 10.90 -15.59
CA CYS C 22 14.45 10.88 -14.13
C CYS C 22 15.15 9.59 -13.68
N LYS C 23 16.41 9.70 -13.30
CA LYS C 23 17.19 8.54 -12.87
C LYS C 23 16.99 8.31 -11.38
N ALA C 24 16.74 7.05 -11.02
CA ALA C 24 16.50 6.66 -9.64
C ALA C 24 17.63 5.77 -9.14
N SER C 25 17.99 5.94 -7.86
CA SER C 25 19.05 5.16 -7.26
C SER C 25 18.79 5.02 -5.77
N GLY C 26 19.43 4.02 -5.17
CA GLY C 26 19.29 3.76 -3.75
C GLY C 26 18.09 2.93 -3.36
N TYR C 27 17.26 2.51 -4.31
CA TYR C 27 16.07 1.71 -4.02
C TYR C 27 15.69 0.95 -5.27
N THR C 28 14.81 -0.05 -5.09
CA THR C 28 14.35 -0.89 -6.19
C THR C 28 13.52 -0.04 -7.16
N PHE C 29 14.05 0.14 -8.37
CA PHE C 29 13.35 0.92 -9.38
C PHE C 29 12.07 0.24 -9.84
N THR C 30 12.05 -1.09 -9.83
CA THR C 30 10.90 -1.83 -10.34
C THR C 30 9.71 -1.76 -9.38
N SER C 31 9.96 -1.83 -8.08
CA SER C 31 8.88 -1.97 -7.11
C SER C 31 8.06 -0.69 -6.98
N TYR C 32 8.73 0.46 -6.86
CA TYR C 32 8.02 1.70 -6.55
C TYR C 32 7.46 2.34 -7.83
N ASN C 33 6.49 3.23 -7.63
CA ASN C 33 5.87 3.93 -8.76
C ASN C 33 6.69 5.14 -9.15
N MET C 34 6.31 5.77 -10.27
CA MET C 34 7.10 6.82 -10.90
C MET C 34 6.22 8.03 -11.19
N HIS C 35 5.51 8.50 -10.16
CA HIS C 35 4.57 9.61 -10.31
C HIS C 35 5.26 10.88 -10.80
N TRP C 36 4.58 11.59 -11.71
CA TRP C 36 5.03 12.87 -12.24
C TRP C 36 4.00 13.94 -11.96
N VAL C 37 4.47 15.14 -11.61
CA VAL C 37 3.59 16.29 -11.36
C VAL C 37 4.14 17.49 -12.08
N LYS C 38 3.27 18.48 -12.31
CA LYS C 38 3.62 19.72 -12.98
C LYS C 38 3.14 20.88 -12.13
N GLN C 39 4.03 21.84 -11.89
CA GLN C 39 3.73 23.02 -11.08
C GLN C 39 3.79 24.28 -11.94
N THR C 40 2.74 25.08 -11.90
CA THR C 40 2.66 26.32 -12.63
C THR C 40 2.25 27.43 -11.66
N PRO C 41 2.99 28.54 -11.60
CA PRO C 41 2.61 29.62 -10.67
C PRO C 41 1.23 30.19 -10.94
N GLY C 42 0.80 30.23 -12.21
CA GLY C 42 -0.50 30.80 -12.52
C GLY C 42 -1.67 29.99 -11.98
N ARG C 43 -1.58 28.66 -12.08
CA ARG C 43 -2.70 27.79 -11.72
C ARG C 43 -2.30 26.72 -10.71
N GLY C 44 -1.21 26.93 -9.97
CA GLY C 44 -0.81 25.96 -8.96
C GLY C 44 -0.18 24.71 -9.57
N LEU C 45 -0.03 23.70 -8.72
CA LEU C 45 0.57 22.43 -9.11
C LEU C 45 -0.52 21.43 -9.40
N GLU C 46 -0.39 20.71 -10.51
CA GLU C 46 -1.40 19.76 -10.96
C GLU C 46 -0.75 18.45 -11.39
N TRP C 47 -1.52 17.38 -11.30
CA TRP C 47 -1.04 16.05 -11.69
C TRP C 47 -1.02 15.91 -13.20
N ILE C 48 -0.09 15.09 -13.70
CA ILE C 48 0.04 14.89 -15.14
C ILE C 48 -0.06 13.41 -15.47
N GLY C 49 0.28 12.55 -14.52
CA GLY C 49 0.18 11.12 -14.73
C GLY C 49 1.28 10.39 -13.97
N ALA C 50 1.29 9.07 -14.17
CA ALA C 50 2.27 8.21 -13.50
C ALA C 50 2.45 6.95 -14.34
N ILE C 51 3.56 6.26 -14.08
CA ILE C 51 3.93 5.05 -14.81
C ILE C 51 4.52 4.05 -13.82
N TYR C 52 4.17 2.78 -13.99
CA TYR C 52 4.70 1.72 -13.15
C TYR C 52 5.77 0.96 -13.91
N PRO C 53 7.05 1.05 -13.52
CA PRO C 53 8.09 0.31 -14.24
C PRO C 53 7.95 -1.20 -14.14
N GLY C 54 7.22 -1.71 -13.16
CA GLY C 54 7.11 -3.15 -13.00
C GLY C 54 6.41 -3.83 -14.16
N ASN C 55 5.30 -3.25 -14.61
CA ASN C 55 4.52 -3.83 -15.69
C ASN C 55 4.39 -2.92 -16.90
N GLY C 56 4.85 -1.68 -16.82
CA GLY C 56 4.73 -0.74 -17.91
C GLY C 56 3.38 -0.05 -18.02
N ASP C 57 2.46 -0.33 -17.10
CA ASP C 57 1.16 0.32 -17.12
C ASP C 57 1.30 1.80 -16.82
N THR C 58 0.47 2.61 -17.49
CA THR C 58 0.48 4.06 -17.31
C THR C 58 -0.93 4.54 -17.03
N SER C 59 -1.01 5.62 -16.24
CA SER C 59 -2.27 6.24 -15.89
C SER C 59 -2.17 7.74 -16.13
N TYR C 60 -3.26 8.33 -16.64
CA TYR C 60 -3.29 9.75 -16.97
C TYR C 60 -4.60 10.34 -16.47
N ASN C 61 -4.86 11.59 -16.87
CA ASN C 61 -6.10 12.28 -16.53
C ASN C 61 -6.73 12.82 -17.80
N GLN C 62 -8.05 12.98 -17.78
CA GLN C 62 -8.78 13.41 -18.97
C GLN C 62 -8.39 14.81 -19.42
N LYS C 63 -7.82 15.62 -18.53
CA LYS C 63 -7.41 16.97 -18.93
C LYS C 63 -6.28 16.93 -19.94
N PHE C 64 -5.21 16.18 -19.64
CA PHE C 64 -4.03 16.11 -20.49
C PHE C 64 -3.74 14.66 -20.88
N LYS C 65 -4.77 13.94 -21.31
CA LYS C 65 -4.60 12.52 -21.64
C LYS C 65 -3.65 12.32 -22.79
N GLY C 66 -3.78 13.12 -23.86
CA GLY C 66 -2.96 12.98 -25.03
C GLY C 66 -1.80 13.94 -25.16
N LYS C 67 -1.67 14.90 -24.24
CA LYS C 67 -0.59 15.88 -24.35
C LYS C 67 0.77 15.25 -24.11
N ALA C 68 0.86 14.32 -23.15
CA ALA C 68 2.13 13.73 -22.75
C ALA C 68 2.00 12.22 -22.69
N THR C 69 3.13 11.54 -22.88
CA THR C 69 3.22 10.10 -22.80
C THR C 69 4.39 9.70 -21.91
N LEU C 70 4.27 8.54 -21.27
CA LEU C 70 5.26 8.05 -20.34
C LEU C 70 5.79 6.69 -20.81
N THR C 71 7.10 6.51 -20.71
CA THR C 71 7.74 5.26 -21.08
C THR C 71 8.99 5.07 -20.23
N ALA C 72 9.08 3.94 -19.53
CA ALA C 72 10.18 3.67 -18.63
C ALA C 72 10.74 2.28 -18.91
N ASP C 73 12.04 2.13 -18.65
CA ASP C 73 12.74 0.86 -18.84
C ASP C 73 13.46 0.49 -17.55
N LYS C 74 13.41 -0.79 -17.19
CA LYS C 74 14.05 -1.27 -15.97
C LYS C 74 15.53 -1.57 -16.16
N SER C 75 16.04 -1.58 -17.39
CA SER C 75 17.44 -1.87 -17.61
C SER C 75 18.33 -0.75 -17.08
N SER C 76 18.01 0.49 -17.41
CA SER C 76 18.79 1.64 -16.96
C SER C 76 18.23 2.27 -15.68
N SER C 77 17.12 1.75 -15.15
CA SER C 77 16.49 2.29 -13.95
C SER C 77 16.14 3.76 -14.12
N THR C 78 15.68 4.13 -15.32
CA THR C 78 15.31 5.49 -15.63
C THR C 78 13.94 5.52 -16.29
N ALA C 79 13.22 6.62 -16.06
CA ALA C 79 11.89 6.83 -16.63
C ALA C 79 11.94 8.02 -17.56
N TYR C 80 11.35 7.86 -18.75
CA TYR C 80 11.35 8.89 -19.78
C TYR C 80 9.94 9.42 -19.99
N MET C 81 9.78 10.74 -19.91
CA MET C 81 8.53 11.41 -20.19
C MET C 81 8.68 12.23 -21.47
N GLN C 82 7.82 11.97 -22.45
CA GLN C 82 7.89 12.64 -23.75
C GLN C 82 6.70 13.57 -23.91
N LEU C 83 6.99 14.83 -24.25
CA LEU C 83 5.96 15.84 -24.47
C LEU C 83 5.73 16.04 -25.96
N SER C 84 4.46 16.22 -26.33
CA SER C 84 4.08 16.41 -27.72
C SER C 84 3.25 17.69 -27.85
N SER C 85 3.41 18.37 -28.98
CA SER C 85 2.69 19.61 -29.29
C SER C 85 2.93 20.66 -28.21
N LEU C 86 4.19 21.07 -28.10
CA LEU C 86 4.56 22.10 -27.14
C LEU C 86 3.88 23.43 -27.48
N THR C 87 3.47 24.15 -26.43
CA THR C 87 2.75 25.40 -26.58
C THR C 87 3.38 26.45 -25.67
N SER C 88 3.28 27.72 -26.07
CA SER C 88 3.83 28.80 -25.28
C SER C 88 3.23 28.87 -23.88
N GLU C 89 2.02 28.34 -23.69
CA GLU C 89 1.40 28.27 -22.38
C GLU C 89 1.79 27.02 -21.61
N ASP C 90 2.92 26.39 -21.97
CA ASP C 90 3.41 25.18 -21.31
C ASP C 90 4.85 25.43 -20.86
N SER C 91 5.05 26.57 -20.20
CA SER C 91 6.35 26.95 -19.66
C SER C 91 6.24 26.91 -18.14
N ALA C 92 6.60 25.76 -17.56
CA ALA C 92 6.46 25.55 -16.12
C ALA C 92 7.57 24.61 -15.66
N VAL C 93 7.43 24.07 -14.46
CA VAL C 93 8.41 23.18 -13.86
C VAL C 93 7.76 21.81 -13.68
N TYR C 94 8.43 20.78 -14.18
CA TYR C 94 7.95 19.40 -14.08
C TYR C 94 8.80 18.65 -13.05
N TYR C 95 8.14 18.05 -12.06
CA TYR C 95 8.82 17.33 -10.99
C TYR C 95 8.62 15.84 -11.15
N CYS C 96 9.59 15.07 -10.65
CA CYS C 96 9.56 13.61 -10.67
C CYS C 96 9.68 13.12 -9.23
N ALA C 97 8.57 12.60 -8.69
CA ALA C 97 8.52 12.16 -7.31
C ALA C 97 7.89 10.77 -7.23
N ARG C 98 8.55 9.87 -6.52
CA ARG C 98 8.00 8.53 -6.32
C ARG C 98 6.90 8.57 -5.26
N SER C 99 6.09 7.51 -5.25
CA SER C 99 4.99 7.38 -4.30
C SER C 99 5.08 6.04 -3.60
N THR C 100 4.81 6.04 -2.29
CA THR C 100 4.83 4.83 -1.49
C THR C 100 3.61 4.81 -0.58
N TYR C 101 3.18 3.61 -0.22
CA TYR C 101 2.04 3.40 0.67
C TYR C 101 2.57 3.46 2.10
N TYR C 102 2.67 4.68 2.62
CA TYR C 102 3.26 4.93 3.94
C TYR C 102 2.24 5.65 4.80
N GLY C 103 2.04 5.15 6.02
CA GLY C 103 1.14 5.77 6.97
C GLY C 103 -0.33 5.42 6.80
N GLY C 104 -0.66 4.51 5.89
CA GLY C 104 -2.04 4.11 5.66
C GLY C 104 -2.58 4.53 4.30
N ASP C 105 -1.85 5.36 3.57
CA ASP C 105 -2.27 5.79 2.24
C ASP C 105 -1.03 6.14 1.43
N TRP C 106 -1.24 6.42 0.15
CA TRP C 106 -0.13 6.77 -0.73
C TRP C 106 0.47 8.11 -0.31
N TYR C 107 1.80 8.16 -0.30
CA TYR C 107 2.52 9.32 0.21
C TYR C 107 3.81 9.51 -0.58
N PHE C 108 4.09 10.74 -0.96
CA PHE C 108 5.29 11.06 -1.74
C PHE C 108 6.49 11.08 -0.81
N ASN C 109 7.24 9.98 -0.80
CA ASN C 109 8.39 9.88 0.10
C ASN C 109 9.49 10.87 -0.30
N VAL C 110 9.88 10.87 -1.58
CA VAL C 110 10.95 11.72 -2.07
C VAL C 110 10.52 12.36 -3.37
N TRP C 111 11.14 13.51 -3.68
CA TRP C 111 10.86 14.27 -4.89
C TRP C 111 12.13 14.40 -5.72
N GLY C 112 12.05 15.18 -6.80
CA GLY C 112 13.18 15.41 -7.68
C GLY C 112 13.46 16.90 -7.84
N ALA C 113 14.63 17.18 -8.43
CA ALA C 113 15.03 18.57 -8.61
C ALA C 113 14.08 19.33 -9.52
N GLY C 114 13.65 18.70 -10.62
CA GLY C 114 12.73 19.36 -11.52
C GLY C 114 13.43 20.05 -12.67
N THR C 115 12.72 20.14 -13.79
CA THR C 115 13.24 20.79 -14.99
C THR C 115 12.41 22.03 -15.30
N THR C 116 13.08 23.15 -15.51
CA THR C 116 12.43 24.43 -15.83
C THR C 116 12.46 24.60 -17.35
N VAL C 117 11.45 24.04 -18.02
CA VAL C 117 11.41 24.11 -19.47
C VAL C 117 11.05 25.52 -19.93
N THR C 118 11.61 25.91 -21.07
CA THR C 118 11.34 27.22 -21.67
C THR C 118 10.88 27.01 -23.11
N VAL C 119 9.74 27.59 -23.46
CA VAL C 119 9.17 27.49 -24.81
C VAL C 119 9.20 28.89 -25.40
N SER C 120 10.17 29.15 -26.27
CA SER C 120 10.28 30.46 -26.91
C SER C 120 11.07 30.30 -28.21
N ALA C 121 10.70 31.09 -29.21
CA ALA C 121 11.36 31.05 -30.50
C ALA C 121 12.65 31.86 -30.53
N ALA C 122 12.95 32.62 -29.49
CA ALA C 122 14.17 33.41 -29.44
C ALA C 122 15.40 32.51 -29.37
N SER C 123 16.46 32.96 -30.01
CA SER C 123 17.71 32.21 -30.02
C SER C 123 18.44 32.36 -28.69
N THR C 124 19.42 31.48 -28.47
CA THR C 124 20.19 31.50 -27.23
C THR C 124 21.07 32.74 -27.18
N LYS C 125 21.02 33.45 -26.06
CA LYS C 125 21.82 34.66 -25.85
C LYS C 125 22.71 34.47 -24.63
N GLY C 126 23.97 34.85 -24.76
CA GLY C 126 24.92 34.73 -23.69
C GLY C 126 24.59 35.61 -22.51
N PRO C 127 24.96 35.16 -21.30
CA PRO C 127 24.67 35.97 -20.10
C PRO C 127 25.56 37.20 -20.00
N SER C 128 24.98 38.38 -20.22
CA SER C 128 25.70 39.64 -20.15
C SER C 128 25.64 40.15 -18.71
N VAL C 129 26.80 40.16 -18.04
CA VAL C 129 26.90 40.60 -16.65
C VAL C 129 27.71 41.89 -16.61
N PHE C 130 27.23 42.85 -15.82
CA PHE C 130 27.87 44.15 -15.70
C PHE C 130 28.14 44.46 -14.24
N PRO C 131 29.24 45.17 -13.96
CA PRO C 131 29.55 45.53 -12.58
C PRO C 131 28.67 46.67 -12.07
N LEU C 132 28.52 46.71 -10.74
CA LEU C 132 27.79 47.77 -10.05
C LEU C 132 28.73 48.36 -9.01
N ALA C 133 29.51 49.35 -9.41
CA ALA C 133 30.50 49.95 -8.53
C ALA C 133 29.82 50.89 -7.55
N PRO C 134 29.97 50.68 -6.24
CA PRO C 134 29.39 51.62 -5.27
C PRO C 134 30.06 52.99 -5.35
N SER C 135 29.31 54.02 -5.00
CA SER C 135 29.79 55.39 -5.02
C SER C 135 30.04 55.88 -3.60
N SER C 136 31.02 56.77 -3.47
CA SER C 136 31.37 57.35 -2.17
C SER C 136 30.42 58.51 -1.88
N LYS C 137 29.21 58.14 -1.46
CA LYS C 137 28.19 59.13 -1.14
C LYS C 137 28.46 59.77 0.22
N SER C 138 27.61 60.72 0.59
CA SER C 138 27.76 61.38 1.88
C SER C 138 27.58 60.42 3.04
N THR C 139 26.61 59.52 2.95
CA THR C 139 26.37 58.52 3.98
C THR C 139 27.40 57.41 3.84
N SER C 140 28.42 57.43 4.70
CA SER C 140 29.46 56.41 4.66
C SER C 140 28.89 55.03 4.97
N GLY C 141 28.37 54.87 6.18
CA GLY C 141 27.79 53.61 6.59
C GLY C 141 28.83 52.59 7.00
N GLY C 142 28.35 51.54 7.66
CA GLY C 142 29.23 50.46 8.10
C GLY C 142 29.20 49.27 7.16
N THR C 143 28.30 49.29 6.19
CA THR C 143 28.14 48.21 5.22
C THR C 143 28.02 48.79 3.83
N ALA C 144 28.39 47.97 2.83
CA ALA C 144 28.32 48.36 1.44
C ALA C 144 27.68 47.23 0.64
N ALA C 145 27.07 47.59 -0.49
CA ALA C 145 26.38 46.65 -1.36
C ALA C 145 27.12 46.53 -2.68
N LEU C 146 27.45 45.28 -3.05
CA LEU C 146 28.11 44.98 -4.31
C LEU C 146 27.21 44.07 -5.14
N GLY C 147 26.95 44.47 -6.38
CA GLY C 147 26.06 43.72 -7.24
C GLY C 147 26.67 43.50 -8.61
N CYS C 148 26.12 42.51 -9.31
CA CYS C 148 26.52 42.17 -10.68
C CYS C 148 25.24 41.98 -11.49
N LEU C 149 24.78 43.06 -12.12
CA LEU C 149 23.54 43.01 -12.87
C LEU C 149 23.70 42.16 -14.13
N VAL C 150 22.74 41.27 -14.37
CA VAL C 150 22.73 40.40 -15.53
C VAL C 150 21.44 40.68 -16.30
N LYS C 151 21.57 41.01 -17.58
CA LYS C 151 20.42 41.33 -18.41
C LYS C 151 20.69 40.88 -19.84
N ASP C 152 19.61 40.74 -20.61
CA ASP C 152 19.68 40.30 -22.00
C ASP C 152 20.37 38.94 -22.12
N TYR C 153 19.75 37.94 -21.49
CA TYR C 153 20.29 36.59 -21.46
C TYR C 153 19.17 35.59 -21.70
N PHE C 154 19.56 34.39 -22.11
CA PHE C 154 18.61 33.31 -22.39
C PHE C 154 19.32 31.97 -22.20
N PRO C 155 18.69 31.00 -21.54
CA PRO C 155 17.35 31.09 -20.93
C PRO C 155 17.38 31.55 -19.48
N GLU C 156 16.24 31.38 -18.79
CA GLU C 156 16.11 31.82 -17.40
C GLU C 156 17.13 31.18 -16.46
N PRO C 157 17.36 29.86 -16.48
CA PRO C 157 18.27 29.27 -15.48
C PRO C 157 19.67 29.86 -15.56
N VAL C 158 20.08 30.52 -14.48
CA VAL C 158 21.42 31.09 -14.37
C VAL C 158 21.76 31.18 -12.88
N THR C 159 23.01 30.89 -12.56
CA THR C 159 23.49 30.92 -11.18
C THR C 159 24.57 31.97 -11.05
N VAL C 160 24.42 32.86 -10.06
CA VAL C 160 25.38 33.92 -9.78
C VAL C 160 25.98 33.65 -8.40
N SER C 161 27.29 33.51 -8.34
CA SER C 161 28.01 33.22 -7.11
C SER C 161 28.94 34.40 -6.78
N TRP C 162 29.67 34.25 -5.69
CA TRP C 162 30.62 35.27 -5.24
C TRP C 162 31.82 34.57 -4.62
N ASN C 163 33.00 34.80 -5.20
CA ASN C 163 34.24 34.18 -4.75
C ASN C 163 34.13 32.66 -4.73
N SER C 164 33.51 32.11 -5.77
CA SER C 164 33.32 30.66 -5.91
C SER C 164 32.57 30.08 -4.70
N GLY C 165 31.52 30.76 -4.27
CA GLY C 165 30.71 30.29 -3.17
C GLY C 165 31.27 30.58 -1.78
N ALA C 166 32.35 31.34 -1.68
CA ALA C 166 32.91 31.66 -0.37
C ALA C 166 31.95 32.49 0.46
N LEU C 167 31.27 33.45 -0.16
CA LEU C 167 30.33 34.32 0.52
C LEU C 167 28.91 33.83 0.25
N THR C 168 28.17 33.55 1.32
CA THR C 168 26.80 33.09 1.23
C THR C 168 25.80 34.00 1.92
N SER C 169 26.14 34.50 3.11
CA SER C 169 25.23 35.37 3.84
C SER C 169 25.17 36.76 3.22
N GLY C 170 24.04 37.44 3.42
CA GLY C 170 23.86 38.78 2.91
C GLY C 170 23.54 38.87 1.44
N VAL C 171 23.24 37.76 0.78
CA VAL C 171 22.93 37.74 -0.64
C VAL C 171 21.45 38.01 -0.82
N HIS C 172 21.10 38.64 -1.95
CA HIS C 172 19.72 38.98 -2.30
C HIS C 172 19.51 38.61 -3.77
N THR C 173 18.98 37.42 -4.00
CA THR C 173 18.72 36.94 -5.35
C THR C 173 17.39 37.51 -5.84
N PHE C 174 17.44 38.32 -6.89
CA PHE C 174 16.25 38.96 -7.43
C PHE C 174 15.71 38.15 -8.60
N PRO C 175 14.48 37.63 -8.52
CA PRO C 175 13.94 36.87 -9.65
C PRO C 175 13.85 37.71 -10.91
N ALA C 176 14.09 37.06 -12.05
CA ALA C 176 14.06 37.75 -13.33
C ALA C 176 12.62 38.06 -13.75
N VAL C 177 12.49 39.06 -14.61
CA VAL C 177 11.21 39.48 -15.15
C VAL C 177 11.29 39.46 -16.67
N LEU C 178 10.24 38.93 -17.31
CA LEU C 178 10.21 38.85 -18.76
C LEU C 178 10.07 40.25 -19.38
N GLN C 179 10.82 40.50 -20.43
CA GLN C 179 10.76 41.76 -21.14
C GLN C 179 9.74 41.68 -22.28
N SER C 180 9.50 42.83 -22.93
CA SER C 180 8.54 42.86 -24.03
C SER C 180 9.02 42.02 -25.22
N SER C 181 10.31 42.10 -25.54
CA SER C 181 10.86 41.38 -26.68
C SER C 181 10.99 39.88 -26.43
N GLY C 182 10.92 39.44 -25.18
CA GLY C 182 11.04 38.02 -24.87
C GLY C 182 12.38 37.65 -24.27
N LEU C 183 12.92 38.53 -23.43
CA LEU C 183 14.21 38.32 -22.79
C LEU C 183 14.07 38.52 -21.29
N TYR C 184 14.99 37.92 -20.54
CA TYR C 184 14.97 37.96 -19.09
C TYR C 184 16.05 38.90 -18.57
N SER C 185 15.84 39.39 -17.34
CA SER C 185 16.78 40.30 -16.70
C SER C 185 16.59 40.19 -15.20
N LEU C 186 17.68 39.90 -14.47
CA LEU C 186 17.64 39.75 -13.03
C LEU C 186 18.80 40.52 -12.41
N SER C 187 18.91 40.45 -11.08
CA SER C 187 19.99 41.12 -10.37
C SER C 187 20.35 40.31 -9.13
N SER C 188 21.56 40.55 -8.64
CA SER C 188 22.04 39.87 -7.43
C SER C 188 23.01 40.80 -6.72
N VAL C 189 22.74 41.06 -5.44
CA VAL C 189 23.56 41.97 -4.65
C VAL C 189 23.91 41.28 -3.32
N VAL C 190 25.05 41.65 -2.77
CA VAL C 190 25.53 41.12 -1.50
C VAL C 190 25.97 42.29 -0.62
N THR C 191 25.67 42.20 0.67
CA THR C 191 26.03 43.24 1.63
C THR C 191 27.32 42.86 2.34
N VAL C 192 28.32 43.72 2.23
CA VAL C 192 29.63 43.47 2.86
C VAL C 192 30.07 44.74 3.57
N PRO C 193 30.87 44.64 4.64
CA PRO C 193 31.35 45.85 5.30
C PRO C 193 32.24 46.69 4.39
N SER C 194 32.15 48.01 4.56
CA SER C 194 32.93 48.93 3.74
C SER C 194 34.40 48.96 4.14
N SER C 195 34.73 48.53 5.36
CA SER C 195 36.12 48.55 5.80
C SER C 195 36.97 47.54 5.04
N SER C 196 36.40 46.41 4.66
CA SER C 196 37.12 45.36 3.94
C SER C 196 37.02 45.52 2.42
N LEU C 197 36.41 46.60 1.94
CA LEU C 197 36.28 46.80 0.50
C LEU C 197 37.65 46.94 -0.17
N GLY C 198 38.55 47.69 0.45
CA GLY C 198 39.86 47.93 -0.11
C GLY C 198 40.88 46.82 0.09
N THR C 199 40.54 45.78 0.85
CA THR C 199 41.45 44.67 1.12
C THR C 199 40.97 43.36 0.50
N GLN C 200 39.75 42.95 0.81
CA GLN C 200 39.22 41.69 0.30
C GLN C 200 38.64 41.91 -1.10
N THR C 201 39.00 41.03 -2.03
CA THR C 201 38.48 41.10 -3.38
C THR C 201 37.08 40.50 -3.45
N TYR C 202 36.28 40.99 -4.39
CA TYR C 202 34.90 40.52 -4.59
C TYR C 202 34.68 40.32 -6.07
N ILE C 203 34.48 39.07 -6.48
CA ILE C 203 34.27 38.71 -7.88
C ILE C 203 33.00 37.87 -7.98
N CYS C 204 32.24 38.09 -9.05
CA CYS C 204 31.03 37.33 -9.33
C CYS C 204 31.26 36.45 -10.55
N ASN C 205 31.03 35.15 -10.39
CA ASN C 205 31.25 34.17 -11.44
C ASN C 205 29.89 33.66 -11.92
N VAL C 206 29.41 34.20 -13.03
CA VAL C 206 28.15 33.77 -13.62
C VAL C 206 28.37 32.45 -14.35
N ASN C 207 27.46 31.51 -14.15
CA ASN C 207 27.54 30.19 -14.77
C ASN C 207 26.33 29.98 -15.68
N HIS C 208 26.59 29.55 -16.91
CA HIS C 208 25.54 29.27 -17.89
C HIS C 208 25.76 27.87 -18.42
N LYS C 209 24.82 26.96 -18.13
CA LYS C 209 24.94 25.57 -18.53
C LYS C 209 24.57 25.35 -20.00
N PRO C 210 23.44 25.86 -20.50
CA PRO C 210 23.08 25.59 -21.91
C PRO C 210 24.12 26.07 -22.90
N SER C 211 24.77 27.20 -22.63
CA SER C 211 25.75 27.76 -23.56
C SER C 211 27.19 27.55 -23.13
N ASN C 212 27.41 26.93 -21.97
CA ASN C 212 28.76 26.67 -21.44
C ASN C 212 29.57 27.96 -21.36
N THR C 213 28.93 29.03 -20.92
CA THR C 213 29.56 30.34 -20.81
C THR C 213 29.78 30.66 -19.34
N LYS C 214 31.05 30.83 -18.97
CA LYS C 214 31.42 31.16 -17.60
C LYS C 214 32.30 32.42 -17.63
N VAL C 215 31.88 33.45 -16.91
CA VAL C 215 32.60 34.72 -16.86
C VAL C 215 32.88 35.05 -15.40
N ASP C 216 34.14 35.34 -15.09
CA ASP C 216 34.57 35.70 -13.74
C ASP C 216 35.12 37.14 -13.75
N LYS C 217 34.22 38.10 -13.61
CA LYS C 217 34.56 39.51 -13.62
C LYS C 217 34.76 40.02 -12.19
N LYS C 218 35.46 41.15 -12.09
CA LYS C 218 35.79 41.77 -10.82
C LYS C 218 35.14 43.14 -10.72
N VAL C 219 34.50 43.41 -9.60
CA VAL C 219 33.87 44.71 -9.32
C VAL C 219 34.67 45.40 -8.23
N GLU C 220 34.92 46.69 -8.41
CA GLU C 220 35.71 47.46 -7.47
C GLU C 220 34.97 48.74 -7.07
N PRO C 221 35.04 49.12 -5.80
CA PRO C 221 34.31 50.32 -5.35
C PRO C 221 34.88 51.58 -5.98
N LYS C 222 33.98 52.53 -6.24
CA LYS C 222 34.34 53.80 -6.88
C LYS C 222 34.23 54.92 -5.87
N SER C 223 35.27 55.77 -5.81
CA SER C 223 35.30 56.91 -4.91
C SER C 223 34.88 58.16 -5.69
N CYS C 224 33.70 58.68 -5.39
CA CYS C 224 33.19 59.86 -6.08
C CYS C 224 33.52 61.13 -5.30
N GLN D 1 -12.94 14.27 -10.29
CA GLN D 1 -12.02 15.31 -9.85
C GLN D 1 -12.57 16.04 -8.63
N ILE D 2 -11.73 16.19 -7.61
CA ILE D 2 -12.11 16.87 -6.37
C ILE D 2 -11.24 18.11 -6.24
N VAL D 3 -11.88 19.27 -6.12
CA VAL D 3 -11.18 20.54 -6.00
C VAL D 3 -10.93 20.84 -4.53
N LEU D 4 -9.73 21.33 -4.23
CA LEU D 4 -9.33 21.66 -2.87
C LEU D 4 -9.02 23.15 -2.79
N SER D 5 -9.65 23.84 -1.84
CA SER D 5 -9.45 25.27 -1.62
C SER D 5 -9.05 25.51 -0.17
N GLN D 6 -8.06 26.37 0.02
CA GLN D 6 -7.56 26.70 1.36
C GLN D 6 -7.45 28.21 1.50
N SER D 7 -7.79 28.70 2.69
CA SER D 7 -7.80 30.12 2.99
C SER D 7 -7.12 30.37 4.33
N PRO D 8 -6.51 31.54 4.53
CA PRO D 8 -6.34 32.60 3.52
C PRO D 8 -5.21 32.32 2.53
N ALA D 9 -5.23 32.99 1.38
CA ALA D 9 -4.18 32.80 0.40
C ALA D 9 -2.83 33.23 0.93
N ILE D 10 -2.78 34.38 1.61
CA ILE D 10 -1.56 34.89 2.22
C ILE D 10 -1.90 35.39 3.62
N LEU D 11 -1.11 34.97 4.61
CA LEU D 11 -1.29 35.38 5.98
C LEU D 11 0.05 35.74 6.59
N SER D 12 0.05 36.71 7.49
CA SER D 12 1.25 37.16 8.19
C SER D 12 1.11 36.85 9.67
N ALA D 13 2.08 36.12 10.22
CA ALA D 13 2.07 35.72 11.61
C ALA D 13 3.33 36.23 12.31
N SER D 14 3.15 36.80 13.49
CA SER D 14 4.29 37.27 14.27
C SER D 14 5.09 36.09 14.81
N PRO D 15 6.41 36.25 14.95
CA PRO D 15 7.22 35.15 15.49
C PRO D 15 6.84 34.82 16.92
N GLY D 16 6.91 33.55 17.25
CA GLY D 16 6.53 33.09 18.58
C GLY D 16 5.06 33.27 18.91
N GLU D 17 4.18 33.04 17.93
CA GLU D 17 2.75 33.18 18.13
C GLU D 17 2.03 32.06 17.40
N LYS D 18 0.98 31.53 18.02
CA LYS D 18 0.22 30.45 17.42
C LYS D 18 -0.53 30.94 16.18
N VAL D 19 -0.50 30.15 15.13
CA VAL D 19 -1.19 30.46 13.87
C VAL D 19 -1.78 29.18 13.32
N THR D 20 -2.97 29.28 12.73
CA THR D 20 -3.67 28.12 12.20
C THR D 20 -4.25 28.44 10.83
N MET D 21 -4.06 27.53 9.88
CA MET D 21 -4.63 27.64 8.55
C MET D 21 -5.54 26.45 8.29
N THR D 22 -6.58 26.68 7.48
CA THR D 22 -7.59 25.67 7.21
C THR D 22 -7.55 25.29 5.73
N CYS D 23 -7.82 24.01 5.46
CA CYS D 23 -7.90 23.49 4.10
C CYS D 23 -9.20 22.68 3.97
N ARG D 24 -10.19 23.27 3.32
CA ARG D 24 -11.46 22.61 3.08
C ARG D 24 -11.47 21.96 1.70
N ALA D 25 -12.38 21.01 1.52
CA ALA D 25 -12.49 20.28 0.27
C ALA D 25 -13.97 20.16 -0.12
N SER D 26 -14.20 20.04 -1.43
CA SER D 26 -15.55 19.86 -1.94
C SER D 26 -16.12 18.48 -1.62
N SER D 27 -15.30 17.55 -1.15
CA SER D 27 -15.76 16.21 -0.80
C SER D 27 -15.00 15.74 0.43
N SER D 28 -15.60 14.76 1.12
CA SER D 28 -15.00 14.18 2.32
C SER D 28 -13.90 13.24 1.90
N VAL D 29 -12.67 13.76 1.84
CA VAL D 29 -11.51 12.94 1.49
C VAL D 29 -11.09 12.10 2.69
N SER D 30 -10.63 10.87 2.42
CA SER D 30 -10.25 9.97 3.48
C SER D 30 -9.07 10.51 4.28
N TYR D 31 -8.05 11.01 3.58
CA TYR D 31 -6.86 11.54 4.23
C TYR D 31 -6.40 12.78 3.49
N ILE D 32 -5.59 13.59 4.17
CA ILE D 32 -5.06 14.82 3.60
C ILE D 32 -3.54 14.81 3.76
N HIS D 33 -2.87 15.54 2.88
CA HIS D 33 -1.41 15.64 2.89
C HIS D 33 -1.00 17.09 2.76
N TRP D 34 0.03 17.48 3.51
CA TRP D 34 0.54 18.85 3.52
C TRP D 34 1.99 18.84 3.08
N PHE D 35 2.30 19.68 2.09
CA PHE D 35 3.66 19.82 1.58
C PHE D 35 4.06 21.29 1.59
N GLN D 36 5.36 21.53 1.80
CA GLN D 36 5.91 22.87 1.74
C GLN D 36 7.05 22.90 0.73
N GLN D 37 7.22 24.05 0.08
CA GLN D 37 8.27 24.23 -0.91
C GLN D 37 9.02 25.52 -0.65
N LYS D 38 10.30 25.51 -0.97
CA LYS D 38 11.19 26.66 -0.86
C LYS D 38 11.59 27.16 -2.24
N PRO D 39 11.95 28.43 -2.37
CA PRO D 39 12.35 28.94 -3.69
C PRO D 39 13.54 28.18 -4.25
N GLY D 40 13.46 27.86 -5.55
CA GLY D 40 14.51 27.09 -6.19
C GLY D 40 14.70 25.71 -5.59
N SER D 41 13.62 25.08 -5.15
CA SER D 41 13.71 23.77 -4.52
C SER D 41 12.40 23.02 -4.72
N SER D 42 12.48 21.70 -4.58
CA SER D 42 11.31 20.84 -4.71
C SER D 42 10.44 20.92 -3.45
N PRO D 43 9.14 20.65 -3.56
CA PRO D 43 8.28 20.65 -2.37
C PRO D 43 8.55 19.46 -1.48
N LYS D 44 9.21 19.70 -0.35
CA LYS D 44 9.52 18.63 0.58
C LYS D 44 8.25 18.18 1.32
N PRO D 45 8.01 16.88 1.46
CA PRO D 45 6.83 16.44 2.22
C PRO D 45 6.91 16.89 3.67
N TRP D 46 5.77 17.29 4.21
CA TRP D 46 5.70 17.85 5.55
C TRP D 46 4.83 17.04 6.50
N ILE D 47 3.58 16.77 6.14
CA ILE D 47 2.64 16.04 6.99
C ILE D 47 1.94 14.99 6.14
N TYR D 48 1.84 13.77 6.69
CA TYR D 48 1.16 12.67 6.03
C TYR D 48 0.16 12.04 6.99
N ALA D 49 -0.89 11.44 6.42
CA ALA D 49 -1.94 10.73 7.14
C ALA D 49 -2.75 11.63 8.07
N THR D 50 -2.63 12.95 7.91
CA THR D 50 -3.47 13.94 8.57
C THR D 50 -3.16 14.02 10.07
N SER D 51 -2.34 13.11 10.58
CA SER D 51 -2.00 13.12 12.00
C SER D 51 -0.53 12.90 12.30
N ASN D 52 0.25 12.31 11.40
CA ASN D 52 1.65 12.02 11.65
C ASN D 52 2.54 13.12 11.07
N LEU D 53 3.84 12.99 11.31
CA LEU D 53 4.82 13.97 10.88
C LEU D 53 5.96 13.28 10.16
N ALA D 54 6.42 13.90 9.07
CA ALA D 54 7.52 13.35 8.29
C ALA D 54 8.85 13.54 9.01
N SER D 55 9.87 12.85 8.53
CA SER D 55 11.20 12.94 9.12
C SER D 55 11.78 14.33 8.91
N GLY D 56 12.54 14.80 9.92
CA GLY D 56 13.16 16.10 9.85
C GLY D 56 12.23 17.28 10.06
N VAL D 57 11.17 17.11 10.83
CA VAL D 57 10.19 18.17 11.06
C VAL D 57 10.36 18.68 12.49
N PRO D 58 10.16 19.98 12.74
CA PRO D 58 10.11 20.45 14.12
C PRO D 58 8.89 19.92 14.85
N VAL D 59 9.05 19.76 16.17
CA VAL D 59 7.97 19.24 17.00
C VAL D 59 6.81 20.21 17.13
N ARG D 60 7.02 21.48 16.80
CA ARG D 60 5.97 22.48 16.97
C ARG D 60 4.76 22.18 16.08
N PHE D 61 5.01 21.75 14.85
CA PHE D 61 3.91 21.48 13.92
C PHE D 61 3.09 20.28 14.37
N SER D 62 1.78 20.39 14.20
CA SER D 62 0.86 19.30 14.57
C SER D 62 -0.40 19.45 13.74
N GLY D 63 -0.59 18.55 12.78
CA GLY D 63 -1.78 18.57 11.95
C GLY D 63 -2.91 17.75 12.54
N SER D 64 -4.14 18.22 12.34
CA SER D 64 -5.31 17.56 12.88
C SER D 64 -6.50 17.86 11.96
N GLY D 65 -7.69 17.54 12.43
CA GLY D 65 -8.90 17.76 11.67
C GLY D 65 -9.44 16.48 11.07
N SER D 66 -10.76 16.44 10.90
CA SER D 66 -11.42 15.27 10.35
C SER D 66 -12.62 15.72 9.52
N GLY D 67 -13.03 14.85 8.58
CA GLY D 67 -14.15 15.16 7.72
C GLY D 67 -13.75 15.94 6.48
N THR D 68 -14.55 16.95 6.14
CA THR D 68 -14.28 17.78 4.98
C THR D 68 -13.42 19.00 5.31
N SER D 69 -13.07 19.21 6.57
CA SER D 69 -12.26 20.33 7.00
C SER D 69 -11.01 19.83 7.70
N TYR D 70 -9.86 20.33 7.27
CA TYR D 70 -8.57 20.01 7.88
C TYR D 70 -7.81 21.29 8.15
N SER D 71 -7.10 21.31 9.28
CA SER D 71 -6.39 22.51 9.71
C SER D 71 -4.96 22.16 10.09
N LEU D 72 -4.07 23.13 9.90
CA LEU D 72 -2.66 23.01 10.28
C LEU D 72 -2.39 23.97 11.43
N THR D 73 -1.82 23.44 12.51
CA THR D 73 -1.57 24.22 13.72
C THR D 73 -0.06 24.31 13.96
N ILE D 74 0.42 25.51 14.26
CA ILE D 74 1.82 25.76 14.57
C ILE D 74 1.90 26.28 15.99
N SER D 75 2.67 25.58 16.83
CA SER D 75 2.82 26.00 18.22
C SER D 75 3.55 27.34 18.32
N ARG D 76 4.66 27.47 17.59
CA ARG D 76 5.45 28.70 17.62
C ARG D 76 6.08 28.86 16.23
N VAL D 77 5.54 29.78 15.44
CA VAL D 77 6.04 30.04 14.10
C VAL D 77 7.27 30.93 14.18
N GLU D 78 8.27 30.64 13.35
CA GLU D 78 9.52 31.39 13.31
C GLU D 78 9.82 31.78 11.88
N ALA D 79 10.91 32.52 11.69
CA ALA D 79 11.30 32.96 10.36
C ALA D 79 11.81 31.83 9.49
N GLU D 80 12.17 30.69 10.09
CA GLU D 80 12.65 29.55 9.31
C GLU D 80 11.54 28.93 8.46
N ASP D 81 10.27 29.24 8.75
CA ASP D 81 9.13 28.64 8.06
C ASP D 81 8.57 29.54 6.97
N ALA D 82 9.38 30.48 6.47
CA ALA D 82 8.92 31.41 5.44
C ALA D 82 8.87 30.68 4.11
N ALA D 83 7.73 30.02 3.86
CA ALA D 83 7.52 29.24 2.65
C ALA D 83 6.03 29.16 2.38
N THR D 84 5.65 28.38 1.38
CA THR D 84 4.25 28.19 1.01
C THR D 84 3.84 26.74 1.27
N TYR D 85 2.66 26.56 1.85
CA TYR D 85 2.17 25.24 2.24
C TYR D 85 1.09 24.80 1.25
N TYR D 86 1.19 23.55 0.80
CA TYR D 86 0.28 22.99 -0.19
C TYR D 86 -0.57 21.90 0.44
N CYS D 87 -1.83 21.83 0.03
CA CYS D 87 -2.79 20.85 0.51
C CYS D 87 -3.01 19.80 -0.57
N GLN D 88 -2.81 18.54 -0.22
CA GLN D 88 -2.90 17.44 -1.18
C GLN D 88 -3.76 16.32 -0.62
N GLN D 89 -4.47 15.64 -1.52
CA GLN D 89 -5.33 14.52 -1.16
C GLN D 89 -5.06 13.35 -2.09
N TRP D 90 -5.54 12.17 -1.69
CA TRP D 90 -5.33 10.96 -2.47
C TRP D 90 -6.59 10.12 -2.61
N THR D 91 -7.76 10.67 -2.29
CA THR D 91 -8.98 9.86 -2.29
C THR D 91 -9.44 9.53 -3.71
N SER D 92 -9.45 10.51 -4.60
CA SER D 92 -10.04 10.36 -5.91
C SER D 92 -9.03 10.66 -7.01
N ASN D 93 -9.09 9.86 -8.08
CA ASN D 93 -8.27 10.09 -9.26
C ASN D 93 -8.88 11.20 -10.10
N PRO D 94 -8.13 12.26 -10.46
CA PRO D 94 -6.73 12.47 -10.08
C PRO D 94 -6.56 13.31 -8.82
N PRO D 95 -5.46 13.12 -8.10
CA PRO D 95 -5.18 13.98 -6.94
C PRO D 95 -5.01 15.43 -7.37
N THR D 96 -5.51 16.35 -6.56
CA THR D 96 -5.45 17.77 -6.85
C THR D 96 -4.80 18.50 -5.68
N PHE D 97 -3.81 19.32 -5.99
CA PHE D 97 -3.11 20.08 -4.96
C PHE D 97 -3.87 21.34 -4.61
N GLY D 98 -3.53 21.92 -3.46
CA GLY D 98 -4.18 23.12 -2.98
C GLY D 98 -3.61 24.38 -3.60
N GLY D 99 -4.14 25.51 -3.15
CA GLY D 99 -3.70 26.81 -3.64
C GLY D 99 -2.35 27.23 -3.10
N GLY D 100 -2.28 27.42 -1.78
CA GLY D 100 -1.03 27.77 -1.13
C GLY D 100 -1.16 28.94 -0.16
N THR D 101 -0.74 28.71 1.09
CA THR D 101 -0.66 29.76 2.10
C THR D 101 0.78 30.21 2.22
N LYS D 102 1.07 31.44 1.84
CA LYS D 102 2.42 32.00 1.92
C LYS D 102 2.60 32.62 3.30
N LEU D 103 3.39 31.95 4.14
CA LEU D 103 3.63 32.46 5.49
C LEU D 103 4.48 33.73 5.43
N GLU D 104 4.15 34.68 6.28
CA GLU D 104 4.86 35.95 6.37
C GLU D 104 5.16 36.27 7.83
N ILE D 105 6.34 36.83 8.06
CA ILE D 105 6.78 37.19 9.41
C ILE D 105 6.37 38.63 9.68
N LYS D 106 5.58 38.83 10.74
CA LYS D 106 5.06 40.14 11.11
C LYS D 106 5.83 40.64 12.33
N ARG D 107 6.91 41.37 12.07
CA ARG D 107 7.70 42.01 13.11
C ARG D 107 7.57 43.52 12.99
N THR D 108 8.35 44.25 13.79
CA THR D 108 8.31 45.70 13.77
C THR D 108 8.79 46.23 12.41
N VAL D 109 8.25 47.39 12.04
CA VAL D 109 8.60 47.98 10.75
C VAL D 109 10.03 48.51 10.79
N ALA D 110 10.62 48.65 9.61
CA ALA D 110 11.98 49.14 9.46
C ALA D 110 12.04 50.21 8.38
N ALA D 111 12.94 51.17 8.58
CA ALA D 111 13.12 52.25 7.62
C ALA D 111 14.00 51.78 6.47
N PRO D 112 13.53 51.83 5.23
CA PRO D 112 14.36 51.36 4.11
C PRO D 112 15.58 52.25 3.89
N SER D 113 16.63 51.63 3.36
CA SER D 113 17.86 52.32 2.99
C SER D 113 18.01 52.28 1.48
N VAL D 114 18.33 53.43 0.90
CA VAL D 114 18.42 53.57 -0.55
C VAL D 114 19.88 53.58 -0.97
N PHE D 115 20.19 52.79 -2.01
CA PHE D 115 21.53 52.74 -2.60
C PHE D 115 21.39 52.82 -4.11
N ILE D 116 22.21 53.67 -4.73
CA ILE D 116 22.17 53.88 -6.16
C ILE D 116 23.54 53.52 -6.75
N PHE D 117 23.52 52.75 -7.83
CA PHE D 117 24.75 52.29 -8.48
C PHE D 117 24.86 52.89 -9.88
N PRO D 118 25.77 53.84 -10.11
CA PRO D 118 25.91 54.41 -11.45
C PRO D 118 26.39 53.35 -12.44
N PRO D 119 25.97 53.44 -13.69
CA PRO D 119 26.43 52.46 -14.69
C PRO D 119 27.92 52.57 -14.95
N SER D 120 28.52 51.44 -15.28
CA SER D 120 29.95 51.38 -15.56
C SER D 120 30.23 51.77 -17.01
N ASP D 121 31.52 51.97 -17.31
CA ASP D 121 31.91 52.35 -18.66
C ASP D 121 31.65 51.23 -19.67
N GLU D 122 31.81 49.98 -19.25
CA GLU D 122 31.58 48.86 -20.16
C GLU D 122 30.10 48.76 -20.55
N GLN D 123 29.19 49.21 -19.69
CA GLN D 123 27.78 49.24 -20.05
C GLN D 123 27.54 50.20 -21.20
N LEU D 124 28.14 51.39 -21.13
CA LEU D 124 28.01 52.35 -22.23
C LEU D 124 28.70 51.86 -23.49
N LYS D 125 29.88 51.24 -23.35
CA LYS D 125 30.60 50.73 -24.51
C LYS D 125 29.89 49.55 -25.15
N SER D 126 29.05 48.83 -24.40
CA SER D 126 28.30 47.72 -24.99
C SER D 126 27.24 48.24 -25.95
N GLY D 127 26.58 49.34 -25.62
CA GLY D 127 25.55 49.90 -26.46
C GLY D 127 24.25 50.17 -25.73
N THR D 128 24.27 50.02 -24.40
CA THR D 128 23.07 50.24 -23.60
C THR D 128 23.40 51.05 -22.34
N ALA D 129 22.41 51.21 -21.47
CA ALA D 129 22.60 51.93 -20.21
C ALA D 129 21.64 51.36 -19.18
N SER D 130 22.11 51.24 -17.94
CA SER D 130 21.29 50.67 -16.87
C SER D 130 21.79 51.19 -15.54
N VAL D 131 20.91 51.80 -14.76
CA VAL D 131 21.21 52.27 -13.41
C VAL D 131 20.31 51.52 -12.44
N VAL D 132 20.90 51.05 -11.34
CA VAL D 132 20.22 50.19 -10.38
C VAL D 132 20.05 50.94 -9.07
N CYS D 133 18.83 50.96 -8.56
CA CYS D 133 18.50 51.52 -7.25
C CYS D 133 18.16 50.38 -6.30
N LEU D 134 18.76 50.38 -5.12
CA LEU D 134 18.62 49.29 -4.17
C LEU D 134 17.63 49.64 -3.08
N LEU D 135 16.70 48.72 -2.81
CA LEU D 135 15.73 48.85 -1.74
C LEU D 135 15.88 47.64 -0.82
N ASN D 136 15.93 47.90 0.49
CA ASN D 136 16.14 46.83 1.46
C ASN D 136 15.53 47.25 2.80
N ASN D 137 15.38 46.27 3.68
CA ASN D 137 14.86 46.42 5.05
C ASN D 137 13.68 47.38 5.10
N PHE D 138 12.61 47.00 4.39
CA PHE D 138 11.37 47.75 4.39
C PHE D 138 10.20 46.80 4.56
N TYR D 139 9.11 47.34 5.13
CA TYR D 139 7.89 46.59 5.37
C TYR D 139 6.75 47.59 5.49
N PRO D 140 5.58 47.31 4.89
CA PRO D 140 5.23 46.11 4.12
C PRO D 140 5.77 46.10 2.69
N ARG D 141 5.13 45.29 1.84
CA ARG D 141 5.61 45.10 0.47
C ARG D 141 5.59 46.41 -0.32
N GLU D 142 4.53 47.21 -0.15
CA GLU D 142 4.38 48.42 -0.94
C GLU D 142 5.52 49.39 -0.68
N ALA D 143 6.12 49.90 -1.77
CA ALA D 143 7.22 50.86 -1.66
C ALA D 143 7.20 51.70 -2.94
N LYS D 144 6.65 52.91 -2.85
CA LYS D 144 6.54 53.78 -4.01
C LYS D 144 7.92 54.31 -4.41
N VAL D 145 8.16 54.37 -5.71
CA VAL D 145 9.41 54.90 -6.26
C VAL D 145 9.06 55.93 -7.33
N GLN D 146 9.80 57.04 -7.34
CA GLN D 146 9.57 58.13 -8.30
C GLN D 146 10.92 58.68 -8.71
N TRP D 147 11.45 58.18 -9.84
CA TRP D 147 12.72 58.67 -10.35
C TRP D 147 12.58 60.10 -10.86
N LYS D 148 13.58 60.92 -10.57
CA LYS D 148 13.60 62.31 -11.00
C LYS D 148 14.90 62.59 -11.74
N VAL D 149 14.79 63.04 -12.99
CA VAL D 149 15.94 63.44 -13.79
C VAL D 149 15.68 64.84 -14.33
N ASP D 150 16.68 65.72 -14.15
CA ASP D 150 16.58 67.12 -14.57
C ASP D 150 15.32 67.78 -13.99
N ASN D 151 15.05 67.50 -12.71
CA ASN D 151 13.89 68.03 -12.01
C ASN D 151 12.59 67.67 -12.72
N ALA D 152 12.52 66.46 -13.26
CA ALA D 152 11.33 65.96 -13.92
C ALA D 152 11.04 64.54 -13.44
N LEU D 153 9.79 64.29 -13.06
CA LEU D 153 9.38 62.99 -12.55
C LEU D 153 8.95 62.09 -13.70
N GLN D 154 9.54 60.90 -13.75
CA GLN D 154 9.22 59.91 -14.78
C GLN D 154 8.70 58.65 -14.11
N SER D 155 7.59 58.12 -14.63
CA SER D 155 6.97 56.92 -14.09
C SER D 155 6.57 56.01 -15.24
N GLY D 156 6.52 54.71 -14.95
CA GLY D 156 6.12 53.71 -15.93
C GLY D 156 7.21 53.26 -16.87
N ASN D 157 8.43 53.75 -16.71
CA ASN D 157 9.55 53.38 -17.57
C ASN D 157 10.47 52.33 -16.94
N SER D 158 10.05 51.74 -15.83
CA SER D 158 10.87 50.75 -15.14
C SER D 158 9.99 49.61 -14.66
N GLN D 159 10.62 48.46 -14.42
CA GLN D 159 9.95 47.27 -13.93
C GLN D 159 10.55 46.85 -12.61
N GLU D 160 9.70 46.32 -11.73
CA GLU D 160 10.11 45.93 -10.39
C GLU D 160 9.79 44.45 -10.16
N SER D 161 10.70 43.75 -9.50
CA SER D 161 10.54 42.34 -9.17
C SER D 161 10.64 42.17 -7.66
N VAL D 162 9.74 41.39 -7.09
CA VAL D 162 9.68 41.15 -5.64
C VAL D 162 10.34 39.81 -5.36
N THR D 163 11.33 39.81 -4.47
CA THR D 163 12.05 38.61 -4.11
C THR D 163 11.41 37.95 -2.89
N GLU D 164 12.03 36.86 -2.43
CA GLU D 164 11.52 36.13 -1.29
C GLU D 164 11.79 36.91 0.01
N GLN D 165 11.01 36.58 1.03
CA GLN D 165 11.16 37.24 2.32
C GLN D 165 12.45 36.79 3.00
N ASP D 166 13.24 37.75 3.47
CA ASP D 166 14.49 37.43 4.15
C ASP D 166 14.21 36.84 5.53
N SER D 167 15.20 36.10 6.03
CA SER D 167 15.01 35.36 7.28
C SER D 167 15.14 36.27 8.50
N LYS D 168 16.32 36.87 8.70
CA LYS D 168 16.60 37.62 9.92
C LYS D 168 16.99 39.06 9.66
N ASP D 169 17.84 39.32 8.66
CA ASP D 169 18.36 40.66 8.46
C ASP D 169 17.27 41.63 8.02
N SER D 170 16.62 41.34 6.90
CA SER D 170 15.60 42.21 6.33
C SER D 170 14.28 41.45 6.24
N THR D 171 13.28 42.10 5.63
CA THR D 171 12.01 41.46 5.34
C THR D 171 11.74 41.34 3.86
N TYR D 172 11.78 42.45 3.11
CA TYR D 172 11.48 42.45 1.70
C TYR D 172 12.56 43.24 0.96
N SER D 173 12.73 42.92 -0.32
CA SER D 173 13.69 43.62 -1.18
C SER D 173 13.03 43.84 -2.54
N LEU D 174 12.93 45.11 -2.93
CA LEU D 174 12.34 45.50 -4.20
C LEU D 174 13.42 45.94 -5.17
N SER D 175 13.42 45.37 -6.37
CA SER D 175 14.40 45.70 -7.40
C SER D 175 13.83 46.80 -8.28
N SER D 176 14.16 48.05 -7.95
CA SER D 176 13.71 49.21 -8.70
C SER D 176 14.84 49.65 -9.61
N THR D 177 14.93 49.00 -10.78
CA THR D 177 15.97 49.29 -11.76
C THR D 177 15.37 50.05 -12.93
N LEU D 178 16.01 51.16 -13.29
CA LEU D 178 15.54 52.00 -14.38
C LEU D 178 16.38 51.75 -15.62
N THR D 179 15.70 51.52 -16.75
CA THR D 179 16.35 51.27 -18.03
C THR D 179 15.96 52.36 -19.02
N LEU D 180 16.90 52.72 -19.90
CA LEU D 180 16.66 53.76 -20.89
C LEU D 180 17.67 53.61 -22.01
N SER D 181 17.38 54.28 -23.12
CA SER D 181 18.27 54.25 -24.28
C SER D 181 19.48 55.14 -24.05
N LYS D 182 20.47 55.00 -24.93
CA LYS D 182 21.69 55.80 -24.82
C LYS D 182 21.44 57.27 -25.10
N ALA D 183 20.48 57.57 -25.98
CA ALA D 183 20.17 58.96 -26.29
C ALA D 183 19.66 59.71 -25.06
N ASP D 184 18.71 59.11 -24.34
CA ASP D 184 18.23 59.72 -23.11
C ASP D 184 19.27 59.63 -22.00
N TYR D 185 20.14 58.62 -22.05
CA TYR D 185 21.21 58.51 -21.07
C TYR D 185 22.18 59.68 -21.18
N GLU D 186 22.54 60.07 -22.41
CA GLU D 186 23.41 61.21 -22.61
C GLU D 186 22.65 62.54 -22.58
N LYS D 187 21.32 62.50 -22.70
CA LYS D 187 20.54 63.73 -22.64
C LYS D 187 20.59 64.35 -21.25
N HIS D 188 20.54 63.52 -20.21
CA HIS D 188 20.54 64.00 -18.83
C HIS D 188 21.85 63.63 -18.15
N LYS D 189 22.20 64.40 -17.13
CA LYS D 189 23.44 64.22 -16.38
C LYS D 189 23.21 63.76 -14.95
N VAL D 190 22.35 64.44 -14.21
CA VAL D 190 22.08 64.12 -12.82
C VAL D 190 20.92 63.14 -12.74
N TYR D 191 21.10 62.08 -11.96
CA TYR D 191 20.08 61.05 -11.76
C TYR D 191 19.83 60.90 -10.27
N ALA D 192 18.55 60.79 -9.91
CA ALA D 192 18.14 60.64 -8.52
C ALA D 192 17.12 59.52 -8.39
N CYS D 193 17.11 58.88 -7.22
CA CYS D 193 16.19 57.79 -6.94
C CYS D 193 15.68 57.97 -5.51
N GLU D 194 14.49 58.55 -5.37
CA GLU D 194 13.88 58.77 -4.07
C GLU D 194 12.75 57.77 -3.86
N VAL D 195 12.76 57.11 -2.69
CA VAL D 195 11.76 56.12 -2.33
C VAL D 195 11.09 56.55 -1.04
N THR D 196 9.76 56.60 -1.05
CA THR D 196 8.98 56.94 0.12
C THR D 196 8.38 55.68 0.73
N HIS D 197 8.28 55.65 2.05
CA HIS D 197 7.78 54.49 2.75
C HIS D 197 7.25 54.90 4.11
N GLN D 198 6.41 54.06 4.69
CA GLN D 198 5.84 54.33 6.00
C GLN D 198 6.87 54.25 7.12
N GLY D 199 7.99 53.55 6.89
CA GLY D 199 9.00 53.40 7.92
C GLY D 199 9.75 54.68 8.22
N LEU D 200 10.53 55.17 7.25
CA LEU D 200 11.29 56.38 7.43
C LEU D 200 10.39 57.61 7.38
N SER D 201 10.75 58.62 8.16
CA SER D 201 9.96 59.86 8.20
C SER D 201 10.31 60.77 7.03
N SER D 202 11.57 61.20 6.96
CA SER D 202 12.03 62.08 5.89
C SER D 202 12.59 61.24 4.75
N PRO D 203 12.04 61.32 3.55
CA PRO D 203 12.57 60.52 2.43
C PRO D 203 13.98 60.96 2.05
N VAL D 204 14.92 60.03 2.21
CA VAL D 204 16.32 60.29 1.87
C VAL D 204 16.55 59.94 0.42
N THR D 205 17.39 60.74 -0.26
CA THR D 205 17.68 60.54 -1.67
C THR D 205 19.18 60.63 -1.90
N LYS D 206 19.71 59.73 -2.72
CA LYS D 206 21.11 59.72 -3.11
C LYS D 206 21.23 60.09 -4.58
N SER D 207 22.06 61.09 -4.88
CA SER D 207 22.22 61.61 -6.23
C SER D 207 23.68 61.59 -6.62
N PHE D 208 23.94 61.29 -7.90
CA PHE D 208 25.29 61.31 -8.43
C PHE D 208 25.35 62.15 -9.70
N ASN D 209 26.50 62.13 -10.39
CA ASN D 209 26.68 62.93 -11.59
C ASN D 209 27.30 62.06 -12.68
N ARG D 210 27.05 62.47 -13.93
CA ARG D 210 27.57 61.77 -15.09
C ARG D 210 28.76 62.52 -15.67
N GLY D 211 29.81 61.78 -16.01
CA GLY D 211 31.02 62.36 -16.53
C GLY D 211 32.08 62.68 -15.50
N GLU D 212 31.79 62.51 -14.21
CA GLU D 212 32.74 62.76 -13.14
C GLU D 212 33.05 61.52 -12.32
N CYS D 213 32.07 60.67 -12.07
CA CYS D 213 32.29 59.44 -11.31
C CYS D 213 31.24 58.39 -11.66
N GLN E 1 18.75 -1.45 9.44
CA GLN E 1 18.83 -1.19 10.86
C GLN E 1 17.51 -1.55 11.55
N VAL E 2 16.46 -1.71 10.74
CA VAL E 2 15.15 -2.05 11.29
C VAL E 2 15.19 -3.46 11.86
N GLN E 3 14.65 -3.62 13.07
CA GLN E 3 14.61 -4.90 13.73
C GLN E 3 13.53 -4.89 14.80
N LEU E 4 13.03 -6.08 15.13
CA LEU E 4 12.02 -6.25 16.17
C LEU E 4 12.58 -7.15 17.26
N GLN E 5 12.42 -6.72 18.51
CA GLN E 5 12.97 -7.43 19.66
C GLN E 5 11.85 -8.19 20.38
N GLN E 6 12.09 -9.46 20.66
CA GLN E 6 11.14 -10.32 21.36
C GLN E 6 11.84 -11.07 22.48
N PRO E 7 11.12 -11.41 23.54
CA PRO E 7 11.73 -12.22 24.60
C PRO E 7 12.03 -13.62 24.12
N GLY E 8 13.01 -14.25 24.77
CA GLY E 8 13.42 -15.59 24.40
C GLY E 8 12.33 -16.62 24.54
N ALA E 9 11.93 -16.92 25.77
CA ALA E 9 10.89 -17.91 26.03
C ALA E 9 10.44 -17.77 27.48
N GLU E 10 9.28 -18.35 27.77
CA GLU E 10 8.76 -18.41 29.13
C GLU E 10 7.85 -19.62 29.26
N LEU E 11 7.66 -20.07 30.49
CA LEU E 11 6.82 -21.23 30.78
C LEU E 11 5.49 -20.77 31.34
N VAL E 12 4.41 -21.35 30.82
CA VAL E 12 3.05 -21.01 31.22
C VAL E 12 2.32 -22.28 31.63
N LYS E 13 1.73 -22.27 32.82
CA LYS E 13 0.93 -23.40 33.26
C LYS E 13 -0.38 -23.46 32.45
N PRO E 14 -0.92 -24.66 32.24
CA PRO E 14 -2.19 -24.76 31.49
C PRO E 14 -3.31 -24.03 32.20
N GLY E 15 -4.16 -23.38 31.42
CA GLY E 15 -5.26 -22.61 31.94
C GLY E 15 -4.92 -21.23 32.44
N ALA E 16 -3.65 -20.81 32.35
CA ALA E 16 -3.23 -19.51 32.81
C ALA E 16 -3.30 -18.50 31.66
N SER E 17 -2.74 -17.32 31.86
CA SER E 17 -2.70 -16.27 30.84
C SER E 17 -1.29 -15.73 30.72
N VAL E 18 -0.87 -15.48 29.49
CA VAL E 18 0.47 -14.98 29.20
C VAL E 18 0.35 -13.79 28.26
N LYS E 19 1.28 -12.84 28.40
CA LYS E 19 1.32 -11.64 27.58
C LYS E 19 2.62 -11.61 26.79
N MET E 20 2.52 -11.38 25.49
CA MET E 20 3.68 -11.28 24.61
C MET E 20 4.13 -9.84 24.50
N SER E 21 5.38 -9.66 24.06
CA SER E 21 5.93 -8.33 23.84
C SER E 21 6.75 -8.33 22.56
N CYS E 22 6.66 -7.24 21.80
CA CYS E 22 7.41 -7.09 20.56
C CYS E 22 7.79 -5.62 20.42
N LYS E 23 9.04 -5.30 20.76
CA LYS E 23 9.52 -3.93 20.71
C LYS E 23 10.07 -3.62 19.32
N ALA E 24 9.67 -2.48 18.77
CA ALA E 24 10.08 -2.05 17.44
C ALA E 24 10.96 -0.82 17.53
N SER E 25 11.96 -0.76 16.65
CA SER E 25 12.89 0.36 16.63
C SER E 25 13.40 0.56 15.21
N GLY E 26 13.92 1.76 14.95
CA GLY E 26 14.47 2.09 13.65
C GLY E 26 13.46 2.54 12.62
N TYR E 27 12.18 2.60 12.96
CA TYR E 27 11.15 3.01 12.02
C TYR E 27 9.94 3.50 12.81
N THR E 28 9.04 4.18 12.10
CA THR E 28 7.83 4.73 12.73
C THR E 28 6.94 3.60 13.20
N PHE E 29 6.78 3.47 14.52
CA PHE E 29 5.94 2.42 15.07
C PHE E 29 4.47 2.63 14.74
N THR E 30 4.04 3.89 14.60
CA THR E 30 2.63 4.19 14.37
C THR E 30 2.21 3.85 12.93
N SER E 31 3.06 4.12 11.96
CA SER E 31 2.67 3.99 10.56
C SER E 31 2.49 2.55 10.13
N TYR E 32 3.42 1.67 10.48
CA TYR E 32 3.41 0.32 9.97
C TYR E 32 2.50 -0.58 10.81
N ASN E 33 2.10 -1.71 10.22
CA ASN E 33 1.24 -2.66 10.90
C ASN E 33 2.07 -3.60 11.78
N MET E 34 1.37 -4.41 12.57
CA MET E 34 1.98 -5.22 13.62
C MET E 34 1.52 -6.67 13.50
N HIS E 35 1.63 -7.23 12.31
CA HIS E 35 1.15 -8.59 12.04
C HIS E 35 1.83 -9.61 12.94
N TRP E 36 1.04 -10.59 13.40
CA TRP E 36 1.52 -11.70 14.21
C TRP E 36 1.18 -13.01 13.51
N VAL E 37 2.09 -13.98 13.58
CA VAL E 37 1.87 -15.30 13.01
C VAL E 37 2.32 -16.35 14.02
N LYS E 38 1.81 -17.56 13.84
CA LYS E 38 2.12 -18.69 14.70
C LYS E 38 2.54 -19.87 13.83
N GLN E 39 3.67 -20.49 14.18
CA GLN E 39 4.21 -21.62 13.44
C GLN E 39 4.21 -22.86 14.31
N THR E 40 3.63 -23.94 13.79
CA THR E 40 3.58 -25.22 14.49
C THR E 40 4.09 -26.29 13.55
N PRO E 41 5.06 -27.12 13.98
CA PRO E 41 5.57 -28.17 13.08
C PRO E 41 4.51 -29.16 12.64
N GLY E 42 3.51 -29.44 13.50
CA GLY E 42 2.50 -30.42 13.14
C GLY E 42 1.60 -29.96 12.00
N ARG E 43 1.21 -28.68 12.01
CA ARG E 43 0.25 -28.17 11.04
C ARG E 43 0.76 -26.93 10.31
N GLY E 44 2.07 -26.74 10.26
CA GLY E 44 2.60 -25.60 9.53
C GLY E 44 2.41 -24.28 10.27
N LEU E 45 2.66 -23.20 9.54
CA LEU E 45 2.55 -21.86 10.07
C LEU E 45 1.21 -21.26 9.65
N GLU E 46 0.52 -20.64 10.61
CA GLU E 46 -0.81 -20.09 10.37
C GLU E 46 -0.91 -18.69 10.97
N TRP E 47 -1.81 -17.89 10.39
CA TRP E 47 -2.04 -16.53 10.85
C TRP E 47 -2.87 -16.54 12.14
N ILE E 48 -2.64 -15.52 12.96
CA ILE E 48 -3.35 -15.42 14.24
C ILE E 48 -4.06 -14.08 14.34
N GLY E 49 -3.56 -13.07 13.63
CA GLY E 49 -4.17 -11.77 13.63
C GLY E 49 -3.14 -10.67 13.50
N ALA E 50 -3.63 -9.43 13.55
CA ALA E 50 -2.78 -8.26 13.42
C ALA E 50 -3.45 -7.09 14.12
N ILE E 51 -2.65 -6.06 14.43
CA ILE E 51 -3.11 -4.87 15.12
C ILE E 51 -2.43 -3.65 14.51
N TYR E 52 -3.20 -2.56 14.36
CA TYR E 52 -2.66 -1.33 13.82
C TYR E 52 -2.44 -0.35 14.97
N PRO E 53 -1.19 -0.01 15.31
CA PRO E 53 -0.97 0.95 16.39
C PRO E 53 -1.50 2.34 16.11
N GLY E 54 -1.73 2.69 14.84
CA GLY E 54 -2.17 4.04 14.52
C GLY E 54 -3.54 4.36 15.08
N ASN E 55 -4.49 3.43 14.93
CA ASN E 55 -5.85 3.64 15.40
C ASN E 55 -6.30 2.62 16.43
N GLY E 56 -5.51 1.60 16.73
CA GLY E 56 -5.89 0.57 17.67
C GLY E 56 -6.80 -0.50 17.10
N ASP E 57 -7.13 -0.44 15.82
CA ASP E 57 -7.98 -1.46 15.21
C ASP E 57 -7.26 -2.80 15.16
N THR E 58 -8.01 -3.87 15.37
CA THR E 58 -7.47 -5.22 15.36
C THR E 58 -8.29 -6.10 14.42
N SER E 59 -7.61 -7.06 13.81
CA SER E 59 -8.25 -8.01 12.91
C SER E 59 -7.84 -9.43 13.30
N TYR E 60 -8.78 -10.36 13.21
CA TYR E 60 -8.53 -11.74 13.59
C TYR E 60 -9.14 -12.66 12.55
N ASN E 61 -9.17 -13.96 12.85
CA ASN E 61 -9.75 -14.96 11.99
C ASN E 61 -10.76 -15.79 12.79
N GLN E 62 -11.74 -16.35 12.09
CA GLN E 62 -12.81 -17.08 12.74
C GLN E 62 -12.31 -18.33 13.46
N LYS E 63 -11.14 -18.84 13.08
CA LYS E 63 -10.60 -20.03 13.74
C LYS E 63 -10.24 -19.74 15.19
N PHE E 64 -9.47 -18.67 15.43
CA PHE E 64 -8.99 -18.31 16.76
C PHE E 64 -9.42 -16.90 17.11
N LYS E 65 -10.69 -16.56 16.88
CA LYS E 65 -11.15 -15.20 17.11
C LYS E 65 -11.06 -14.82 18.59
N GLY E 66 -11.48 -15.71 19.48
CA GLY E 66 -11.49 -15.43 20.90
C GLY E 66 -10.33 -16.00 21.70
N LYS E 67 -9.46 -16.79 21.07
CA LYS E 67 -8.36 -17.39 21.82
C LYS E 67 -7.33 -16.35 22.26
N ALA E 68 -7.05 -15.36 21.40
CA ALA E 68 -6.01 -14.37 21.68
C ALA E 68 -6.55 -12.97 21.43
N THR E 69 -5.96 -12.00 22.12
CA THR E 69 -6.30 -10.60 21.98
C THR E 69 -5.02 -9.78 21.80
N LEU E 70 -5.14 -8.67 21.09
CA LEU E 70 -4.01 -7.80 20.77
C LEU E 70 -4.27 -6.40 21.32
N THR E 71 -3.22 -5.82 21.91
CA THR E 71 -3.29 -4.47 22.45
C THR E 71 -1.92 -3.83 22.36
N ALA E 72 -1.83 -2.68 21.71
CA ALA E 72 -0.57 -1.99 21.51
C ALA E 72 -0.68 -0.53 21.91
N ASP E 73 0.43 0.04 22.36
CA ASP E 73 0.49 1.44 22.77
C ASP E 73 1.63 2.12 22.02
N LYS E 74 1.38 3.36 21.58
CA LYS E 74 2.37 4.11 20.83
C LYS E 74 3.37 4.84 21.74
N SER E 75 3.12 4.89 23.05
CA SER E 75 4.04 5.59 23.95
C SER E 75 5.37 4.85 24.05
N SER E 76 5.33 3.54 24.28
CA SER E 76 6.53 2.73 24.40
C SER E 76 6.94 2.08 23.09
N SER E 77 6.18 2.29 22.01
CA SER E 77 6.46 1.69 20.71
C SER E 77 6.56 0.16 20.80
N THR E 78 5.68 -0.43 21.61
CA THR E 78 5.65 -1.87 21.80
C THR E 78 4.22 -2.37 21.65
N ALA E 79 4.10 -3.61 21.18
CA ALA E 79 2.81 -4.28 20.98
C ALA E 79 2.73 -5.48 21.91
N TYR E 80 1.60 -5.61 22.59
CA TYR E 80 1.38 -6.68 23.56
C TYR E 80 0.31 -7.63 23.04
N MET E 81 0.64 -8.93 23.01
CA MET E 81 -0.30 -9.97 22.65
C MET E 81 -0.59 -10.82 23.88
N GLN E 82 -1.86 -10.93 24.24
CA GLN E 82 -2.29 -11.65 25.44
C GLN E 82 -3.03 -12.92 25.04
N LEU E 83 -2.60 -14.05 25.59
CA LEU E 83 -3.21 -15.35 25.33
C LEU E 83 -4.12 -15.74 26.49
N SER E 84 -5.26 -16.34 26.17
CA SER E 84 -6.23 -16.77 27.16
C SER E 84 -6.57 -18.24 26.95
N SER E 85 -6.81 -18.94 28.05
CA SER E 85 -7.17 -20.35 28.04
C SER E 85 -6.08 -21.19 27.34
N LEU E 86 -4.90 -21.18 27.95
CA LEU E 86 -3.78 -21.96 27.41
C LEU E 86 -4.09 -23.45 27.46
N THR E 87 -3.65 -24.17 26.43
CA THR E 87 -3.92 -25.58 26.28
C THR E 87 -2.62 -26.29 25.94
N SER E 88 -2.52 -27.57 26.34
CA SER E 88 -1.32 -28.35 26.05
C SER E 88 -1.05 -28.47 24.55
N GLU E 89 -2.08 -28.33 23.72
CA GLU E 89 -1.92 -28.33 22.27
C GLU E 89 -1.58 -26.95 21.71
N ASP E 90 -1.07 -26.05 22.54
CA ASP E 90 -0.71 -24.70 22.14
C ASP E 90 0.75 -24.45 22.53
N SER E 91 1.60 -25.40 22.18
CA SER E 91 3.04 -25.32 22.43
C SER E 91 3.73 -25.16 21.07
N ALA E 92 3.96 -23.92 20.66
CA ALA E 92 4.54 -23.63 19.36
C ALA E 92 5.37 -22.36 19.47
N VAL E 93 5.72 -21.79 18.33
CA VAL E 93 6.53 -20.57 18.26
C VAL E 93 5.69 -19.47 17.64
N TYR E 94 5.64 -18.33 18.32
CA TYR E 94 4.89 -17.16 17.86
C TYR E 94 5.86 -16.10 17.38
N TYR E 95 5.68 -15.65 16.14
CA TYR E 95 6.55 -14.66 15.52
C TYR E 95 5.85 -13.31 15.42
N CYS E 96 6.65 -12.24 15.43
CA CYS E 96 6.17 -10.87 15.30
C CYS E 96 6.85 -10.24 14.10
N ALA E 97 6.10 -10.03 13.03
CA ALA E 97 6.64 -9.51 11.78
C ALA E 97 5.75 -8.39 11.26
N ARG E 98 6.37 -7.26 10.92
CA ARG E 98 5.62 -6.15 10.35
C ARG E 98 5.31 -6.42 8.89
N SER E 99 4.35 -5.67 8.35
CA SER E 99 3.93 -5.79 6.97
C SER E 99 3.94 -4.43 6.30
N THR E 100 4.42 -4.40 5.05
CA THR E 100 4.48 -3.17 4.27
C THR E 100 3.98 -3.46 2.86
N TYR E 101 3.46 -2.40 2.23
CA TYR E 101 2.95 -2.48 0.86
C TYR E 101 4.13 -2.25 -0.08
N TYR E 102 4.87 -3.32 -0.35
CA TYR E 102 6.09 -3.26 -1.14
C TYR E 102 5.96 -4.17 -2.34
N GLY E 103 6.28 -3.65 -3.53
CA GLY E 103 6.25 -4.43 -4.75
C GLY E 103 4.89 -4.57 -5.40
N GLY E 104 3.86 -3.89 -4.88
CA GLY E 104 2.53 -3.95 -5.43
C GLY E 104 1.52 -4.65 -4.54
N ASP E 105 1.96 -5.27 -3.45
CA ASP E 105 1.07 -5.93 -2.51
C ASP E 105 1.74 -5.96 -1.15
N TRP E 106 0.99 -6.41 -0.14
CA TRP E 106 1.53 -6.47 1.21
C TRP E 106 2.64 -7.51 1.29
N TYR E 107 3.72 -7.16 1.98
CA TYR E 107 4.92 -7.99 2.02
C TYR E 107 5.58 -7.83 3.38
N PHE E 108 5.99 -8.96 3.97
CA PHE E 108 6.63 -8.97 5.28
C PHE E 108 8.08 -8.52 5.12
N ASN E 109 8.35 -7.25 5.40
CA ASN E 109 9.71 -6.73 5.24
C ASN E 109 10.67 -7.35 6.23
N VAL E 110 10.32 -7.35 7.51
CA VAL E 110 11.17 -7.87 8.57
C VAL E 110 10.35 -8.74 9.50
N TRP E 111 11.03 -9.65 10.18
CA TRP E 111 10.41 -10.57 11.14
C TRP E 111 11.04 -10.37 12.52
N GLY E 112 10.64 -11.23 13.46
CA GLY E 112 11.15 -11.20 14.81
C GLY E 112 11.75 -12.52 15.23
N ALA E 113 12.46 -12.50 16.36
CA ALA E 113 13.13 -13.70 16.85
C ALA E 113 12.11 -14.79 17.20
N GLY E 114 11.03 -14.43 17.84
CA GLY E 114 10.01 -15.41 18.19
C GLY E 114 10.19 -15.97 19.59
N THR E 115 9.07 -16.37 20.18
CA THR E 115 9.05 -16.93 21.52
C THR E 115 8.61 -18.39 21.46
N THR E 116 9.39 -19.27 22.09
CA THR E 116 9.08 -20.71 22.13
C THR E 116 8.38 -20.99 23.45
N VAL E 117 7.05 -20.84 23.45
CA VAL E 117 6.28 -21.05 24.67
C VAL E 117 6.20 -22.54 24.99
N THR E 118 6.15 -22.84 26.28
CA THR E 118 6.03 -24.21 26.77
C THR E 118 4.86 -24.28 27.72
N VAL E 119 3.95 -25.23 27.48
CA VAL E 119 2.77 -25.42 28.31
C VAL E 119 2.90 -26.80 28.95
N SER E 120 3.31 -26.83 30.22
CA SER E 120 3.47 -28.08 30.94
C SER E 120 3.36 -27.80 32.44
N ALA E 121 2.79 -28.76 33.16
CA ALA E 121 2.63 -28.64 34.61
C ALA E 121 3.89 -29.00 35.37
N ALA E 122 4.91 -29.55 34.71
CA ALA E 122 6.15 -29.91 35.38
C ALA E 122 6.89 -28.68 35.88
N SER E 123 7.53 -28.83 37.03
CA SER E 123 8.29 -27.74 37.62
C SER E 123 9.61 -27.53 36.88
N THR E 124 10.23 -26.38 37.12
CA THR E 124 11.50 -26.06 36.48
C THR E 124 12.61 -26.96 37.01
N LYS E 125 13.38 -27.54 36.09
CA LYS E 125 14.48 -28.42 36.43
C LYS E 125 15.77 -27.85 35.85
N GLY E 126 16.82 -27.85 36.65
CA GLY E 126 18.11 -27.33 36.23
C GLY E 126 18.73 -28.16 35.13
N PRO E 127 19.51 -27.52 34.26
CA PRO E 127 20.16 -28.26 33.16
C PRO E 127 21.29 -29.14 33.65
N SER E 128 21.08 -30.46 33.63
CA SER E 128 22.09 -31.41 34.06
C SER E 128 22.95 -31.80 32.86
N VAL E 129 24.21 -31.38 32.89
CA VAL E 129 25.16 -31.64 31.81
C VAL E 129 26.22 -32.61 32.31
N PHE E 130 26.55 -33.59 31.48
CA PHE E 130 27.52 -34.63 31.82
C PHE E 130 28.60 -34.70 30.76
N PRO E 131 29.84 -35.01 31.15
CA PRO E 131 30.92 -35.13 30.17
C PRO E 131 30.84 -36.43 29.39
N LEU E 132 31.42 -36.39 28.19
CA LEU E 132 31.52 -37.56 27.31
C LEU E 132 33.00 -37.74 26.97
N ALA E 133 33.71 -38.46 27.81
CA ALA E 133 35.15 -38.65 27.63
C ALA E 133 35.41 -39.67 26.52
N PRO E 134 36.15 -39.30 25.47
CA PRO E 134 36.47 -40.29 24.43
C PRO E 134 37.39 -41.38 24.97
N SER E 135 37.29 -42.55 24.37
CA SER E 135 38.09 -43.70 24.75
C SER E 135 39.17 -43.97 23.72
N SER E 136 40.30 -44.49 24.20
CA SER E 136 41.45 -44.81 23.34
C SER E 136 41.19 -46.17 22.69
N LYS E 137 40.34 -46.17 21.67
CA LYS E 137 39.99 -47.38 20.96
C LYS E 137 41.12 -47.78 20.00
N SER E 138 40.92 -48.91 19.32
CA SER E 138 41.92 -49.39 18.37
C SER E 138 42.10 -48.40 17.21
N THR E 139 40.99 -47.87 16.70
CA THR E 139 41.03 -46.90 15.61
C THR E 139 41.44 -45.55 16.17
N SER E 140 42.71 -45.18 15.98
CA SER E 140 43.20 -43.89 16.47
C SER E 140 42.48 -42.73 15.79
N GLY E 141 42.64 -42.62 14.47
CA GLY E 141 42.00 -41.58 13.71
C GLY E 141 42.74 -40.25 13.81
N GLY E 142 42.37 -39.34 12.91
CA GLY E 142 42.96 -38.01 12.91
C GLY E 142 42.09 -36.98 13.58
N THR E 143 40.87 -37.37 13.93
CA THR E 143 39.91 -36.48 14.57
C THR E 143 39.26 -37.19 15.75
N ALA E 144 38.79 -36.39 16.71
CA ALA E 144 38.12 -36.90 17.89
C ALA E 144 36.84 -36.11 18.14
N ALA E 145 35.89 -36.74 18.81
CA ALA E 145 34.59 -36.14 19.09
C ALA E 145 34.46 -35.91 20.59
N LEU E 146 34.14 -34.68 20.97
CA LEU E 146 33.91 -34.30 22.36
C LEU E 146 32.49 -33.79 22.51
N GLY E 147 31.75 -34.36 23.47
CA GLY E 147 30.36 -34.01 23.67
C GLY E 147 30.06 -33.73 25.13
N CYS E 148 28.95 -33.03 25.35
CA CYS E 148 28.46 -32.70 26.69
C CYS E 148 26.96 -32.99 26.69
N LEU E 149 26.60 -34.21 27.07
CA LEU E 149 25.20 -34.61 27.07
C LEU E 149 24.41 -33.87 28.14
N VAL E 150 23.25 -33.35 27.76
CA VAL E 150 22.36 -32.64 28.67
C VAL E 150 21.02 -33.36 28.68
N LYS E 151 20.56 -33.76 29.85
CA LYS E 151 19.32 -34.49 29.98
C LYS E 151 18.64 -34.11 31.30
N ASP E 152 17.35 -34.38 31.37
CA ASP E 152 16.53 -34.07 32.55
C ASP E 152 16.60 -32.58 32.89
N TYR E 153 16.13 -31.77 31.95
CA TYR E 153 16.17 -30.32 32.09
C TYR E 153 14.83 -29.74 31.62
N PHE E 154 14.56 -28.51 32.06
CA PHE E 154 13.33 -27.81 31.71
C PHE E 154 13.57 -26.31 31.80
N PRO E 155 13.12 -25.52 30.81
CA PRO E 155 12.41 -25.96 29.62
C PRO E 155 13.32 -26.26 28.44
N GLU E 156 12.72 -26.38 27.25
CA GLU E 156 13.48 -26.72 26.05
C GLU E 156 14.57 -25.72 25.72
N PRO E 157 14.35 -24.40 25.73
CA PRO E 157 15.41 -23.46 25.31
C PRO E 157 16.67 -23.60 26.16
N VAL E 158 17.76 -24.00 25.52
CA VAL E 158 19.06 -24.11 26.17
C VAL E 158 20.13 -23.96 25.10
N THR E 159 21.20 -23.27 25.45
CA THR E 159 22.31 -23.02 24.54
C THR E 159 23.58 -23.68 25.09
N VAL E 160 24.23 -24.47 24.25
CA VAL E 160 25.48 -25.15 24.60
C VAL E 160 26.58 -24.59 23.72
N SER E 161 27.62 -24.05 24.34
CA SER E 161 28.75 -23.45 23.66
C SER E 161 30.01 -24.24 23.96
N TRP E 162 31.13 -23.78 23.39
CA TRP E 162 32.43 -24.41 23.60
C TRP E 162 33.49 -23.33 23.64
N ASN E 163 34.20 -23.23 24.77
CA ASN E 163 35.24 -22.22 24.99
C ASN E 163 34.69 -20.81 24.77
N SER E 164 33.47 -20.57 25.29
CA SER E 164 32.80 -19.28 25.17
C SER E 164 32.66 -18.84 23.72
N GLY E 165 32.26 -19.78 22.86
CA GLY E 165 32.05 -19.48 21.46
C GLY E 165 33.29 -19.45 20.60
N ALA E 166 34.45 -19.83 21.15
CA ALA E 166 35.68 -19.84 20.35
C ALA E 166 35.61 -20.85 19.22
N LEU E 167 35.03 -22.02 19.48
CA LEU E 167 34.91 -23.08 18.49
C LEU E 167 33.50 -23.08 17.92
N THR E 168 33.37 -22.94 16.60
CA THR E 168 32.09 -22.93 15.93
C THR E 168 31.94 -24.04 14.90
N SER E 169 32.99 -24.31 14.12
CA SER E 169 32.90 -25.34 13.09
C SER E 169 32.96 -26.73 13.72
N GLY E 170 32.39 -27.70 13.01
CA GLY E 170 32.39 -29.07 13.47
C GLY E 170 31.40 -29.39 14.56
N VAL E 171 30.47 -28.48 14.86
CA VAL E 171 29.48 -28.70 15.90
C VAL E 171 28.29 -29.43 15.31
N HIS E 172 27.62 -30.23 16.14
CA HIS E 172 26.44 -31.01 15.75
C HIS E 172 25.40 -30.86 16.84
N THR E 173 24.48 -29.91 16.66
CA THR E 173 23.42 -29.67 17.63
C THR E 173 22.29 -30.66 17.40
N PHE E 174 22.03 -31.51 18.39
CA PHE E 174 20.99 -32.53 18.28
C PHE E 174 19.71 -32.02 18.92
N PRO E 175 18.61 -31.91 18.18
CA PRO E 175 17.35 -31.46 18.78
C PRO E 175 16.88 -32.40 19.88
N ALA E 176 16.28 -31.82 20.91
CA ALA E 176 15.81 -32.60 22.04
C ALA E 176 14.54 -33.37 21.68
N VAL E 177 14.29 -34.44 22.43
CA VAL E 177 13.11 -35.27 22.24
C VAL E 177 12.38 -35.37 23.58
N LEU E 178 11.05 -35.25 23.53
CA LEU E 178 10.25 -35.32 24.73
C LEU E 178 10.23 -36.73 25.29
N GLN E 179 10.37 -36.84 26.62
CA GLN E 179 10.34 -38.13 27.29
C GLN E 179 8.91 -38.46 27.72
N SER E 180 8.73 -39.68 28.25
CA SER E 180 7.41 -40.11 28.69
C SER E 180 6.91 -39.28 29.87
N SER E 181 7.79 -38.98 30.82
CA SER E 181 7.41 -38.22 32.01
C SER E 181 7.18 -36.75 31.74
N GLY E 182 7.64 -36.24 30.60
CA GLY E 182 7.46 -34.83 30.28
C GLY E 182 8.73 -34.02 30.44
N LEU E 183 9.87 -34.60 30.08
CA LEU E 183 11.16 -33.95 30.18
C LEU E 183 11.89 -34.04 28.86
N TYR E 184 12.83 -33.12 28.65
CA TYR E 184 13.59 -33.03 27.41
C TYR E 184 15.00 -33.55 27.62
N SER E 185 15.63 -33.97 26.52
CA SER E 185 16.99 -34.47 26.55
C SER E 185 17.59 -34.30 25.16
N LEU E 186 18.74 -33.63 25.08
CA LEU E 186 19.42 -33.36 23.82
C LEU E 186 20.91 -33.67 23.98
N SER E 187 21.67 -33.45 22.91
CA SER E 187 23.10 -33.69 22.92
C SER E 187 23.78 -32.71 21.99
N SER E 188 25.08 -32.50 22.22
CA SER E 188 25.87 -31.61 21.39
C SER E 188 27.31 -32.13 21.37
N VAL E 189 27.85 -32.35 20.17
CA VAL E 189 29.19 -32.88 20.01
C VAL E 189 29.94 -32.00 19.01
N VAL E 190 31.26 -31.95 19.16
CA VAL E 190 32.14 -31.18 18.29
C VAL E 190 33.30 -32.06 17.87
N THR E 191 33.71 -31.96 16.61
CA THR E 191 34.81 -32.75 16.08
C THR E 191 36.09 -31.93 16.11
N VAL E 192 37.10 -32.43 16.82
CA VAL E 192 38.39 -31.75 16.94
C VAL E 192 39.51 -32.75 16.68
N PRO E 193 40.67 -32.31 16.18
CA PRO E 193 41.78 -33.25 15.97
C PRO E 193 42.26 -33.85 17.29
N SER E 194 42.69 -35.12 17.21
CA SER E 194 43.17 -35.82 18.40
C SER E 194 44.56 -35.36 18.83
N SER E 195 45.32 -34.74 17.93
CA SER E 195 46.67 -34.30 18.28
C SER E 195 46.63 -33.15 19.29
N SER E 196 45.62 -32.28 19.21
CA SER E 196 45.50 -31.14 20.10
C SER E 196 44.68 -31.45 21.35
N LEU E 197 44.28 -32.71 21.53
CA LEU E 197 43.49 -33.07 22.71
C LEU E 197 44.27 -32.84 23.99
N GLY E 198 45.54 -33.22 24.01
CA GLY E 198 46.37 -33.08 25.20
C GLY E 198 46.94 -31.71 25.46
N THR E 199 46.74 -30.77 24.54
CA THR E 199 47.25 -29.41 24.70
C THR E 199 46.16 -28.37 24.85
N GLN E 200 45.22 -28.32 23.91
CA GLN E 200 44.14 -27.34 23.97
C GLN E 200 43.01 -27.85 24.86
N THR E 201 42.55 -27.00 25.76
CA THR E 201 41.44 -27.35 26.65
C THR E 201 40.11 -27.21 25.92
N TYR E 202 39.14 -28.02 26.34
CA TYR E 202 37.80 -28.01 25.75
C TYR E 202 36.78 -28.02 26.88
N ILE E 203 36.02 -26.94 27.01
CA ILE E 203 35.02 -26.79 28.05
C ILE E 203 33.69 -26.40 27.40
N CYS E 204 32.60 -26.93 27.94
CA CYS E 204 31.26 -26.61 27.47
C CYS E 204 30.53 -25.82 28.55
N ASN E 205 30.04 -24.64 28.17
CA ASN E 205 29.35 -23.74 29.10
C ASN E 205 27.87 -23.72 28.75
N VAL E 206 27.08 -24.48 29.49
CA VAL E 206 25.64 -24.51 29.28
C VAL E 206 25.02 -23.26 29.91
N ASN E 207 24.11 -22.63 29.18
CA ASN E 207 23.44 -21.42 29.63
C ASN E 207 21.95 -21.68 29.75
N HIS E 208 21.37 -21.29 30.89
CA HIS E 208 19.94 -21.45 31.15
C HIS E 208 19.40 -20.10 31.59
N LYS E 209 18.53 -19.51 30.77
CA LYS E 209 17.98 -18.19 31.06
C LYS E 209 16.86 -18.22 32.09
N PRO E 210 15.85 -19.10 31.97
CA PRO E 210 14.76 -19.08 32.95
C PRO E 210 15.20 -19.31 34.38
N SER E 211 16.21 -20.16 34.60
CA SER E 211 16.68 -20.47 35.95
C SER E 211 17.98 -19.78 36.31
N ASN E 212 18.58 -19.02 35.38
CA ASN E 212 19.84 -18.31 35.61
C ASN E 212 20.93 -19.28 36.09
N THR E 213 20.98 -20.45 35.48
CA THR E 213 21.94 -21.50 35.83
C THR E 213 22.99 -21.59 34.73
N LYS E 214 24.24 -21.32 35.08
CA LYS E 214 25.36 -21.41 34.14
C LYS E 214 26.41 -22.32 34.75
N VAL E 215 26.78 -23.37 34.01
CA VAL E 215 27.77 -24.34 34.45
C VAL E 215 28.85 -24.43 33.39
N ASP E 216 30.11 -24.30 33.81
CA ASP E 216 31.28 -24.38 32.92
C ASP E 216 32.15 -25.57 33.34
N LYS E 217 31.79 -26.75 32.84
CA LYS E 217 32.50 -27.98 33.15
C LYS E 217 33.56 -28.27 32.09
N LYS E 218 34.52 -29.12 32.47
CA LYS E 218 35.64 -29.48 31.61
C LYS E 218 35.59 -30.97 31.31
N VAL E 219 35.76 -31.33 30.04
CA VAL E 219 35.79 -32.72 29.59
C VAL E 219 37.21 -33.03 29.15
N GLU E 220 37.72 -34.20 29.55
CA GLU E 220 39.07 -34.60 29.24
C GLU E 220 39.09 -36.00 28.62
N PRO E 221 39.93 -36.22 27.61
CA PRO E 221 39.95 -37.54 26.95
C PRO E 221 40.47 -38.62 27.88
N LYS E 222 39.91 -39.82 27.74
CA LYS E 222 40.25 -40.96 28.58
C LYS E 222 41.04 -41.97 27.75
N SER E 223 42.15 -42.45 28.32
CA SER E 223 43.00 -43.45 27.67
C SER E 223 42.65 -44.83 28.23
N CYS E 224 42.02 -45.64 27.40
CA CYS E 224 41.62 -46.98 27.82
C CYS E 224 42.68 -48.02 27.44
N GLN F 1 -11.32 -18.42 3.27
CA GLN F 1 -10.03 -19.08 3.47
C GLN F 1 -9.60 -19.84 2.22
N ILE F 2 -8.36 -19.63 1.80
CA ILE F 2 -7.80 -20.28 0.62
C ILE F 2 -6.66 -21.18 1.08
N VAL F 3 -6.75 -22.45 0.74
CA VAL F 3 -5.74 -23.43 1.12
C VAL F 3 -4.68 -23.50 0.02
N LEU F 4 -3.41 -23.58 0.44
CA LEU F 4 -2.29 -23.64 -0.47
C LEU F 4 -1.54 -24.95 -0.25
N SER F 5 -1.33 -25.71 -1.32
CA SER F 5 -0.62 -26.98 -1.27
C SER F 5 0.53 -26.96 -2.26
N GLN F 6 1.68 -27.45 -1.84
CA GLN F 6 2.87 -27.49 -2.68
C GLN F 6 3.50 -28.88 -2.60
N SER F 7 4.01 -29.34 -3.75
CA SER F 7 4.59 -30.66 -3.88
C SER F 7 5.90 -30.56 -4.65
N PRO F 8 6.86 -31.46 -4.37
CA PRO F 8 6.80 -32.51 -3.35
C PRO F 8 7.10 -31.98 -1.95
N ALA F 9 6.68 -32.72 -0.93
CA ALA F 9 6.94 -32.30 0.46
C ALA F 9 8.43 -32.25 0.74
N ILE F 10 9.18 -33.26 0.29
CA ILE F 10 10.62 -33.31 0.46
C ILE F 10 11.25 -33.77 -0.86
N LEU F 11 12.25 -33.03 -1.32
CA LEU F 11 12.95 -33.36 -2.56
C LEU F 11 14.46 -33.23 -2.33
N SER F 12 15.22 -34.07 -3.01
CA SER F 12 16.68 -34.06 -2.93
C SER F 12 17.24 -33.67 -4.30
N ALA F 13 18.08 -32.64 -4.32
CA ALA F 13 18.68 -32.14 -5.55
C ALA F 13 20.19 -32.16 -5.43
N SER F 14 20.85 -32.66 -6.49
CA SER F 14 22.30 -32.70 -6.51
C SER F 14 22.86 -31.27 -6.65
N PRO F 15 24.02 -31.00 -6.07
CA PRO F 15 24.61 -29.67 -6.20
C PRO F 15 24.95 -29.36 -7.64
N GLY F 16 24.79 -28.09 -8.01
CA GLY F 16 25.04 -27.65 -9.38
C GLY F 16 24.10 -28.26 -10.40
N GLU F 17 22.82 -28.39 -10.05
CA GLU F 17 21.83 -28.95 -10.95
C GLU F 17 20.53 -28.17 -10.80
N LYS F 18 19.86 -27.94 -11.93
CA LYS F 18 18.60 -27.21 -11.91
C LYS F 18 17.52 -28.02 -11.21
N VAL F 19 16.73 -27.35 -10.37
CA VAL F 19 15.64 -27.97 -9.64
C VAL F 19 14.47 -26.98 -9.60
N THR F 20 13.26 -27.51 -9.69
CA THR F 20 12.06 -26.67 -9.73
C THR F 20 10.98 -27.28 -8.84
N MET F 21 10.36 -26.44 -8.02
CA MET F 21 9.24 -26.84 -7.17
C MET F 21 8.02 -26.02 -7.53
N THR F 22 6.85 -26.63 -7.38
CA THR F 22 5.59 -26.01 -7.75
C THR F 22 4.73 -25.76 -6.52
N CYS F 23 3.98 -24.66 -6.54
CA CYS F 23 3.04 -24.31 -5.47
C CYS F 23 1.70 -23.96 -6.11
N ARG F 24 0.75 -24.88 -6.03
CA ARG F 24 -0.59 -24.66 -6.55
C ARG F 24 -1.51 -24.17 -5.44
N ALA F 25 -2.62 -23.58 -5.85
CA ALA F 25 -3.60 -23.03 -4.92
C ALA F 25 -5.00 -23.41 -5.35
N SER F 26 -5.91 -23.48 -4.38
CA SER F 26 -7.31 -23.78 -4.67
C SER F 26 -8.02 -22.62 -5.36
N SER F 27 -7.40 -21.44 -5.41
CA SER F 27 -8.00 -20.29 -6.07
C SER F 27 -6.91 -19.49 -6.76
N SER F 28 -7.32 -18.70 -7.75
CA SER F 28 -6.40 -17.86 -8.51
C SER F 28 -6.04 -16.65 -7.65
N VAL F 29 -4.92 -16.77 -6.93
CA VAL F 29 -4.44 -15.67 -6.10
C VAL F 29 -3.74 -14.64 -6.98
N SER F 30 -3.91 -13.37 -6.61
CA SER F 30 -3.32 -12.29 -7.41
C SER F 30 -1.80 -12.37 -7.41
N TYR F 31 -1.19 -12.59 -6.25
CA TYR F 31 0.25 -12.67 -6.12
C TYR F 31 0.62 -13.76 -5.14
N ILE F 32 1.86 -14.22 -5.23
CA ILE F 32 2.37 -15.27 -4.36
C ILE F 32 3.65 -14.77 -3.70
N HIS F 33 3.96 -15.34 -2.54
CA HIS F 33 5.15 -14.98 -1.78
C HIS F 33 5.87 -16.23 -1.32
N TRP F 34 7.20 -16.22 -1.39
CA TRP F 34 8.03 -17.36 -1.01
C TRP F 34 8.94 -16.94 0.13
N PHE F 35 8.94 -17.72 1.21
CA PHE F 35 9.80 -17.48 2.36
C PHE F 35 10.58 -18.75 2.68
N GLN F 36 11.78 -18.56 3.21
CA GLN F 36 12.62 -19.67 3.67
C GLN F 36 13.00 -19.43 5.12
N GLN F 37 13.15 -20.53 5.86
CA GLN F 37 13.52 -20.46 7.27
C GLN F 37 14.66 -21.43 7.55
N LYS F 38 15.51 -21.05 8.50
CA LYS F 38 16.62 -21.86 8.96
C LYS F 38 16.37 -22.31 10.39
N PRO F 39 16.99 -23.43 10.81
CA PRO F 39 16.77 -23.90 12.18
C PRO F 39 17.19 -22.86 13.21
N GLY F 40 16.36 -22.70 14.23
CA GLY F 40 16.62 -21.71 15.25
C GLY F 40 16.65 -20.29 14.73
N SER F 41 15.83 -19.99 13.73
CA SER F 41 15.83 -18.66 13.12
C SER F 41 14.45 -18.37 12.54
N SER F 42 14.17 -17.09 12.34
CA SER F 42 12.92 -16.65 11.77
C SER F 42 12.91 -16.88 10.25
N PRO F 43 11.72 -17.03 9.65
CA PRO F 43 11.67 -17.19 8.19
C PRO F 43 11.98 -15.90 7.46
N LYS F 44 13.17 -15.82 6.87
CA LYS F 44 13.56 -14.63 6.14
C LYS F 44 12.81 -14.54 4.82
N PRO F 45 12.29 -13.37 4.45
CA PRO F 45 11.61 -13.24 3.16
C PRO F 45 12.57 -13.52 2.01
N TRP F 46 12.06 -14.21 0.99
CA TRP F 46 12.89 -14.64 -0.13
C TRP F 46 12.44 -14.05 -1.46
N ILE F 47 11.17 -14.22 -1.82
CA ILE F 47 10.64 -13.75 -3.10
C ILE F 47 9.32 -13.03 -2.85
N TYR F 48 9.14 -11.87 -3.47
CA TYR F 48 7.92 -11.10 -3.37
C TYR F 48 7.43 -10.73 -4.76
N ALA F 49 6.12 -10.52 -4.88
CA ALA F 49 5.43 -10.12 -6.11
C ALA F 49 5.55 -11.14 -7.23
N THR F 50 5.98 -12.37 -6.91
CA THR F 50 5.96 -13.51 -7.83
C THR F 50 7.01 -13.36 -8.93
N SER F 51 7.64 -12.19 -9.02
CA SER F 51 8.65 -11.96 -10.05
C SER F 51 9.91 -11.28 -9.55
N ASN F 52 9.88 -10.56 -8.43
CA ASN F 52 11.04 -9.82 -7.95
C ASN F 52 11.78 -10.64 -6.89
N LEU F 53 12.90 -10.10 -6.43
CA LEU F 53 13.76 -10.76 -5.46
C LEU F 53 14.07 -9.82 -4.31
N ALA F 54 14.07 -10.36 -3.10
CA ALA F 54 14.37 -9.57 -1.92
C ALA F 54 15.87 -9.28 -1.82
N SER F 55 16.21 -8.35 -0.93
CA SER F 55 17.60 -7.97 -0.74
C SER F 55 18.39 -9.13 -0.14
N GLY F 56 19.65 -9.25 -0.54
CA GLY F 56 20.52 -10.30 -0.04
C GLY F 56 20.25 -11.67 -0.60
N VAL F 57 19.75 -11.78 -1.83
CA VAL F 57 19.42 -13.06 -2.44
C VAL F 57 20.46 -13.37 -3.51
N PRO F 58 20.84 -14.63 -3.71
CA PRO F 58 21.67 -14.98 -4.86
C PRO F 58 20.91 -14.78 -6.17
N VAL F 59 21.67 -14.47 -7.22
CA VAL F 59 21.09 -14.23 -8.54
C VAL F 59 20.53 -15.50 -9.17
N ARG F 60 20.92 -16.67 -8.66
CA ARG F 60 20.48 -17.94 -9.25
C ARG F 60 18.97 -18.10 -9.16
N PHE F 61 18.38 -17.72 -8.03
CA PHE F 61 16.95 -17.89 -7.84
C PHE F 61 16.16 -16.96 -8.76
N SER F 62 15.05 -17.49 -9.29
CA SER F 62 14.18 -16.71 -10.17
C SER F 62 12.79 -17.31 -10.11
N GLY F 63 11.85 -16.60 -9.49
CA GLY F 63 10.49 -17.07 -9.39
C GLY F 63 9.65 -16.58 -10.56
N SER F 64 8.72 -17.43 -10.99
CA SER F 64 7.85 -17.12 -12.11
C SER F 64 6.52 -17.85 -11.92
N GLY F 65 5.72 -17.87 -12.98
CA GLY F 65 4.43 -18.53 -12.94
C GLY F 65 3.29 -17.53 -12.83
N SER F 66 2.14 -17.91 -13.38
CA SER F 66 0.96 -17.06 -13.36
C SER F 66 -0.28 -17.93 -13.23
N GLY F 67 -1.36 -17.32 -12.74
CA GLY F 67 -2.61 -18.03 -12.56
C GLY F 67 -2.69 -18.77 -11.24
N THR F 68 -3.19 -20.00 -11.27
CA THR F 68 -3.33 -20.81 -10.07
C THR F 68 -2.10 -21.66 -9.78
N SER F 69 -1.09 -21.63 -10.65
CA SER F 69 0.12 -22.41 -10.50
C SER F 69 1.33 -21.49 -10.49
N TYR F 70 2.18 -21.65 -9.47
CA TYR F 70 3.40 -20.89 -9.35
C TYR F 70 4.56 -21.84 -9.05
N SER F 71 5.72 -21.55 -9.65
CA SER F 71 6.87 -22.42 -9.54
C SER F 71 8.11 -21.62 -9.15
N LEU F 72 9.01 -22.27 -8.43
CA LEU F 72 10.28 -21.69 -8.03
C LEU F 72 11.40 -22.41 -8.78
N THR F 73 12.25 -21.65 -9.45
CA THR F 73 13.33 -22.19 -10.27
C THR F 73 14.67 -21.78 -9.70
N ILE F 74 15.58 -22.75 -9.58
CA ILE F 74 16.94 -22.53 -9.09
C ILE F 74 17.90 -22.86 -10.21
N SER F 75 18.74 -21.90 -10.59
CA SER F 75 19.71 -22.12 -11.65
C SER F 75 20.76 -23.15 -11.23
N ARG F 76 21.31 -23.00 -10.02
CA ARG F 76 22.32 -23.92 -9.51
C ARG F 76 22.15 -24.00 -8.00
N VAL F 77 21.59 -25.12 -7.53
CA VAL F 77 21.38 -25.31 -6.10
C VAL F 77 22.67 -25.76 -5.45
N GLU F 78 22.94 -25.26 -4.26
CA GLU F 78 24.15 -25.59 -3.50
C GLU F 78 23.76 -25.99 -2.08
N ALA F 79 24.75 -26.37 -1.29
CA ALA F 79 24.51 -26.80 0.08
C ALA F 79 24.11 -25.64 0.98
N GLU F 80 24.35 -24.39 0.56
CA GLU F 80 23.97 -23.23 1.36
C GLU F 80 22.46 -23.07 1.45
N ASP F 81 21.70 -23.73 0.57
CA ASP F 81 20.26 -23.57 0.51
C ASP F 81 19.51 -24.69 1.22
N ALA F 82 20.18 -25.38 2.15
CA ALA F 82 19.57 -26.49 2.87
C ALA F 82 18.60 -25.94 3.90
N ALA F 83 17.38 -25.68 3.47
CA ALA F 83 16.33 -25.12 4.32
C ALA F 83 14.98 -25.53 3.76
N THR F 84 13.91 -25.00 4.34
CA THR F 84 12.55 -25.27 3.91
C THR F 84 11.91 -24.02 3.34
N TYR F 85 11.23 -24.16 2.21
CA TYR F 85 10.63 -23.02 1.51
C TYR F 85 9.12 -23.02 1.75
N TYR F 86 8.57 -21.85 2.06
CA TYR F 86 7.17 -21.69 2.38
C TYR F 86 6.47 -20.87 1.30
N CYS F 87 5.23 -21.24 0.99
CA CYS F 87 4.43 -20.55 0.00
C CYS F 87 3.36 -19.72 0.71
N GLN F 88 3.31 -18.43 0.40
CA GLN F 88 2.40 -17.51 1.06
C GLN F 88 1.67 -16.66 0.04
N GLN F 89 0.42 -16.32 0.37
CA GLN F 89 -0.42 -15.49 -0.49
C GLN F 89 -1.05 -14.38 0.34
N TRP F 90 -1.59 -13.38 -0.35
CA TRP F 90 -2.20 -12.23 0.31
C TRP F 90 -3.54 -11.84 -0.31
N THR F 91 -4.14 -12.70 -1.14
CA THR F 91 -5.35 -12.32 -1.85
C THR F 91 -6.56 -12.26 -0.92
N SER F 92 -6.73 -13.28 -0.07
CA SER F 92 -7.94 -13.43 0.72
C SER F 92 -7.61 -13.49 2.21
N ASN F 93 -8.46 -12.85 3.01
CA ASN F 93 -8.35 -12.93 4.45
C ASN F 93 -8.93 -14.24 4.95
N PRO F 94 -8.20 -15.04 5.74
CA PRO F 94 -6.82 -14.78 6.17
C PRO F 94 -5.77 -15.41 5.26
N PRO F 95 -4.58 -14.82 5.21
CA PRO F 95 -3.48 -15.45 4.45
C PRO F 95 -3.13 -16.80 5.05
N THR F 96 -2.82 -17.75 4.16
CA THR F 96 -2.49 -19.11 4.57
C THR F 96 -1.13 -19.49 3.99
N PHE F 97 -0.24 -20.00 4.83
CA PHE F 97 1.08 -20.40 4.40
C PHE F 97 1.05 -21.81 3.82
N GLY F 98 2.10 -22.15 3.07
CA GLY F 98 2.20 -23.44 2.44
C GLY F 98 2.72 -24.52 3.38
N GLY F 99 2.88 -25.71 2.82
CA GLY F 99 3.37 -26.84 3.59
C GLY F 99 4.86 -26.78 3.86
N GLY F 100 5.66 -26.81 2.80
CA GLY F 100 7.10 -26.72 2.94
C GLY F 100 7.86 -27.76 2.15
N THR F 101 8.79 -27.31 1.29
CA THR F 101 9.69 -28.19 0.57
C THR F 101 11.05 -28.15 1.26
N LYS F 102 11.46 -29.27 1.83
CA LYS F 102 12.74 -29.38 2.53
C LYS F 102 13.81 -29.78 1.51
N LEU F 103 14.66 -28.83 1.13
CA LEU F 103 15.72 -29.12 0.18
C LEU F 103 16.75 -30.06 0.78
N GLU F 104 17.22 -30.99 -0.03
CA GLU F 104 18.23 -31.96 0.38
C GLU F 104 19.32 -32.04 -0.67
N ILE F 105 20.55 -32.18 -0.21
CA ILE F 105 21.72 -32.27 -1.08
C ILE F 105 21.98 -33.74 -1.40
N LYS F 106 21.97 -34.08 -2.69
CA LYS F 106 22.15 -35.45 -3.16
C LYS F 106 23.55 -35.57 -3.75
N ARG F 107 24.50 -35.96 -2.90
CA ARG F 107 25.87 -36.22 -3.32
C ARG F 107 26.17 -37.70 -3.14
N THR F 108 27.44 -38.07 -3.34
CA THR F 108 27.84 -39.47 -3.22
C THR F 108 27.68 -39.94 -1.78
N VAL F 109 27.41 -41.25 -1.63
CA VAL F 109 27.21 -41.81 -0.30
C VAL F 109 28.53 -41.87 0.45
N ALA F 110 28.42 -41.92 1.78
CA ALA F 110 29.57 -41.96 2.66
C ALA F 110 29.38 -43.06 3.70
N ALA F 111 30.51 -43.68 4.09
CA ALA F 111 30.49 -44.74 5.10
C ALA F 111 30.44 -44.12 6.49
N PRO F 112 29.44 -44.41 7.31
CA PRO F 112 29.36 -43.82 8.64
C PRO F 112 30.48 -44.29 9.55
N SER F 113 30.86 -43.43 10.49
CA SER F 113 31.86 -43.74 11.50
C SER F 113 31.18 -43.80 12.85
N VAL F 114 31.48 -44.84 13.63
CA VAL F 114 30.83 -45.08 14.92
C VAL F 114 31.79 -44.66 16.04
N PHE F 115 31.25 -43.91 17.01
CA PHE F 115 31.99 -43.50 18.19
C PHE F 115 31.13 -43.75 19.41
N ILE F 116 31.71 -44.36 20.44
CA ILE F 116 31.00 -44.70 21.66
C ILE F 116 31.66 -43.98 22.83
N PHE F 117 30.86 -43.36 23.67
CA PHE F 117 31.35 -42.60 24.83
C PHE F 117 30.89 -43.27 26.12
N PRO F 118 31.79 -43.90 26.89
CA PRO F 118 31.37 -44.51 28.14
C PRO F 118 30.92 -43.45 29.12
N PRO F 119 29.95 -43.77 29.99
CA PRO F 119 29.49 -42.80 30.98
C PRO F 119 30.59 -42.47 31.99
N SER F 120 30.53 -41.23 32.49
CA SER F 120 31.51 -40.76 33.46
C SER F 120 31.09 -41.18 34.87
N ASP F 121 32.02 -40.99 35.81
CA ASP F 121 31.75 -41.36 37.20
C ASP F 121 30.68 -40.46 37.82
N GLU F 122 30.63 -39.18 37.43
CA GLU F 122 29.63 -38.29 37.99
C GLU F 122 28.22 -38.68 37.55
N GLN F 123 28.09 -39.30 36.38
CA GLN F 123 26.79 -39.80 35.95
C GLN F 123 26.29 -40.89 36.89
N LEU F 124 27.17 -41.82 37.25
CA LEU F 124 26.80 -42.88 38.20
C LEU F 124 26.53 -42.31 39.58
N LYS F 125 27.35 -41.34 40.02
CA LYS F 125 27.16 -40.74 41.33
C LYS F 125 25.89 -39.89 41.40
N SER F 126 25.40 -39.41 40.26
CA SER F 126 24.15 -38.65 40.27
C SER F 126 22.96 -39.54 40.58
N GLY F 127 22.96 -40.77 40.05
CA GLY F 127 21.86 -41.69 40.28
C GLY F 127 21.30 -42.28 39.01
N THR F 128 21.96 -42.01 37.88
CA THR F 128 21.50 -42.52 36.59
C THR F 128 22.66 -43.07 35.77
N ALA F 129 22.39 -43.46 34.53
CA ALA F 129 23.41 -43.96 33.63
C ALA F 129 23.00 -43.63 32.21
N SER F 130 23.99 -43.27 31.39
CA SER F 130 23.72 -42.88 30.00
C SER F 130 24.98 -43.09 29.18
N VAL F 131 24.87 -43.88 28.12
CA VAL F 131 25.96 -44.11 27.17
C VAL F 131 25.52 -43.60 25.80
N VAL F 132 26.42 -42.88 25.13
CA VAL F 132 26.11 -42.18 23.90
C VAL F 132 26.88 -42.83 22.75
N CYS F 133 26.18 -43.19 21.69
CA CYS F 133 26.79 -43.70 20.46
C CYS F 133 26.65 -42.64 19.37
N LEU F 134 27.75 -42.35 18.69
CA LEU F 134 27.79 -41.27 17.70
C LEU F 134 27.68 -41.82 16.29
N LEU F 135 26.80 -41.21 15.50
CA LEU F 135 26.63 -41.53 14.09
C LEU F 135 26.85 -40.27 13.27
N ASN F 136 27.65 -40.37 12.21
CA ASN F 136 28.00 -39.22 11.40
C ASN F 136 28.34 -39.68 10.00
N ASN F 137 28.38 -38.71 9.08
CA ASN F 137 28.73 -38.91 7.67
C ASN F 137 28.11 -40.17 7.09
N PHE F 138 26.78 -40.20 7.10
CA PHE F 138 26.01 -41.30 6.53
C PHE F 138 24.88 -40.76 5.68
N TYR F 139 24.47 -41.54 4.68
CA TYR F 139 23.40 -41.19 3.77
C TYR F 139 22.86 -42.48 3.16
N PRO F 140 21.53 -42.63 3.04
CA PRO F 140 20.48 -41.67 3.40
C PRO F 140 20.16 -41.62 4.89
N ARG F 141 18.97 -41.13 5.22
CA ARG F 141 18.57 -40.92 6.61
C ARG F 141 18.54 -42.23 7.39
N GLU F 142 18.04 -43.30 6.76
CA GLU F 142 17.88 -44.57 7.47
C GLU F 142 19.22 -45.11 7.92
N ALA F 143 19.29 -45.51 9.20
CA ALA F 143 20.51 -46.07 9.77
C ALA F 143 20.09 -46.98 10.92
N LYS F 144 20.07 -48.29 10.67
CA LYS F 144 19.65 -49.24 11.68
C LYS F 144 20.71 -49.36 12.77
N VAL F 145 20.24 -49.45 14.02
CA VAL F 145 21.10 -49.63 15.18
C VAL F 145 20.59 -50.80 16.00
N GLN F 146 21.51 -51.62 16.50
CA GLN F 146 21.17 -52.81 17.29
C GLN F 146 22.21 -52.95 18.41
N TRP F 147 21.88 -52.42 19.58
CA TRP F 147 22.76 -52.52 20.72
C TRP F 147 22.84 -53.98 21.21
N LYS F 148 24.04 -54.42 21.56
CA LYS F 148 24.26 -55.76 22.06
C LYS F 148 24.99 -55.68 23.39
N VAL F 149 24.39 -56.27 24.43
CA VAL F 149 25.01 -56.35 25.75
C VAL F 149 24.97 -57.81 26.20
N ASP F 150 26.12 -58.32 26.65
CA ASP F 150 26.25 -59.72 27.08
C ASP F 150 25.76 -60.68 25.99
N ASN F 151 26.12 -60.38 24.75
CA ASN F 151 25.73 -61.18 23.58
C ASN F 151 24.21 -61.31 23.48
N ALA F 152 23.50 -60.22 23.78
CA ALA F 152 22.05 -60.18 23.69
C ALA F 152 21.64 -58.88 22.99
N LEU F 153 20.76 -58.99 22.00
CA LEU F 153 20.31 -57.85 21.24
C LEU F 153 19.08 -57.23 21.90
N GLN F 154 19.15 -55.93 22.15
CA GLN F 154 18.07 -55.18 22.77
C GLN F 154 17.60 -54.09 21.82
N SER F 155 16.28 -53.98 21.63
CA SER F 155 15.71 -52.98 20.75
C SER F 155 14.51 -52.34 21.42
N GLY F 156 14.22 -51.10 21.04
CA GLY F 156 13.08 -50.37 21.57
C GLY F 156 13.32 -49.69 22.89
N ASN F 157 14.53 -49.76 23.44
CA ASN F 157 14.85 -49.14 24.73
C ASN F 157 15.58 -47.81 24.56
N SER F 158 15.65 -47.28 23.35
CA SER F 158 16.36 -46.02 23.10
C SER F 158 15.55 -45.17 22.14
N GLN F 159 15.83 -43.87 22.17
CA GLN F 159 15.18 -42.91 21.29
C GLN F 159 16.22 -42.20 20.43
N GLU F 160 15.84 -41.89 19.20
CA GLU F 160 16.73 -41.27 18.23
C GLU F 160 16.15 -39.96 17.74
N SER F 161 17.00 -38.95 17.59
CA SER F 161 16.61 -37.64 17.10
C SER F 161 17.43 -37.31 15.86
N VAL F 162 16.76 -36.79 14.83
CA VAL F 162 17.40 -36.46 13.57
C VAL F 162 17.66 -34.96 13.54
N THR F 163 18.91 -34.59 13.30
CA THR F 163 19.30 -33.19 13.26
C THR F 163 19.23 -32.65 11.83
N GLU F 164 19.62 -31.39 11.67
CA GLU F 164 19.60 -30.76 10.36
C GLU F 164 20.71 -31.30 9.48
N GLN F 165 20.53 -31.12 8.17
CA GLN F 165 21.53 -31.59 7.21
C GLN F 165 22.76 -30.71 7.26
N ASP F 166 23.93 -31.33 7.37
CA ASP F 166 25.18 -30.59 7.41
C ASP F 166 25.50 -29.99 6.05
N SER F 167 26.32 -28.93 6.07
CA SER F 167 26.60 -28.19 4.84
C SER F 167 27.62 -28.91 3.96
N LYS F 168 28.83 -29.08 4.46
CA LYS F 168 29.93 -29.59 3.64
C LYS F 168 30.56 -30.86 4.18
N ASP F 169 30.78 -30.93 5.50
CA ASP F 169 31.51 -32.06 6.07
C ASP F 169 30.71 -33.35 5.96
N SER F 170 29.52 -33.38 6.55
CA SER F 170 28.68 -34.58 6.57
C SER F 170 27.35 -34.27 5.90
N THR F 171 26.44 -35.25 5.96
CA THR F 171 25.07 -35.07 5.47
C THR F 171 24.05 -35.16 6.59
N TYR F 172 24.05 -36.27 7.34
CA TYR F 172 23.06 -36.49 8.39
C TYR F 172 23.78 -36.96 9.64
N SER F 173 23.16 -36.72 10.79
CA SER F 173 23.68 -37.16 12.08
C SER F 173 22.52 -37.71 12.91
N LEU F 174 22.63 -38.96 13.31
CA LEU F 174 21.60 -39.62 14.11
C LEU F 174 22.11 -39.80 15.54
N SER F 175 21.30 -39.37 16.50
CA SER F 175 21.65 -39.46 17.91
C SER F 175 21.07 -40.76 18.47
N SER F 176 21.89 -41.81 18.47
CA SER F 176 21.49 -43.12 18.98
C SER F 176 22.06 -43.26 20.39
N THR F 177 21.33 -42.74 21.36
CA THR F 177 21.73 -42.76 22.77
C THR F 177 20.88 -43.77 23.51
N LEU F 178 21.53 -44.66 24.25
CA LEU F 178 20.85 -45.71 25.01
C LEU F 178 20.79 -45.31 26.47
N THR F 179 19.60 -45.41 27.06
CA THR F 179 19.37 -45.09 28.46
C THR F 179 18.88 -46.32 29.20
N LEU F 180 19.27 -46.45 30.46
CA LEU F 180 18.90 -47.59 31.27
C LEU F 180 19.07 -47.25 32.74
N SER F 181 18.47 -48.07 33.59
CA SER F 181 18.56 -47.86 35.03
C SER F 181 19.92 -48.32 35.56
N LYS F 182 20.20 -47.95 36.80
CA LYS F 182 21.48 -48.32 37.41
C LYS F 182 21.58 -49.81 37.66
N ALA F 183 20.45 -50.49 37.93
CA ALA F 183 20.48 -51.92 38.16
C ALA F 183 20.94 -52.67 36.91
N ASP F 184 20.37 -52.34 35.76
CA ASP F 184 20.82 -52.95 34.51
C ASP F 184 22.20 -52.45 34.11
N TYR F 185 22.55 -51.23 34.51
CA TYR F 185 23.89 -50.70 34.23
C TYR F 185 24.96 -51.52 34.94
N GLU F 186 24.73 -51.89 36.20
CA GLU F 186 25.66 -52.73 36.93
C GLU F 186 25.48 -54.21 36.63
N LYS F 187 24.35 -54.59 36.03
CA LYS F 187 24.15 -56.00 35.69
C LYS F 187 25.10 -56.45 34.59
N HIS F 188 25.35 -55.59 33.60
CA HIS F 188 26.21 -55.91 32.47
C HIS F 188 27.51 -55.09 32.56
N LYS F 189 28.55 -55.63 31.94
CA LYS F 189 29.87 -55.00 31.93
C LYS F 189 30.29 -54.52 30.55
N VAL F 190 30.20 -55.37 29.54
CA VAL F 190 30.61 -55.02 28.18
C VAL F 190 29.43 -54.44 27.43
N TYR F 191 29.66 -53.30 26.77
CA TYR F 191 28.64 -52.64 25.97
C TYR F 191 29.15 -52.43 24.55
N ALA F 192 28.29 -52.69 23.57
CA ALA F 192 28.65 -52.56 22.17
C ALA F 192 27.55 -51.80 21.43
N CYS F 193 27.96 -51.09 20.38
CA CYS F 193 27.03 -50.32 19.55
C CYS F 193 27.44 -50.52 18.09
N GLU F 194 26.74 -51.42 17.41
CA GLU F 194 27.00 -51.71 16.00
C GLU F 194 25.91 -51.10 15.14
N VAL F 195 26.32 -50.36 14.10
CA VAL F 195 25.41 -49.69 13.19
C VAL F 195 25.67 -50.20 11.78
N THR F 196 24.63 -50.67 11.11
CA THR F 196 24.72 -51.12 9.73
C THR F 196 24.17 -50.06 8.79
N HIS F 197 24.77 -49.95 7.61
CA HIS F 197 24.38 -48.93 6.65
C HIS F 197 24.81 -49.37 5.25
N GLN F 198 24.17 -48.77 4.25
CA GLN F 198 24.49 -49.10 2.86
C GLN F 198 25.86 -48.60 2.45
N GLY F 199 26.42 -47.61 3.16
CA GLY F 199 27.71 -47.06 2.81
C GLY F 199 28.86 -48.02 3.06
N LEU F 200 29.12 -48.32 4.33
CA LEU F 200 30.21 -49.22 4.68
C LEU F 200 29.84 -50.67 4.36
N SER F 201 30.85 -51.45 3.98
CA SER F 201 30.61 -52.85 3.65
C SER F 201 30.57 -53.72 4.91
N SER F 202 31.67 -53.74 5.66
CA SER F 202 31.74 -54.53 6.89
C SER F 202 31.34 -53.66 8.07
N PRO F 203 30.29 -54.01 8.82
CA PRO F 203 29.89 -53.19 9.97
C PRO F 203 30.94 -53.20 11.06
N VAL F 204 31.49 -52.03 11.34
CA VAL F 204 32.52 -51.87 12.37
C VAL F 204 31.83 -51.58 13.70
N THR F 205 32.38 -52.15 14.78
CA THR F 205 31.83 -51.99 16.11
C THR F 205 32.93 -51.63 17.09
N LYS F 206 32.63 -50.69 17.99
CA LYS F 206 33.55 -50.29 19.05
C LYS F 206 32.99 -50.73 20.39
N SER F 207 33.80 -51.45 21.17
CA SER F 207 33.38 -52.01 22.44
C SER F 207 34.34 -51.57 23.53
N PHE F 208 33.79 -51.33 24.72
CA PHE F 208 34.59 -50.97 25.89
C PHE F 208 34.23 -51.86 27.07
N ASN F 209 34.78 -51.55 28.24
CA ASN F 209 34.54 -52.35 29.44
C ASN F 209 34.20 -51.44 30.60
N ARG F 210 33.49 -52.01 31.57
CA ARG F 210 33.07 -51.29 32.77
C ARG F 210 33.94 -51.69 33.95
N GLY F 211 34.38 -50.69 34.71
CA GLY F 211 35.26 -50.90 35.85
C GLY F 211 36.73 -50.79 35.54
N GLU F 212 37.11 -50.61 34.28
CA GLU F 212 38.51 -50.46 33.90
C GLU F 212 38.80 -49.11 33.25
N CYS F 213 37.88 -48.58 32.45
CA CYS F 213 38.07 -47.29 31.80
C CYS F 213 36.73 -46.65 31.45
CAA Y01 G . -42.52 -4.81 -4.33
CBA Y01 G . -41.55 -4.32 -3.25
CAB Y01 G . -42.27 -4.33 -1.90
CAN Y01 G . -41.11 -2.90 -3.58
CAJ Y01 G . -40.03 -2.44 -2.58
CAO Y01 G . -38.79 -3.32 -2.75
CBB Y01 G . -37.51 -2.57 -2.31
CAC Y01 G . -37.63 -1.10 -2.72
CBE Y01 G . -37.30 -2.69 -0.79
CAP Y01 G . -37.92 -3.97 -0.20
CAQ Y01 G . -37.07 -4.25 1.07
CBG Y01 G . -36.05 -3.12 1.04
CBI Y01 G . -35.85 -2.94 -0.44
CAE Y01 G . -35.30 -4.22 -1.10
CAU Y01 G . -34.89 -1.77 -0.66
CAS Y01 G . -33.55 -2.11 -0.02
CBF Y01 G . -33.73 -2.37 1.49
CBD Y01 G . -34.73 -3.47 1.72
CAK Y01 G . -34.98 -3.59 3.21
CAI Y01 G . -33.78 -3.61 3.93
CAZ Y01 G . -32.55 -3.19 3.43
CAV Y01 G . -31.45 -3.27 4.30
CBH Y01 G . -32.40 -2.82 2.08
CAD Y01 G . -31.92 -4.05 1.31
CAT Y01 G . -31.38 -1.70 1.91
CAR Y01 G . -30.09 -2.06 2.59
CBC Y01 G . -30.41 -2.17 4.06
OAW Y01 G . -29.22 -2.42 4.85
CAY Y01 G . -28.35 -3.37 4.37
OAG Y01 G . -28.68 -4.47 3.94
CAM Y01 G . -26.88 -2.99 4.45
CAL Y01 G . -26.73 -1.46 4.38
CAX Y01 G . -25.24 -1.09 4.50
OAH Y01 G . -24.42 -1.95 4.12
OAF Y01 G . -24.99 0.03 4.98
CAA Y01 H . -31.52 -14.98 -18.66
CBA Y01 H . -30.04 -15.35 -18.67
CAB Y01 H . -29.54 -15.51 -17.23
CAN Y01 H . -29.24 -14.23 -19.37
CAJ Y01 H . -27.78 -14.67 -19.53
CAO Y01 H . -26.87 -13.62 -18.88
CBB Y01 H . -25.82 -13.15 -19.90
CAC Y01 H . -26.55 -12.47 -21.06
CBE Y01 H . -24.85 -12.17 -19.22
CAP Y01 H . -24.61 -12.54 -17.74
CAQ Y01 H . -23.20 -11.97 -17.42
CBG Y01 H . -22.81 -11.33 -18.75
CBI Y01 H . -23.42 -12.27 -19.74
CAE Y01 H . -22.86 -13.70 -19.59
CAU Y01 H . -23.20 -11.73 -21.15
CAS Y01 H . -21.68 -11.64 -21.38
CBF Y01 H . -21.03 -10.72 -20.35
CBD Y01 H . -21.30 -11.23 -18.95
CAK Y01 H . -20.74 -10.24 -17.96
CAI Y01 H . -19.46 -9.82 -18.30
CAZ Y01 H . -18.88 -9.98 -19.55
CAV Y01 H . -17.58 -9.48 -19.73
CBH Y01 H . -19.52 -10.72 -20.57
CAD Y01 H . -19.01 -12.16 -20.50
CAT Y01 H . -19.26 -10.15 -21.95
CAR Y01 H . -17.78 -9.96 -22.14
CBC Y01 H . -17.36 -8.92 -21.13
OAW Y01 H . -15.97 -8.59 -21.29
CAY Y01 H . -15.80 -7.61 -22.22
OAG Y01 H . -15.93 -7.77 -23.43
CAM Y01 H . -15.46 -6.23 -21.64
CAL Y01 H . -14.63 -5.44 -22.67
CAX Y01 H . -14.24 -4.09 -22.08
OAH Y01 H . -14.10 -3.14 -22.89
OAF Y01 H . -14.08 -4.03 -20.84
CAA Y01 I . -37.42 -12.98 -22.19
CBA Y01 I . -37.25 -13.51 -23.62
CAB Y01 I . -36.36 -12.54 -24.41
CAN Y01 I . -38.61 -13.62 -24.30
CAJ Y01 I . -39.49 -14.62 -23.53
CAO Y01 I . -40.87 -14.00 -23.32
CBB Y01 I . -41.95 -15.03 -23.68
CBE Y01 I . -43.16 -14.27 -24.26
CAP Y01 I . -42.89 -13.77 -25.68
CAQ Y01 I . -44.30 -13.73 -26.33
CBG Y01 I . -45.20 -14.16 -25.17
CBI Y01 I . -44.34 -15.19 -24.50
CAE Y01 I . -43.98 -16.34 -25.46
CAU Y01 I . -45.03 -15.70 -23.25
CAS Y01 I . -46.35 -16.35 -23.67
CBF Y01 I . -47.23 -15.33 -24.40
CBD Y01 I . -46.51 -14.79 -25.63
CAK Y01 I . -47.36 -13.73 -26.32
CAI Y01 I . -48.73 -13.98 -26.21
CAZ Y01 I . -49.30 -15.05 -25.54
CAV Y01 I . -50.70 -15.09 -25.46
CBH Y01 I . -48.50 -16.02 -24.89
CAD Y01 I . -48.07 -17.16 -25.84
CAT Y01 I . -49.29 -16.56 -23.70
CAR Y01 I . -50.59 -17.25 -24.16
CBC Y01 I . -51.29 -16.49 -25.29
OAW Y01 I . -51.17 -17.22 -26.52
CAY Y01 I . -52.15 -16.83 -27.39
OAG Y01 I . -53.20 -16.29 -27.05
CAM Y01 I . -51.87 -17.13 -28.87
CAL Y01 I . -53.17 -17.03 -29.67
CAX Y01 I . -54.12 -18.17 -29.27
OAH Y01 I . -53.59 -19.26 -28.93
OAF Y01 I . -55.34 -17.94 -29.30
O12 PC1 J . -28.15 -6.88 12.36
P PC1 J . -27.84 -8.26 11.84
O14 PC1 J . -28.38 -9.30 12.80
O13 PC1 J . -26.20 -8.44 11.71
C11 PC1 J . -25.48 -8.78 12.85
C12 PC1 J . -23.99 -8.51 12.60
N PC1 J . -23.18 -9.16 13.63
C13 PC1 J . -23.33 -10.60 13.51
C14 PC1 J . -21.78 -8.81 13.43
C15 PC1 J . -23.60 -8.73 14.95
O11 PC1 J . -28.53 -8.47 10.36
C1 PC1 J . -28.91 -9.76 9.97
C2 PC1 J . -30.39 -9.78 9.62
O21 PC1 J . -30.87 -11.09 9.70
C21 PC1 J . -31.46 -11.42 10.93
O22 PC1 J . -31.50 -10.62 11.80
C22 PC1 J . -32.04 -12.82 11.14
C23 PC1 J . -33.56 -12.77 10.94
C24 PC1 J . -33.87 -12.48 9.47
C25 PC1 J . -33.19 -13.51 8.58
C26 PC1 J . -33.94 -14.84 8.67
C27 PC1 J . -35.37 -14.67 8.18
C28 PC1 J . -35.34 -14.33 6.68
C29 PC1 J . -36.54 -15.00 5.99
C2A PC1 J . -37.84 -14.36 6.48
C2B PC1 J . -37.82 -12.87 6.14
C2C PC1 J . -39.05 -12.20 6.76
C3 PC1 J . -30.58 -9.25 8.20
O31 PC1 J . -31.79 -8.56 8.12
C31 PC1 J . -31.77 -7.47 7.26
O32 PC1 J . -30.73 -6.95 6.99
C32 PC1 J . -33.06 -6.93 6.67
C33 PC1 J . -33.30 -7.56 5.30
C34 PC1 J . -34.80 -7.53 4.97
C35 PC1 J . -35.49 -8.67 5.70
C36 PC1 J . -36.99 -8.66 5.40
C37 PC1 J . -37.20 -8.68 3.89
C38 PC1 J . -38.68 -8.45 3.59
C39 PC1 J . -39.49 -9.64 4.13
C3A PC1 J . -40.95 -9.48 3.73
C3B PC1 J . -41.73 -10.74 4.12
C3C PC1 J . -41.10 -11.95 3.46
C1 MYS K . -21.33 -22.30 10.95
C2 MYS K . -22.78 -21.88 11.19
C3 MYS K . -23.70 -23.06 10.91
C4 MYS K . -25.10 -22.74 11.44
C5 MYS K . -25.76 -21.70 10.53
C6 MYS K . -27.28 -21.88 10.57
C7 MYS K . -27.63 -23.30 10.13
C8 MYS K . -27.50 -23.42 8.62
C9 MYS K . -28.83 -23.05 7.97
C10 MYS K . -29.85 -24.15 8.24
C11 MYS K . -31.18 -23.81 7.57
C12 MYS K . -31.72 -22.49 8.13
C13 MYS K . -33.23 -22.43 7.91
C14 MYS K . -33.54 -22.54 6.43
C15 MYS K . -35.05 -22.67 6.23
C1 MYS L . -21.66 -31.66 -1.67
C2 MYS L . -21.85 -30.21 -1.23
C3 MYS L . -23.31 -29.98 -0.83
C4 MYS L . -24.19 -29.98 -2.08
C5 MYS L . -25.44 -29.14 -1.83
C6 MYS L . -26.12 -28.83 -3.16
C7 MYS L . -26.64 -27.40 -3.14
C8 MYS L . -27.92 -27.32 -2.30
C9 MYS L . -29.02 -28.14 -2.97
C10 MYS L . -30.32 -27.99 -2.17
C11 MYS L . -31.41 -28.84 -2.83
C12 MYS L . -31.64 -28.37 -4.25
C13 MYS L . -32.64 -29.31 -4.94
C14 MYS L . -32.90 -28.82 -6.37
C15 MYS L . -33.58 -27.46 -6.33
C1 MYS M . -21.14 -28.44 -11.66
C2 MYS M . -22.28 -28.06 -10.71
C3 MYS M . -23.50 -27.62 -11.52
C4 MYS M . -24.71 -27.51 -10.60
C5 MYS M . -25.96 -27.28 -11.43
C6 MYS M . -26.17 -28.46 -12.38
C7 MYS M . -26.86 -27.98 -13.65
C8 MYS M . -28.30 -27.57 -13.34
C9 MYS M . -29.09 -28.78 -12.85
C10 MYS M . -30.56 -28.40 -12.72
C11 MYS M . -31.37 -29.63 -12.32
C12 MYS M . -32.85 -29.38 -12.61
C13 MYS M . -33.04 -29.16 -14.11
C14 MYS M . -34.53 -28.98 -14.42
C15 MYS M . -35.27 -30.27 -14.09
C1 MYS N . -18.27 -27.44 -15.96
C2 MYS N . -19.39 -27.09 -16.95
C3 MYS N . -19.77 -25.62 -16.79
C4 MYS N . -20.61 -25.17 -17.98
C5 MYS N . -22.05 -24.91 -17.52
C6 MYS N . -22.85 -26.19 -17.58
C7 MYS N . -24.33 -25.89 -17.31
C8 MYS N . -24.83 -24.84 -18.29
C9 MYS N . -26.15 -24.25 -17.79
C10 MYS N . -27.30 -25.20 -18.13
C11 MYS N . -27.96 -25.69 -16.83
C12 MYS N . -29.31 -26.31 -17.15
C13 MYS N . -30.26 -25.22 -17.66
C14 MYS N . -31.65 -25.81 -17.88
C15 MYS N . -32.61 -24.71 -18.30
C1 MYS O . -21.13 -16.31 -23.89
C2 MYS O . -21.59 -17.03 -22.63
C3 MYS O . -23.08 -17.38 -22.77
C4 MYS O . -23.46 -18.40 -21.69
C5 MYS O . -24.84 -18.98 -22.02
C6 MYS O . -25.91 -17.91 -21.78
C7 MYS O . -27.30 -18.53 -21.90
C8 MYS O . -27.42 -19.73 -20.96
C9 MYS O . -28.85 -20.26 -20.99
C10 MYS O . -29.24 -20.63 -22.42
C11 MYS O . -30.71 -21.02 -22.45
C12 MYS O . -31.11 -21.38 -23.88
C13 MYS O . -32.62 -21.63 -23.95
C14 MYS O . -33.02 -21.96 -25.38
C15 MYS O . -32.37 -23.27 -25.81
CAA Y01 P . -38.54 -6.39 -23.74
CBA Y01 P . -39.70 -6.48 -22.76
CAB Y01 P . -39.23 -6.04 -21.37
CAN Y01 P . -40.19 -7.92 -22.70
CAJ Y01 P . -41.44 -7.99 -21.83
CAO Y01 P . -42.00 -9.43 -21.90
CBB Y01 P . -43.32 -9.58 -21.15
CAC Y01 P . -43.21 -8.90 -19.76
CBE Y01 P . -44.51 -9.02 -21.98
CAP Y01 P . -44.21 -9.16 -23.49
CAQ Y01 P . -45.58 -9.28 -24.17
CBG Y01 P . -46.55 -9.24 -23.00
CBI Y01 P . -45.75 -9.89 -21.91
CAE Y01 P . -45.41 -11.35 -22.26
CAU Y01 P . -46.55 -9.81 -20.63
CAS Y01 P . -47.86 -10.59 -20.82
CBF Y01 P . -48.67 -10.09 -22.03
CBD Y01 P . -47.80 -10.05 -23.26
CAK Y01 P . -48.61 -9.40 -24.37
CAI Y01 P . -49.82 -10.05 -24.53
CAZ Y01 P . -50.43 -10.82 -23.54
CAV Y01 P . -51.65 -11.43 -23.86
CBH Y01 P . -49.78 -11.11 -22.32
CAD Y01 P . -49.12 -12.48 -22.46
CAT Y01 P . -50.76 -11.12 -21.16
CAR Y01 P . -51.89 -12.06 -21.48
CBC Y01 P . -52.62 -11.50 -22.69
OAW Y01 P . -53.72 -12.38 -23.01
CAY Y01 P . -54.44 -12.02 -24.11
OAG Y01 P . -54.61 -10.85 -24.49
CAM Y01 P . -55.09 -13.17 -24.86
CAL Y01 P . -56.35 -12.68 -25.58
CAX Y01 P . -57.50 -13.68 -25.38
OAH Y01 P . -57.56 -14.25 -24.27
OAF Y01 P . -58.27 -13.85 -26.34
CAA Y01 Q . -44.99 -7.94 -0.76
CBA Y01 Q . -45.42 -8.13 -2.22
CAB Y01 Q . -44.17 -8.26 -3.10
CAN Y01 Q . -46.23 -6.90 -2.65
CAJ Y01 Q . -46.79 -7.14 -4.05
CAO Y01 Q . -47.70 -5.96 -4.41
CBB Y01 Q . -48.41 -6.16 -5.77
CAC Y01 Q . -47.37 -6.63 -6.81
CBE Y01 Q . -49.61 -7.13 -5.63
CAP Y01 Q . -50.21 -7.05 -4.21
CAQ Y01 Q . -51.70 -7.44 -4.37
CBG Y01 Q . -51.82 -7.67 -5.87
CBI Y01 Q . -50.82 -6.69 -6.42
CAE Y01 Q . -51.19 -5.24 -6.07
CAU Y01 Q . -50.75 -6.89 -7.93
CAS Y01 Q . -52.13 -6.58 -8.53
CBF Y01 Q . -53.26 -7.41 -7.88
CBD Y01 Q . -53.21 -7.31 -6.38
CAK Y01 Q . -54.22 -8.27 -5.82
CAI Y01 Q . -55.48 -8.05 -6.38
CAZ Y01 Q . -55.67 -7.42 -7.61
CAV Y01 Q . -56.99 -7.25 -8.04
CBH Y01 Q . -54.60 -6.83 -8.32
CAD Y01 Q . -54.59 -5.33 -7.97
CAT Y01 Q . -54.77 -7.00 -9.82
CAR Y01 Q . -56.13 -6.49 -10.22
CBC Y01 Q . -57.16 -7.36 -9.54
OAW Y01 Q . -58.48 -6.91 -9.93
CAY Y01 Q . -59.52 -7.58 -9.34
OAG Y01 Q . -59.48 -8.77 -9.01
CAM Y01 Q . -60.79 -6.76 -9.15
CAL Y01 Q . -62.01 -7.68 -9.17
CAX Y01 Q . -63.12 -7.07 -10.03
OAH Y01 Q . -62.76 -6.44 -11.06
OAF Y01 Q . -64.30 -7.24 -9.65
CAA Y01 R . -37.50 -8.89 -19.11
CBA Y01 R . -36.02 -8.97 -19.47
CAB Y01 R . -35.86 -9.06 -21.00
CAN Y01 R . -35.39 -10.20 -18.83
CAJ Y01 R . -33.88 -10.21 -19.06
CAO Y01 R . -33.25 -9.00 -18.35
CBB Y01 R . -31.78 -9.28 -17.98
CAC Y01 R . -31.63 -10.74 -17.55
CBE Y01 R . -30.84 -8.97 -19.16
CAP Y01 R . -31.41 -7.89 -20.11
CAQ Y01 R . -30.16 -7.26 -20.76
CBG Y01 R . -29.01 -8.01 -20.08
CBI Y01 R . -29.59 -8.25 -18.72
CAE Y01 R . -29.91 -6.93 -17.99
CAU Y01 R . -28.59 -9.07 -17.91
CAS Y01 R . -27.29 -8.28 -17.78
CBF Y01 R . -26.71 -7.96 -19.17
CBD Y01 R . -27.73 -7.21 -20.00
CAK Y01 R . -27.17 -7.04 -21.39
CAI Y01 R . -25.86 -6.59 -21.38
CAZ Y01 R . -25.01 -6.65 -20.26
CAV Y01 R . -23.72 -6.15 -20.42
CBH Y01 R . -25.50 -7.07 -19.01
CAD Y01 R . -25.90 -5.82 -18.23
CAT Y01 R . -24.44 -7.83 -18.21
CAR Y01 R . -23.17 -7.02 -18.16
CBC Y01 R . -22.68 -6.89 -19.58
OAW Y01 R . -21.39 -6.20 -19.64
CAY Y01 R . -21.26 -5.08 -18.86
OAG Y01 R . -22.08 -4.18 -18.78
CAM Y01 R . -19.93 -4.98 -18.11
CAL Y01 R . -19.37 -6.38 -17.83
CAX Y01 R . -18.03 -6.26 -17.12
OAH Y01 R . -17.83 -5.23 -16.44
OAF Y01 R . -17.22 -7.20 -17.28
CAA Y01 S . -39.52 2.91 -2.20
CBA Y01 S . -38.47 3.72 -1.44
CAB Y01 S . -37.37 4.14 -2.42
CAN Y01 S . -37.86 2.85 -0.34
CAJ Y01 S . -36.93 3.70 0.53
CAO Y01 S . -35.54 3.05 0.57
CBB Y01 S . -35.10 2.85 2.02
CAC Y01 S . -36.08 1.87 2.69
CBE Y01 S . -33.67 2.28 2.05
CAP Y01 S . -32.82 2.84 0.90
CAQ Y01 S . -31.36 2.77 1.43
CBG Y01 S . -31.55 2.16 2.81
CBI Y01 S . -32.85 2.77 3.23
CAE Y01 S . -32.77 4.31 3.27
CAU Y01 S . -33.25 2.21 4.60
CAS Y01 S . -32.15 2.57 5.61
CBF Y01 S . -30.81 2.00 5.17
CBD Y01 S . -30.44 2.52 3.79
CAK Y01 S . -29.17 1.84 3.34
CAI Y01 S . -28.20 1.82 4.35
CAZ Y01 S . -28.46 2.04 5.70
CAV Y01 S . -27.37 1.95 6.58
CBH Y01 S . -29.73 2.45 6.13
CAD Y01 S . -29.73 3.98 6.22
CAT Y01 S . -30.08 1.87 7.50
CAR Y01 S . -28.94 2.13 8.46
CBC Y01 S . -27.76 1.37 7.93
OAW Y01 S . -26.64 1.48 8.84
CAY Y01 S . -26.70 0.52 9.80
OAG Y01 S . -27.49 0.53 10.74
CAM Y01 S . -25.70 -0.63 9.62
CAL Y01 S . -25.34 -1.19 11.00
CAX Y01 S . -24.30 -2.30 10.84
OAH Y01 S . -24.33 -3.23 11.68
OAF Y01 S . -23.50 -2.20 9.89
CAA Y01 T . -45.44 -1.13 -2.14
CBA Y01 T . -46.22 -0.71 -0.89
CAB Y01 T . -45.63 -1.41 0.34
CAN Y01 T . -47.69 -1.09 -1.05
CAJ Y01 T . -48.29 -0.34 -2.25
CAO Y01 T . -49.08 -1.34 -3.11
CBB Y01 T . -50.44 -0.75 -3.46
CBE Y01 T . -51.47 -1.87 -3.54
CAP Y01 T . -51.85 -2.40 -2.14
CAQ Y01 T . -53.30 -2.94 -2.34
CBG Y01 T . -53.53 -2.70 -3.83
CBI Y01 T . -52.81 -1.40 -4.04
CAE Y01 T . -53.39 -0.28 -3.16
CAU Y01 T . -52.85 -1.02 -5.51
CAS Y01 T . -54.32 -0.86 -5.91
CBF Y01 T . -55.09 -2.16 -5.67
CBD Y01 T . -55.00 -2.56 -4.20
CAK Y01 T . -55.70 -3.88 -3.96
CAI Y01 T . -56.80 -4.07 -4.80
CAZ Y01 T . -57.24 -3.17 -5.78
CAV Y01 T . -58.32 -3.56 -6.58
CBH Y01 T . -56.56 -1.95 -5.99
CAD Y01 T . -57.07 -0.82 -5.08
CAT Y01 T . -56.72 -1.57 -7.46
CAR Y01 T . -58.20 -1.37 -7.82
CBC Y01 T . -59.13 -2.41 -7.17
OAW Y01 T . -59.91 -1.79 -6.13
CAY Y01 T . -61.02 -2.54 -5.88
OAG Y01 T . -61.50 -3.34 -6.67
CAM Y01 T . -61.67 -2.30 -4.52
CAL Y01 T . -63.09 -2.86 -4.52
CAX Y01 T . -63.97 -2.04 -5.46
OAH Y01 T . -63.71 -0.83 -5.58
OAF Y01 T . -64.90 -2.65 -6.05
O12 PC1 U . -17.96 -0.99 -25.84
P PC1 U . -18.41 0.35 -25.37
O14 PC1 U . -18.65 1.25 -26.56
O13 PC1 U . -17.24 1.03 -24.41
C11 PC1 U . -16.17 1.68 -25.03
C12 PC1 U . -15.03 1.86 -24.02
N PC1 U . -14.06 2.82 -24.50
C13 PC1 U . -14.69 4.12 -24.63
C14 PC1 U . -12.96 2.91 -23.56
C15 PC1 U . -13.56 2.40 -25.80
O11 PC1 U . -19.80 0.21 -24.50
C1 PC1 U . -20.70 1.28 -24.50
C2 PC1 U . -22.07 0.81 -24.99
O21 PC1 U . -22.82 1.90 -25.44
C21 PC1 U . -22.73 2.14 -26.81
O22 PC1 U . -22.06 1.44 -27.50
C22 PC1 U . -23.52 3.29 -27.43
C23 PC1 U . -24.81 2.76 -28.05
C24 PC1 U . -25.74 2.26 -26.95
C25 PC1 U . -25.99 3.37 -25.94
C26 PC1 U . -26.94 4.41 -26.54
C27 PC1 U . -28.28 3.75 -26.86
C28 PC1 U . -28.95 3.30 -25.55
C29 PC1 U . -30.46 3.51 -25.66
C2A PC1 U . -31.04 2.55 -26.69
C2B PC1 U . -30.74 1.11 -26.26
C2C PC1 U . -31.17 0.15 -27.37
C3 PC1 U . -22.80 0.12 -23.84
O31 PC1 U . -23.61 -0.92 -24.34
C31 PC1 U . -23.70 -2.03 -23.49
O32 PC1 U . -22.86 -2.21 -22.67
C32 PC1 U . -24.86 -2.99 -23.63
C33 PC1 U . -25.97 -2.58 -22.66
C34 PC1 U . -27.31 -3.11 -23.17
C35 PC1 U . -27.83 -2.17 -24.27
C36 PC1 U . -29.17 -2.68 -24.79
C37 PC1 U . -30.15 -2.85 -23.63
C38 PC1 U . -31.41 -3.57 -24.13
C39 PC1 U . -32.12 -2.65 -25.13
C3A PC1 U . -33.45 -3.30 -25.55
C3B PC1 U . -34.24 -2.31 -26.41
C3C PC1 U . -34.47 -1.02 -25.63
C1 MYS V . -18.08 15.59 -22.53
C2 MYS V . -18.96 14.76 -23.46
C3 MYS V . -20.21 15.57 -23.83
C4 MYS V . -20.95 14.88 -24.98
C5 MYS V . -21.62 13.61 -24.46
C6 MYS V . -22.86 13.32 -25.31
C7 MYS V . -23.81 14.51 -25.26
C8 MYS V . -24.54 14.52 -23.93
C9 MYS V . -25.83 13.70 -24.04
C10 MYS V . -26.81 14.44 -24.92
C11 MYS V . -28.12 13.65 -25.02
C12 MYS V . -27.84 12.29 -25.65
C13 MYS V . -29.13 11.74 -26.25
C14 MYS V . -30.19 11.61 -25.17
C15 MYS V . -31.52 11.25 -25.82
C1 MYS W . -27.90 23.24 -12.95
C2 MYS W . -27.38 21.85 -13.29
C3 MYS W . -28.25 21.22 -14.37
C4 MYS W . -29.60 20.83 -13.77
C5 MYS W . -30.19 19.67 -14.56
C6 MYS W . -31.34 19.05 -13.77
C7 MYS W . -31.31 17.53 -13.92
C8 MYS W . -31.84 17.14 -15.30
C9 MYS W . -33.32 17.50 -15.39
C10 MYS W . -33.88 17.03 -16.73
C11 MYS W . -35.35 17.44 -16.85
C12 MYS W . -36.15 16.80 -15.72
C13 MYS W . -37.59 17.30 -15.75
C14 MYS W . -38.39 16.65 -14.64
C15 MYS W . -38.49 15.15 -14.89
C1 MYS X . -31.78 19.49 -3.94
C2 MYS X . -32.07 18.86 -5.31
C3 MYS X . -33.32 18.00 -5.22
C4 MYS X . -33.75 17.58 -6.62
C5 MYS X . -35.11 16.90 -6.55
C6 MYS X . -36.14 17.88 -5.99
C7 MYS X . -37.22 17.10 -5.22
C8 MYS X . -38.06 16.28 -6.21
C9 MYS X . -38.80 17.23 -7.15
C10 MYS X . -39.77 16.42 -8.00
C11 MYS X . -40.58 17.36 -8.89
C12 MYS X . -41.83 16.64 -9.39
C13 MYS X . -42.70 16.24 -8.20
C14 MYS X . -43.98 15.59 -8.70
C15 MYS X . -44.80 16.60 -9.50
C1 MYS Y . -31.47 19.06 1.31
C2 MYS Y . -32.77 18.30 1.58
C3 MYS Y . -32.54 16.80 1.39
C4 MYS Y . -33.69 16.01 2.00
C5 MYS Y . -34.50 15.35 0.88
C6 MYS Y . -35.58 16.31 0.38
C7 MYS Y . -36.50 15.59 -0.60
C8 MYS Y . -37.09 14.35 0.07
C9 MYS Y . -37.69 13.43 -0.99
C10 MYS Y . -39.06 13.94 -1.40
C11 MYS Y . -39.05 14.31 -2.89
C12 MYS Y . -40.49 14.44 -3.40
C13 MYS Y . -41.16 13.07 -3.37
C14 MYS Y . -42.57 13.19 -3.96
C15 MYS Y . -43.21 11.80 -4.00
C1 MYS Z . -34.48 6.95 7.56
C2 MYS Z . -34.41 7.60 6.18
C3 MYS Z . -35.77 7.45 5.49
C4 MYS Z . -35.82 8.39 4.28
C5 MYS Z . -37.26 8.48 3.77
C6 MYS Z . -37.64 7.16 3.11
C7 MYS Z . -39.00 7.30 2.42
C8 MYS Z . -38.96 8.48 1.45
C9 MYS Z . -40.27 8.54 0.66
C10 MYS Z . -41.45 8.65 1.63
C11 MYS Z . -42.76 8.54 0.85
C12 MYS Z . -43.94 8.63 1.81
C13 MYS Z . -45.24 8.39 1.05
C14 MYS Z . -46.42 8.45 2.01
C15 MYS Z . -46.54 9.87 2.59
#